data_1RG7
# 
_entry.id   1RG7 
# 
_audit_conform.dict_name       mmcif_pdbx.dic 
_audit_conform.dict_version    5.392 
_audit_conform.dict_location   http://mmcif.pdb.org/dictionaries/ascii/mmcif_pdbx.dic 
# 
loop_
_database_2.database_id 
_database_2.database_code 
_database_2.pdbx_database_accession 
_database_2.pdbx_DOI 
PDB   1RG7         pdb_00001rg7 10.2210/pdb1rg7/pdb 
WWPDB D_1000176069 ?            ?                   
# 
loop_
_pdbx_audit_revision_history.ordinal 
_pdbx_audit_revision_history.data_content_type 
_pdbx_audit_revision_history.major_revision 
_pdbx_audit_revision_history.minor_revision 
_pdbx_audit_revision_history.revision_date 
1 'Structure model' 1 0 1997-03-12 
2 'Structure model' 1 1 2008-03-24 
3 'Structure model' 1 2 2011-07-13 
4 'Structure model' 1 3 2023-08-09 
5 'Structure model' 1 4 2024-05-22 
# 
_pdbx_audit_revision_details.ordinal             1 
_pdbx_audit_revision_details.revision_ordinal    1 
_pdbx_audit_revision_details.data_content_type   'Structure model' 
_pdbx_audit_revision_details.provider            repository 
_pdbx_audit_revision_details.type                'Initial release' 
_pdbx_audit_revision_details.description         ? 
_pdbx_audit_revision_details.details             ? 
# 
loop_
_pdbx_audit_revision_group.ordinal 
_pdbx_audit_revision_group.revision_ordinal 
_pdbx_audit_revision_group.data_content_type 
_pdbx_audit_revision_group.group 
1 2 'Structure model' 'Version format compliance' 
2 3 'Structure model' 'Version format compliance' 
3 4 'Structure model' 'Database references'       
4 4 'Structure model' 'Derived calculations'      
5 4 'Structure model' 'Refinement description'    
6 5 'Structure model' 'Data collection'           
# 
loop_
_pdbx_audit_revision_category.ordinal 
_pdbx_audit_revision_category.revision_ordinal 
_pdbx_audit_revision_category.data_content_type 
_pdbx_audit_revision_category.category 
1 4 'Structure model' database_2                    
2 4 'Structure model' pdbx_initial_refinement_model 
3 4 'Structure model' struct_ref_seq_dif            
4 4 'Structure model' struct_site                   
5 5 'Structure model' chem_comp_atom                
6 5 'Structure model' chem_comp_bond                
# 
loop_
_pdbx_audit_revision_item.ordinal 
_pdbx_audit_revision_item.revision_ordinal 
_pdbx_audit_revision_item.data_content_type 
_pdbx_audit_revision_item.item 
1 4 'Structure model' '_database_2.pdbx_DOI'                
2 4 'Structure model' '_database_2.pdbx_database_accession' 
3 4 'Structure model' '_struct_ref_seq_dif.details'         
4 4 'Structure model' '_struct_site.pdbx_auth_asym_id'      
5 4 'Structure model' '_struct_site.pdbx_auth_comp_id'      
6 4 'Structure model' '_struct_site.pdbx_auth_seq_id'       
# 
_pdbx_database_status.status_code                     REL 
_pdbx_database_status.entry_id                        1RG7 
_pdbx_database_status.recvd_initial_deposition_date   1996-11-27 
_pdbx_database_status.deposit_site                    ? 
_pdbx_database_status.process_site                    BNL 
_pdbx_database_status.status_code_sf                  REL 
_pdbx_database_status.status_code_mr                  ? 
_pdbx_database_status.SG_entry                        ? 
_pdbx_database_status.pdb_format_compatible           Y 
_pdbx_database_status.status_code_cs                  ? 
_pdbx_database_status.status_code_nmr_data            ? 
_pdbx_database_status.methods_development_category    ? 
# 
loop_
_audit_author.name 
_audit_author.pdbx_ordinal 
'Sawaya, M.R.' 1 
'Kraut, J.'    2 
# 
loop_
_citation.id 
_citation.title 
_citation.journal_abbrev 
_citation.journal_volume 
_citation.page_first 
_citation.page_last 
_citation.year 
_citation.journal_id_ASTM 
_citation.country 
_citation.journal_id_ISSN 
_citation.journal_id_CSD 
_citation.book_publisher 
_citation.pdbx_database_id_PubMed 
_citation.pdbx_database_id_DOI 
primary 'Loop and subdomain movements in the mechanism of Escherichia coli dihydrofolate reductase: crystallographic evidence.' 
Biochemistry 36 586  603 1997 BICHAW US 0006-2960 0033 ? 9012674 10.1021/bi962337c 
1       
;Isomorphous Crystal Structures of Escherichia Coli Dihydrofolate Reductase Complexed with Folate, 5-Deazafolate, and 5,10-Dideazatetrahydrofolate: Mechanistic Implications
;
Biochemistry 34 2710 ?   1995 BICHAW US 0006-2960 0033 ? ?       ?                 
2       
;Crystal Structure of Unliganded Escherichia Coli Dihydrofolate Reductase. Ligand-Induced Conformational Changes and Cooperativity in Binding
;
Biochemistry 30 2227 ?   1991 BICHAW US 0006-2960 0033 ? ?       ?                 
3       
;Crystal Structures of Escherichia Coli Dihydrofolate Reductase: The Nadp+ Holoenzyme and the Folate.Nadp+ Ternary Complex. Substrate Binding and a Model for the Transition State
;
Biochemistry 29 3263 ?   1990 BICHAW US 0006-2960 0033 ? ?       ?                 
# 
loop_
_citation_author.citation_id 
_citation_author.name 
_citation_author.ordinal 
_citation_author.identifier_ORCID 
primary 'Sawaya, M.R.' 1  ? 
primary 'Kraut, J.'    2  ? 
1       'Reyes, V.M.'  3  ? 
1       'Sawaya, M.R.' 4  ? 
1       'Brown, K.A.'  5  ? 
1       'Kraut, J.'    6  ? 
2       'Bystroff, C.' 7  ? 
2       'Kraut, J.'    8  ? 
3       'Bystroff, C.' 9  ? 
3       'Oatley, S.J.' 10 ? 
3       'Kraut, J.'    11 ? 
# 
loop_
_entity.id 
_entity.type 
_entity.src_method 
_entity.pdbx_description 
_entity.formula_weight 
_entity.pdbx_number_of_molecules 
_entity.pdbx_ec 
_entity.pdbx_mutation 
_entity.pdbx_fragment 
_entity.details 
1 polymer     man 'DIHYDROFOLATE REDUCTASE' 18020.326 1  1.5.1.3 ? ? ? 
2 non-polymer syn METHOTREXATE              454.439   1  ?       ? ? ? 
3 water       nat water                     18.015    84 ?       ? ? ? 
# 
_entity_name_com.entity_id   1 
_entity_name_com.name        DHFR 
# 
_entity_poly.entity_id                      1 
_entity_poly.type                           'polypeptide(L)' 
_entity_poly.nstd_linkage                   no 
_entity_poly.nstd_monomer                   no 
_entity_poly.pdbx_seq_one_letter_code       
;MISLIAALAVDRVIGMENAMPWNLPADLAWFKRNTLDKPVIMGRHTWESIGRPLPGRKNIILSSQPGTDDRVTWVKSVDE
AIAACGDVPEIMVIGGGRVYEQFLPKAQKLYLTHIDAEVEGDTHFPDYEPDDWESVFSEFHDADAQNSHSYCFEILERR
;
_entity_poly.pdbx_seq_one_letter_code_can   
;MISLIAALAVDRVIGMENAMPWNLPADLAWFKRNTLDKPVIMGRHTWESIGRPLPGRKNIILSSQPGTDDRVTWVKSVDE
AIAACGDVPEIMVIGGGRVYEQFLPKAQKLYLTHIDAEVEGDTHFPDYEPDDWESVFSEFHDADAQNSHSYCFEILERR
;
_entity_poly.pdbx_strand_id                 A 
_entity_poly.pdbx_target_identifier         ? 
# 
loop_
_pdbx_entity_nonpoly.entity_id 
_pdbx_entity_nonpoly.name 
_pdbx_entity_nonpoly.comp_id 
2 METHOTREXATE MTX 
3 water        HOH 
# 
loop_
_entity_poly_seq.entity_id 
_entity_poly_seq.num 
_entity_poly_seq.mon_id 
_entity_poly_seq.hetero 
1 1   MET n 
1 2   ILE n 
1 3   SER n 
1 4   LEU n 
1 5   ILE n 
1 6   ALA n 
1 7   ALA n 
1 8   LEU n 
1 9   ALA n 
1 10  VAL n 
1 11  ASP n 
1 12  ARG n 
1 13  VAL n 
1 14  ILE n 
1 15  GLY n 
1 16  MET n 
1 17  GLU n 
1 18  ASN n 
1 19  ALA n 
1 20  MET n 
1 21  PRO n 
1 22  TRP n 
1 23  ASN n 
1 24  LEU n 
1 25  PRO n 
1 26  ALA n 
1 27  ASP n 
1 28  LEU n 
1 29  ALA n 
1 30  TRP n 
1 31  PHE n 
1 32  LYS n 
1 33  ARG n 
1 34  ASN n 
1 35  THR n 
1 36  LEU n 
1 37  ASP n 
1 38  LYS n 
1 39  PRO n 
1 40  VAL n 
1 41  ILE n 
1 42  MET n 
1 43  GLY n 
1 44  ARG n 
1 45  HIS n 
1 46  THR n 
1 47  TRP n 
1 48  GLU n 
1 49  SER n 
1 50  ILE n 
1 51  GLY n 
1 52  ARG n 
1 53  PRO n 
1 54  LEU n 
1 55  PRO n 
1 56  GLY n 
1 57  ARG n 
1 58  LYS n 
1 59  ASN n 
1 60  ILE n 
1 61  ILE n 
1 62  LEU n 
1 63  SER n 
1 64  SER n 
1 65  GLN n 
1 66  PRO n 
1 67  GLY n 
1 68  THR n 
1 69  ASP n 
1 70  ASP n 
1 71  ARG n 
1 72  VAL n 
1 73  THR n 
1 74  TRP n 
1 75  VAL n 
1 76  LYS n 
1 77  SER n 
1 78  VAL n 
1 79  ASP n 
1 80  GLU n 
1 81  ALA n 
1 82  ILE n 
1 83  ALA n 
1 84  ALA n 
1 85  CYS n 
1 86  GLY n 
1 87  ASP n 
1 88  VAL n 
1 89  PRO n 
1 90  GLU n 
1 91  ILE n 
1 92  MET n 
1 93  VAL n 
1 94  ILE n 
1 95  GLY n 
1 96  GLY n 
1 97  GLY n 
1 98  ARG n 
1 99  VAL n 
1 100 TYR n 
1 101 GLU n 
1 102 GLN n 
1 103 PHE n 
1 104 LEU n 
1 105 PRO n 
1 106 LYS n 
1 107 ALA n 
1 108 GLN n 
1 109 LYS n 
1 110 LEU n 
1 111 TYR n 
1 112 LEU n 
1 113 THR n 
1 114 HIS n 
1 115 ILE n 
1 116 ASP n 
1 117 ALA n 
1 118 GLU n 
1 119 VAL n 
1 120 GLU n 
1 121 GLY n 
1 122 ASP n 
1 123 THR n 
1 124 HIS n 
1 125 PHE n 
1 126 PRO n 
1 127 ASP n 
1 128 TYR n 
1 129 GLU n 
1 130 PRO n 
1 131 ASP n 
1 132 ASP n 
1 133 TRP n 
1 134 GLU n 
1 135 SER n 
1 136 VAL n 
1 137 PHE n 
1 138 SER n 
1 139 GLU n 
1 140 PHE n 
1 141 HIS n 
1 142 ASP n 
1 143 ALA n 
1 144 ASP n 
1 145 ALA n 
1 146 GLN n 
1 147 ASN n 
1 148 SER n 
1 149 HIS n 
1 150 SER n 
1 151 TYR n 
1 152 CYS n 
1 153 PHE n 
1 154 GLU n 
1 155 ILE n 
1 156 LEU n 
1 157 GLU n 
1 158 ARG n 
1 159 ARG n 
# 
_entity_src_gen.entity_id                          1 
_entity_src_gen.pdbx_src_id                        1 
_entity_src_gen.pdbx_alt_source_flag               sample 
_entity_src_gen.pdbx_seq_type                      ? 
_entity_src_gen.pdbx_beg_seq_num                   ? 
_entity_src_gen.pdbx_end_seq_num                   ? 
_entity_src_gen.gene_src_common_name               ? 
_entity_src_gen.gene_src_genus                     Escherichia 
_entity_src_gen.pdbx_gene_src_gene                 ? 
_entity_src_gen.gene_src_species                   ? 
_entity_src_gen.gene_src_strain                    RT500 
_entity_src_gen.gene_src_tissue                    ? 
_entity_src_gen.gene_src_tissue_fraction           ? 
_entity_src_gen.gene_src_details                   ? 
_entity_src_gen.pdbx_gene_src_fragment             ? 
_entity_src_gen.pdbx_gene_src_scientific_name      'Escherichia coli' 
_entity_src_gen.pdbx_gene_src_ncbi_taxonomy_id     562 
_entity_src_gen.pdbx_gene_src_variant              ? 
_entity_src_gen.pdbx_gene_src_cell_line            ? 
_entity_src_gen.pdbx_gene_src_atcc                 ? 
_entity_src_gen.pdbx_gene_src_organ                ? 
_entity_src_gen.pdbx_gene_src_organelle            ? 
_entity_src_gen.pdbx_gene_src_cell                 ? 
_entity_src_gen.pdbx_gene_src_cellular_location    ? 
_entity_src_gen.host_org_common_name               ? 
_entity_src_gen.pdbx_host_org_scientific_name      'Escherichia coli' 
_entity_src_gen.pdbx_host_org_ncbi_taxonomy_id     562 
_entity_src_gen.host_org_genus                     Escherichia 
_entity_src_gen.pdbx_host_org_gene                 ? 
_entity_src_gen.pdbx_host_org_organ                ? 
_entity_src_gen.host_org_species                   ? 
_entity_src_gen.pdbx_host_org_tissue               ? 
_entity_src_gen.pdbx_host_org_tissue_fraction      ? 
_entity_src_gen.pdbx_host_org_strain               ? 
_entity_src_gen.pdbx_host_org_variant              ? 
_entity_src_gen.pdbx_host_org_cell_line            ? 
_entity_src_gen.pdbx_host_org_atcc                 ? 
_entity_src_gen.pdbx_host_org_culture_collection   ? 
_entity_src_gen.pdbx_host_org_cell                 ? 
_entity_src_gen.pdbx_host_org_organelle            ? 
_entity_src_gen.pdbx_host_org_cellular_location    ? 
_entity_src_gen.pdbx_host_org_vector_type          ? 
_entity_src_gen.pdbx_host_org_vector               ? 
_entity_src_gen.host_org_details                   ? 
_entity_src_gen.expression_system_id               ? 
_entity_src_gen.plasmid_name                       PRWA-1 
_entity_src_gen.plasmid_details                    ? 
_entity_src_gen.pdbx_description                   ? 
# 
loop_
_chem_comp.id 
_chem_comp.type 
_chem_comp.mon_nstd_flag 
_chem_comp.name 
_chem_comp.pdbx_synonyms 
_chem_comp.formula 
_chem_comp.formula_weight 
ALA 'L-peptide linking' y ALANINE         ? 'C3 H7 N O2'     89.093  
ARG 'L-peptide linking' y ARGININE        ? 'C6 H15 N4 O2 1' 175.209 
ASN 'L-peptide linking' y ASPARAGINE      ? 'C4 H8 N2 O3'    132.118 
ASP 'L-peptide linking' y 'ASPARTIC ACID' ? 'C4 H7 N O4'     133.103 
CYS 'L-peptide linking' y CYSTEINE        ? 'C3 H7 N O2 S'   121.158 
GLN 'L-peptide linking' y GLUTAMINE       ? 'C5 H10 N2 O3'   146.144 
GLU 'L-peptide linking' y 'GLUTAMIC ACID' ? 'C5 H9 N O4'     147.129 
GLY 'peptide linking'   y GLYCINE         ? 'C2 H5 N O2'     75.067  
HIS 'L-peptide linking' y HISTIDINE       ? 'C6 H10 N3 O2 1' 156.162 
HOH non-polymer         . WATER           ? 'H2 O'           18.015  
ILE 'L-peptide linking' y ISOLEUCINE      ? 'C6 H13 N O2'    131.173 
LEU 'L-peptide linking' y LEUCINE         ? 'C6 H13 N O2'    131.173 
LYS 'L-peptide linking' y LYSINE          ? 'C6 H15 N2 O2 1' 147.195 
MET 'L-peptide linking' y METHIONINE      ? 'C5 H11 N O2 S'  149.211 
MTX non-polymer         . METHOTREXATE    ? 'C20 H22 N8 O5'  454.439 
PHE 'L-peptide linking' y PHENYLALANINE   ? 'C9 H11 N O2'    165.189 
PRO 'L-peptide linking' y PROLINE         ? 'C5 H9 N O2'     115.130 
SER 'L-peptide linking' y SERINE          ? 'C3 H7 N O3'     105.093 
THR 'L-peptide linking' y THREONINE       ? 'C4 H9 N O3'     119.119 
TRP 'L-peptide linking' y TRYPTOPHAN      ? 'C11 H12 N2 O2'  204.225 
TYR 'L-peptide linking' y TYROSINE        ? 'C9 H11 N O3'    181.189 
VAL 'L-peptide linking' y VALINE          ? 'C5 H11 N O2'    117.146 
# 
loop_
_pdbx_poly_seq_scheme.asym_id 
_pdbx_poly_seq_scheme.entity_id 
_pdbx_poly_seq_scheme.seq_id 
_pdbx_poly_seq_scheme.mon_id 
_pdbx_poly_seq_scheme.ndb_seq_num 
_pdbx_poly_seq_scheme.pdb_seq_num 
_pdbx_poly_seq_scheme.auth_seq_num 
_pdbx_poly_seq_scheme.pdb_mon_id 
_pdbx_poly_seq_scheme.auth_mon_id 
_pdbx_poly_seq_scheme.pdb_strand_id 
_pdbx_poly_seq_scheme.pdb_ins_code 
_pdbx_poly_seq_scheme.hetero 
A 1 1   MET 1   1   1   MET MET A . n 
A 1 2   ILE 2   2   2   ILE ILE A . n 
A 1 3   SER 3   3   3   SER SER A . n 
A 1 4   LEU 4   4   4   LEU LEU A . n 
A 1 5   ILE 5   5   5   ILE ILE A . n 
A 1 6   ALA 6   6   6   ALA ALA A . n 
A 1 7   ALA 7   7   7   ALA ALA A . n 
A 1 8   LEU 8   8   8   LEU LEU A . n 
A 1 9   ALA 9   9   9   ALA ALA A . n 
A 1 10  VAL 10  10  10  VAL VAL A . n 
A 1 11  ASP 11  11  11  ASP ASP A . n 
A 1 12  ARG 12  12  12  ARG ARG A . n 
A 1 13  VAL 13  13  13  VAL VAL A . n 
A 1 14  ILE 14  14  14  ILE ILE A . n 
A 1 15  GLY 15  15  15  GLY GLY A . n 
A 1 16  MET 16  16  16  MET MET A . n 
A 1 17  GLU 17  17  17  GLU GLU A . n 
A 1 18  ASN 18  18  18  ASN ASN A . n 
A 1 19  ALA 19  19  19  ALA ALA A . n 
A 1 20  MET 20  20  20  MET MET A . n 
A 1 21  PRO 21  21  21  PRO PRO A . n 
A 1 22  TRP 22  22  22  TRP TRP A . n 
A 1 23  ASN 23  23  23  ASN ASN A . n 
A 1 24  LEU 24  24  24  LEU LEU A . n 
A 1 25  PRO 25  25  25  PRO PRO A . n 
A 1 26  ALA 26  26  26  ALA ALA A . n 
A 1 27  ASP 27  27  27  ASP ASP A . n 
A 1 28  LEU 28  28  28  LEU LEU A . n 
A 1 29  ALA 29  29  29  ALA ALA A . n 
A 1 30  TRP 30  30  30  TRP TRP A . n 
A 1 31  PHE 31  31  31  PHE PHE A . n 
A 1 32  LYS 32  32  32  LYS LYS A . n 
A 1 33  ARG 33  33  33  ARG ARG A . n 
A 1 34  ASN 34  34  34  ASN ASN A . n 
A 1 35  THR 35  35  35  THR THR A . n 
A 1 36  LEU 36  36  36  LEU LEU A . n 
A 1 37  ASP 37  37  37  ASP ASP A . n 
A 1 38  LYS 38  38  38  LYS LYS A . n 
A 1 39  PRO 39  39  39  PRO PRO A . n 
A 1 40  VAL 40  40  40  VAL VAL A . n 
A 1 41  ILE 41  41  41  ILE ILE A . n 
A 1 42  MET 42  42  42  MET MET A . n 
A 1 43  GLY 43  43  43  GLY GLY A . n 
A 1 44  ARG 44  44  44  ARG ARG A . n 
A 1 45  HIS 45  45  45  HIS HIS A . n 
A 1 46  THR 46  46  46  THR THR A . n 
A 1 47  TRP 47  47  47  TRP TRP A . n 
A 1 48  GLU 48  48  48  GLU GLU A . n 
A 1 49  SER 49  49  49  SER SER A . n 
A 1 50  ILE 50  50  50  ILE ILE A . n 
A 1 51  GLY 51  51  51  GLY GLY A . n 
A 1 52  ARG 52  52  52  ARG ARG A . n 
A 1 53  PRO 53  53  53  PRO PRO A . n 
A 1 54  LEU 54  54  54  LEU LEU A . n 
A 1 55  PRO 55  55  55  PRO PRO A . n 
A 1 56  GLY 56  56  56  GLY GLY A . n 
A 1 57  ARG 57  57  57  ARG ARG A . n 
A 1 58  LYS 58  58  58  LYS LYS A . n 
A 1 59  ASN 59  59  59  ASN ASN A . n 
A 1 60  ILE 60  60  60  ILE ILE A . n 
A 1 61  ILE 61  61  61  ILE ILE A . n 
A 1 62  LEU 62  62  62  LEU LEU A . n 
A 1 63  SER 63  63  63  SER SER A . n 
A 1 64  SER 64  64  64  SER SER A . n 
A 1 65  GLN 65  65  65  GLN GLN A . n 
A 1 66  PRO 66  66  66  PRO PRO A . n 
A 1 67  GLY 67  67  67  GLY GLY A . n 
A 1 68  THR 68  68  68  THR THR A . n 
A 1 69  ASP 69  69  69  ASP ASP A . n 
A 1 70  ASP 70  70  70  ASP ASP A . n 
A 1 71  ARG 71  71  71  ARG ARG A . n 
A 1 72  VAL 72  72  72  VAL VAL A . n 
A 1 73  THR 73  73  73  THR THR A . n 
A 1 74  TRP 74  74  74  TRP TRP A . n 
A 1 75  VAL 75  75  75  VAL VAL A . n 
A 1 76  LYS 76  76  76  LYS LYS A . n 
A 1 77  SER 77  77  77  SER SER A . n 
A 1 78  VAL 78  78  78  VAL VAL A . n 
A 1 79  ASP 79  79  79  ASP ASP A . n 
A 1 80  GLU 80  80  80  GLU GLU A . n 
A 1 81  ALA 81  81  81  ALA ALA A . n 
A 1 82  ILE 82  82  82  ILE ILE A . n 
A 1 83  ALA 83  83  83  ALA ALA A . n 
A 1 84  ALA 84  84  84  ALA ALA A . n 
A 1 85  CYS 85  85  85  CYS CYS A . n 
A 1 86  GLY 86  86  86  GLY GLY A . n 
A 1 87  ASP 87  87  87  ASP ASP A . n 
A 1 88  VAL 88  88  88  VAL VAL A . n 
A 1 89  PRO 89  89  89  PRO PRO A . n 
A 1 90  GLU 90  90  90  GLU GLU A . n 
A 1 91  ILE 91  91  91  ILE ILE A . n 
A 1 92  MET 92  92  92  MET MET A . n 
A 1 93  VAL 93  93  93  VAL VAL A . n 
A 1 94  ILE 94  94  94  ILE ILE A . n 
A 1 95  GLY 95  95  95  GLY GLY A . n 
A 1 96  GLY 96  96  96  GLY GLY A . n 
A 1 97  GLY 97  97  97  GLY GLY A . n 
A 1 98  ARG 98  98  98  ARG ARG A . n 
A 1 99  VAL 99  99  99  VAL VAL A . n 
A 1 100 TYR 100 100 100 TYR TYR A . n 
A 1 101 GLU 101 101 101 GLU GLU A . n 
A 1 102 GLN 102 102 102 GLN GLN A . n 
A 1 103 PHE 103 103 103 PHE PHE A . n 
A 1 104 LEU 104 104 104 LEU LEU A . n 
A 1 105 PRO 105 105 105 PRO PRO A . n 
A 1 106 LYS 106 106 106 LYS LYS A . n 
A 1 107 ALA 107 107 107 ALA ALA A . n 
A 1 108 GLN 108 108 108 GLN GLN A . n 
A 1 109 LYS 109 109 109 LYS LYS A . n 
A 1 110 LEU 110 110 110 LEU LEU A . n 
A 1 111 TYR 111 111 111 TYR TYR A . n 
A 1 112 LEU 112 112 112 LEU LEU A . n 
A 1 113 THR 113 113 113 THR THR A . n 
A 1 114 HIS 114 114 114 HIS HIS A . n 
A 1 115 ILE 115 115 115 ILE ILE A . n 
A 1 116 ASP 116 116 116 ASP ASP A . n 
A 1 117 ALA 117 117 117 ALA ALA A . n 
A 1 118 GLU 118 118 118 GLU GLU A . n 
A 1 119 VAL 119 119 119 VAL VAL A . n 
A 1 120 GLU 120 120 120 GLU GLU A . n 
A 1 121 GLY 121 121 121 GLY GLY A . n 
A 1 122 ASP 122 122 122 ASP ASP A . n 
A 1 123 THR 123 123 123 THR THR A . n 
A 1 124 HIS 124 124 124 HIS HIS A . n 
A 1 125 PHE 125 125 125 PHE PHE A . n 
A 1 126 PRO 126 126 126 PRO PRO A . n 
A 1 127 ASP 127 127 127 ASP ASP A . n 
A 1 128 TYR 128 128 128 TYR TYR A . n 
A 1 129 GLU 129 129 129 GLU GLU A . n 
A 1 130 PRO 130 130 130 PRO PRO A . n 
A 1 131 ASP 131 131 131 ASP ASP A . n 
A 1 132 ASP 132 132 132 ASP ASP A . n 
A 1 133 TRP 133 133 133 TRP TRP A . n 
A 1 134 GLU 134 134 134 GLU GLU A . n 
A 1 135 SER 135 135 135 SER SER A . n 
A 1 136 VAL 136 136 136 VAL VAL A . n 
A 1 137 PHE 137 137 137 PHE PHE A . n 
A 1 138 SER 138 138 138 SER SER A . n 
A 1 139 GLU 139 139 139 GLU GLU A . n 
A 1 140 PHE 140 140 140 PHE PHE A . n 
A 1 141 HIS 141 141 141 HIS HIS A . n 
A 1 142 ASP 142 142 142 ASP ASP A . n 
A 1 143 ALA 143 143 143 ALA ALA A . n 
A 1 144 ASP 144 144 144 ASP ASP A . n 
A 1 145 ALA 145 145 145 ALA ALA A . n 
A 1 146 GLN 146 146 146 GLN GLN A . n 
A 1 147 ASN 147 147 147 ASN ASN A . n 
A 1 148 SER 148 148 148 SER SER A . n 
A 1 149 HIS 149 149 149 HIS HIS A . n 
A 1 150 SER 150 150 150 SER SER A . n 
A 1 151 TYR 151 151 151 TYR TYR A . n 
A 1 152 CYS 152 152 152 CYS CYS A . n 
A 1 153 PHE 153 153 153 PHE PHE A . n 
A 1 154 GLU 154 154 154 GLU GLU A . n 
A 1 155 ILE 155 155 155 ILE ILE A . n 
A 1 156 LEU 156 156 156 LEU LEU A . n 
A 1 157 GLU 157 157 157 GLU GLU A . n 
A 1 158 ARG 158 158 158 ARG ARG A . n 
A 1 159 ARG 159 159 159 ARG ARG A . n 
# 
loop_
_pdbx_nonpoly_scheme.asym_id 
_pdbx_nonpoly_scheme.entity_id 
_pdbx_nonpoly_scheme.mon_id 
_pdbx_nonpoly_scheme.ndb_seq_num 
_pdbx_nonpoly_scheme.pdb_seq_num 
_pdbx_nonpoly_scheme.auth_seq_num 
_pdbx_nonpoly_scheme.pdb_mon_id 
_pdbx_nonpoly_scheme.auth_mon_id 
_pdbx_nonpoly_scheme.pdb_strand_id 
_pdbx_nonpoly_scheme.pdb_ins_code 
B 2 MTX 1  161 161 MTX MTX A . 
C 3 HOH 1  200 200 HOH HOH A . 
C 3 HOH 2  201 201 HOH HOH A . 
C 3 HOH 3  202 202 HOH HOH A . 
C 3 HOH 4  203 203 HOH HOH A . 
C 3 HOH 5  204 204 HOH HOH A . 
C 3 HOH 6  206 206 HOH HOH A . 
C 3 HOH 7  207 207 HOH HOH A . 
C 3 HOH 8  208 208 HOH HOH A . 
C 3 HOH 9  209 209 HOH HOH A . 
C 3 HOH 10 210 210 HOH HOH A . 
C 3 HOH 11 211 211 HOH HOH A . 
C 3 HOH 12 212 212 HOH HOH A . 
C 3 HOH 13 213 213 HOH HOH A . 
C 3 HOH 14 217 217 HOH HOH A . 
C 3 HOH 15 218 218 HOH HOH A . 
C 3 HOH 16 220 220 HOH HOH A . 
C 3 HOH 17 221 221 HOH HOH A . 
C 3 HOH 18 222 222 HOH HOH A . 
C 3 HOH 19 228 228 HOH HOH A . 
C 3 HOH 20 230 230 HOH HOH A . 
C 3 HOH 21 232 232 HOH HOH A . 
C 3 HOH 22 234 234 HOH HOH A . 
C 3 HOH 23 235 235 HOH HOH A . 
C 3 HOH 24 236 236 HOH HOH A . 
C 3 HOH 25 237 237 HOH HOH A . 
C 3 HOH 26 239 239 HOH HOH A . 
C 3 HOH 27 241 241 HOH HOH A . 
C 3 HOH 28 242 242 HOH HOH A . 
C 3 HOH 29 244 244 HOH HOH A . 
C 3 HOH 30 245 245 HOH HOH A . 
C 3 HOH 31 246 246 HOH HOH A . 
C 3 HOH 32 247 247 HOH HOH A . 
C 3 HOH 33 248 248 HOH HOH A . 
C 3 HOH 34 249 249 HOH HOH A . 
C 3 HOH 35 250 250 HOH HOH A . 
C 3 HOH 36 251 251 HOH HOH A . 
C 3 HOH 37 252 252 HOH HOH A . 
C 3 HOH 38 253 253 HOH HOH A . 
C 3 HOH 39 254 254 HOH HOH A . 
C 3 HOH 40 255 255 HOH HOH A . 
C 3 HOH 41 256 256 HOH HOH A . 
C 3 HOH 42 257 257 HOH HOH A . 
C 3 HOH 43 258 258 HOH HOH A . 
C 3 HOH 44 259 259 HOH HOH A . 
C 3 HOH 45 260 260 HOH HOH A . 
C 3 HOH 46 261 261 HOH HOH A . 
C 3 HOH 47 262 262 HOH HOH A . 
C 3 HOH 48 264 264 HOH HOH A . 
C 3 HOH 49 265 265 HOH HOH A . 
C 3 HOH 50 266 266 HOH HOH A . 
C 3 HOH 51 267 267 HOH HOH A . 
C 3 HOH 52 268 268 HOH HOH A . 
C 3 HOH 53 270 270 HOH HOH A . 
C 3 HOH 54 271 271 HOH HOH A . 
C 3 HOH 55 272 272 HOH HOH A . 
C 3 HOH 56 273 273 HOH HOH A . 
C 3 HOH 57 274 274 HOH HOH A . 
C 3 HOH 58 275 275 HOH HOH A . 
C 3 HOH 59 276 276 HOH HOH A . 
C 3 HOH 60 277 277 HOH HOH A . 
C 3 HOH 61 278 278 HOH HOH A . 
C 3 HOH 62 279 279 HOH HOH A . 
C 3 HOH 63 280 280 HOH HOH A . 
C 3 HOH 64 282 282 HOH HOH A . 
C 3 HOH 65 285 285 HOH HOH A . 
C 3 HOH 66 286 286 HOH HOH A . 
C 3 HOH 67 287 287 HOH HOH A . 
C 3 HOH 68 288 288 HOH HOH A . 
C 3 HOH 69 289 289 HOH HOH A . 
C 3 HOH 70 290 290 HOH HOH A . 
C 3 HOH 71 291 291 HOH HOH A . 
C 3 HOH 72 292 292 HOH HOH A . 
C 3 HOH 73 293 293 HOH HOH A . 
C 3 HOH 74 294 294 HOH HOH A . 
C 3 HOH 75 295 295 HOH HOH A . 
C 3 HOH 76 296 296 HOH HOH A . 
C 3 HOH 77 297 297 HOH HOH A . 
C 3 HOH 78 298 298 HOH HOH A . 
C 3 HOH 79 299 299 HOH HOH A . 
C 3 HOH 80 300 300 HOH HOH A . 
C 3 HOH 81 301 301 HOH HOH A . 
C 3 HOH 82 303 303 HOH HOH A . 
C 3 HOH 83 304 304 HOH HOH A . 
C 3 HOH 84 305 305 HOH HOH A . 
# 
loop_
_pdbx_unobs_or_zero_occ_atoms.id 
_pdbx_unobs_or_zero_occ_atoms.PDB_model_num 
_pdbx_unobs_or_zero_occ_atoms.polymer_flag 
_pdbx_unobs_or_zero_occ_atoms.occupancy_flag 
_pdbx_unobs_or_zero_occ_atoms.auth_asym_id 
_pdbx_unobs_or_zero_occ_atoms.auth_comp_id 
_pdbx_unobs_or_zero_occ_atoms.auth_seq_id 
_pdbx_unobs_or_zero_occ_atoms.PDB_ins_code 
_pdbx_unobs_or_zero_occ_atoms.auth_atom_id 
_pdbx_unobs_or_zero_occ_atoms.label_alt_id 
_pdbx_unobs_or_zero_occ_atoms.label_asym_id 
_pdbx_unobs_or_zero_occ_atoms.label_comp_id 
_pdbx_unobs_or_zero_occ_atoms.label_seq_id 
_pdbx_unobs_or_zero_occ_atoms.label_atom_id 
1  1 Y 1 A MET 16 ? CG  ? A MET 16 CG  
2  1 Y 1 A MET 16 ? SD  ? A MET 16 SD  
3  1 Y 1 A MET 16 ? CE  ? A MET 16 CE  
4  1 Y 1 A GLU 17 ? CG  ? A GLU 17 CG  
5  1 Y 1 A GLU 17 ? CD  ? A GLU 17 CD  
6  1 Y 1 A GLU 17 ? OE1 ? A GLU 17 OE1 
7  1 Y 1 A GLU 17 ? OE2 ? A GLU 17 OE2 
8  1 Y 1 A ASN 18 ? CG  ? A ASN 18 CG  
9  1 Y 1 A ASN 18 ? OD1 ? A ASN 18 OD1 
10 1 Y 1 A ASN 18 ? ND2 ? A ASN 18 ND2 
11 1 Y 1 A MET 20 ? CG  ? A MET 20 CG  
12 1 Y 1 A MET 20 ? SD  ? A MET 20 SD  
13 1 Y 1 A MET 20 ? CE  ? A MET 20 CE  
14 1 Y 1 A TRP 22 ? CD1 ? A TRP 22 CD1 
15 1 Y 1 A TRP 22 ? CD2 ? A TRP 22 CD2 
16 1 Y 1 A TRP 22 ? NE1 ? A TRP 22 NE1 
17 1 Y 1 A TRP 22 ? CE2 ? A TRP 22 CE2 
18 1 Y 1 A TRP 22 ? CE3 ? A TRP 22 CE3 
19 1 Y 1 A TRP 22 ? CZ2 ? A TRP 22 CZ2 
20 1 Y 1 A TRP 22 ? CZ3 ? A TRP 22 CZ3 
21 1 Y 1 A TRP 22 ? CH2 ? A TRP 22 CH2 
# 
loop_
_software.name 
_software.classification 
_software.version 
_software.citation_id 
_software.pdbx_ordinal 
MERLOT phasing          .  ? 1 
TNT    refinement       5D ? 2 
UCSD   'data reduction' .  ? 3 
UCSD   'data scaling'   .  ? 4 
# 
_cell.entry_id           1RG7 
_cell.length_a           37.036 
_cell.length_b           62.561 
_cell.length_c           65.630 
_cell.angle_alpha        90.00 
_cell.angle_beta         90.00 
_cell.angle_gamma        90.00 
_cell.Z_PDB              4 
_cell.pdbx_unique_axis   ? 
# 
_symmetry.entry_id                         1RG7 
_symmetry.space_group_name_H-M             'P 21 21 21' 
_symmetry.pdbx_full_space_group_name_H-M   ? 
_symmetry.cell_setting                     ? 
_symmetry.Int_Tables_number                19 
# 
_exptl.entry_id          1RG7 
_exptl.method            'X-RAY DIFFRACTION' 
_exptl.crystals_number   1 
# 
_exptl_crystal.id                    1 
_exptl_crystal.density_meas          ? 
_exptl_crystal.density_Matthews      2.11 
_exptl_crystal.density_percent_sol   41.7 
_exptl_crystal.description           ? 
# 
_exptl_crystal_grow.crystal_id      1 
_exptl_crystal_grow.method          ? 
_exptl_crystal_grow.temp            ? 
_exptl_crystal_grow.temp_details    ? 
_exptl_crystal_grow.pH              7.2 
_exptl_crystal_grow.pdbx_pH_range   ? 
_exptl_crystal_grow.pdbx_details    'pH 7.2' 
# 
_diffrn.id                     1 
_diffrn.ambient_temp           298 
_diffrn.ambient_temp_details   ? 
_diffrn.crystal_id             1 
# 
_diffrn_detector.diffrn_id              1 
_diffrn_detector.detector               'AREA DETECTOR' 
_diffrn_detector.type                   'XUONG-HAMLIN MULTIWIRE' 
_diffrn_detector.pdbx_collection_date   1992-09-23 
_diffrn_detector.details                ? 
# 
_diffrn_radiation.diffrn_id                        1 
_diffrn_radiation.wavelength_id                    1 
_diffrn_radiation.pdbx_monochromatic_or_laue_m_l   M 
_diffrn_radiation.monochromator                    'GRAPHITE(002)' 
_diffrn_radiation.pdbx_diffrn_protocol             ? 
_diffrn_radiation.pdbx_scattering_type             x-ray 
# 
_diffrn_radiation_wavelength.id           1 
_diffrn_radiation_wavelength.wavelength   1.5418 
_diffrn_radiation_wavelength.wt           1.0 
# 
_diffrn_source.diffrn_id                   1 
_diffrn_source.source                      'ROTATING ANODE' 
_diffrn_source.type                        'RIGAKU RUH2R' 
_diffrn_source.pdbx_synchrotron_site       ? 
_diffrn_source.pdbx_synchrotron_beamline   ? 
_diffrn_source.pdbx_wavelength             1.5418 
_diffrn_source.pdbx_wavelength_list        ? 
# 
_reflns.entry_id                     1RG7 
_reflns.observed_criterion_sigma_I   0. 
_reflns.observed_criterion_sigma_F   ? 
_reflns.d_resolution_low             100.0 
_reflns.d_resolution_high            2.0 
_reflns.number_obs                   11593 
_reflns.number_all                   ? 
_reflns.percent_possible_obs         96. 
_reflns.pdbx_Rmerge_I_obs            ? 
_reflns.pdbx_Rsym_value              0.0420000 
_reflns.pdbx_netI_over_sigmaI        10.0 
_reflns.B_iso_Wilson_estimate        ? 
_reflns.pdbx_redundancy              3.0 
_reflns.pdbx_diffrn_id               1 
_reflns.pdbx_ordinal                 1 
# 
_reflns_shell.d_res_high             2.0 
_reflns_shell.d_res_low              2.3 
_reflns_shell.percent_possible_all   96.0 
_reflns_shell.Rmerge_I_obs           ? 
_reflns_shell.pdbx_Rsym_value        0.1650000 
_reflns_shell.meanI_over_sigI_obs    2.8 
_reflns_shell.pdbx_redundancy        1.9 
_reflns_shell.pdbx_diffrn_id         ? 
_reflns_shell.pdbx_ordinal           1 
# 
_refine.entry_id                                 1RG7 
_refine.ls_number_reflns_obs                     11593 
_refine.ls_number_reflns_all                     ? 
_refine.pdbx_ls_sigma_I                          ? 
_refine.pdbx_ls_sigma_F                          0.0 
_refine.pdbx_data_cutoff_high_absF               ? 
_refine.pdbx_data_cutoff_low_absF                ? 
_refine.pdbx_data_cutoff_high_rms_absF           ? 
_refine.ls_d_res_low                             20.0 
_refine.ls_d_res_high                            2.0 
_refine.ls_percent_reflns_obs                    96.0 
_refine.ls_R_factor_obs                          ? 
_refine.ls_R_factor_all                          ? 
_refine.ls_R_factor_R_work                       0.1770000 
_refine.ls_R_factor_R_free                       ? 
_refine.ls_R_factor_R_free_error                 ? 
_refine.ls_R_factor_R_free_error_details         ? 
_refine.ls_percent_reflns_R_free                 ? 
_refine.ls_number_reflns_R_free                  ? 
_refine.ls_number_parameters                     ? 
_refine.ls_number_restraints                     ? 
_refine.occupancy_min                            ? 
_refine.occupancy_max                            ? 
_refine.B_iso_mean                               ? 
_refine.aniso_B[1][1]                            ? 
_refine.aniso_B[2][2]                            ? 
_refine.aniso_B[3][3]                            ? 
_refine.aniso_B[1][2]                            ? 
_refine.aniso_B[1][3]                            ? 
_refine.aniso_B[2][3]                            ? 
_refine.solvent_model_details                    'MOEWS AND KRETSINGER' 
_refine.solvent_model_param_ksol                 0.869 
_refine.solvent_model_param_bsol                 339.4 
_refine.pdbx_ls_cross_valid_method               ? 
_refine.details                                  ? 
_refine.pdbx_starting_model                      'PDB ENTRY 1RA3' 
_refine.pdbx_method_to_determine_struct          'MOLECULAR REPLACEMENT' 
_refine.pdbx_isotropic_thermal_model             ? 
_refine.pdbx_stereochemistry_target_values       'TNT PROTGEO' 
_refine.pdbx_stereochem_target_val_spec_case     ? 
_refine.pdbx_R_Free_selection_details            ? 
_refine.pdbx_overall_ESU_R                       ? 
_refine.pdbx_overall_ESU_R_Free                  ? 
_refine.overall_SU_ML                            ? 
_refine.overall_SU_B                             ? 
_refine.pdbx_refine_id                           'X-RAY DIFFRACTION' 
_refine.pdbx_diffrn_id                           1 
_refine.pdbx_TLS_residual_ADP_flag               ? 
_refine.correlation_coeff_Fo_to_Fc               ? 
_refine.correlation_coeff_Fo_to_Fc_free          ? 
_refine.pdbx_solvent_vdw_probe_radii             ? 
_refine.pdbx_solvent_ion_probe_radii             ? 
_refine.pdbx_solvent_shrinkage_radii             ? 
_refine.pdbx_overall_phase_error                 ? 
_refine.overall_SU_R_Cruickshank_DPI             ? 
_refine.pdbx_overall_SU_R_free_Cruickshank_DPI   ? 
_refine.pdbx_overall_SU_R_Blow_DPI               ? 
_refine.pdbx_overall_SU_R_free_Blow_DPI          ? 
# 
_refine_hist.pdbx_refine_id                   'X-RAY DIFFRACTION' 
_refine_hist.cycle_id                         LAST 
_refine_hist.pdbx_number_atoms_protein        1247 
_refine_hist.pdbx_number_atoms_nucleic_acid   0 
_refine_hist.pdbx_number_atoms_ligand         33 
_refine_hist.number_atoms_solvent             84 
_refine_hist.number_atoms_total               1364 
_refine_hist.d_res_high                       2.0 
_refine_hist.d_res_low                        20.0 
# 
loop_
_refine_ls_restr.type 
_refine_ls_restr.dev_ideal 
_refine_ls_restr.dev_ideal_target 
_refine_ls_restr.weight 
_refine_ls_restr.number 
_refine_ls_restr.pdbx_refine_id 
_refine_ls_restr.pdbx_restraint_function 
t_bond_d           0.022 ? 0.020 1314 'X-RAY DIFFRACTION' ? 
t_angle_deg        3.0   ? 3.0   1780 'X-RAY DIFFRACTION' ? 
t_dihedral_angle_d 24.2  ? ?     750  'X-RAY DIFFRACTION' ? 
t_incorr_chiral_ct 0     ? ?     ?    'X-RAY DIFFRACTION' ? 
t_pseud_angle      ?     ? ?     ?    'X-RAY DIFFRACTION' ? 
t_trig_c_planes    0.020 ? 0.020 37   'X-RAY DIFFRACTION' ? 
t_gen_planes       0.008 ? 0.020 189  'X-RAY DIFFRACTION' ? 
t_it               5.7   ? 6.0   1314 'X-RAY DIFFRACTION' ? 
t_nbd              0.024 ? 0.020 31   'X-RAY DIFFRACTION' ? 
# 
_pdbx_refine.entry_id                                    1RG7 
_pdbx_refine.R_factor_all_no_cutoff                      ? 
_pdbx_refine.R_factor_obs_no_cutoff                      0.1770000 
_pdbx_refine.free_R_factor_no_cutoff                     ? 
_pdbx_refine.free_R_val_test_set_size_perc_no_cutoff     ? 
_pdbx_refine.free_R_val_test_set_ct_no_cutoff            ? 
_pdbx_refine.R_factor_all_4sig_cutoff                    ? 
_pdbx_refine.R_factor_obs_4sig_cutoff                    ? 
_pdbx_refine.free_R_factor_4sig_cutoff                   ? 
_pdbx_refine.free_R_val_test_set_size_perc_4sig_cutoff   ? 
_pdbx_refine.free_R_val_test_set_ct_4sig_cutoff          ? 
_pdbx_refine.number_reflns_obs_4sig_cutoff               ? 
_pdbx_refine.pdbx_refine_id                              'X-RAY DIFFRACTION' 
_pdbx_refine.free_R_error_no_cutoff                      ? 
# 
_struct.entry_id                  1RG7 
_struct.title                     'DIHYDROFOLATE REDUCTASE COMPLEXED WITH METHOTREXATE' 
_struct.pdbx_model_details        ? 
_struct.pdbx_CASP_flag            ? 
_struct.pdbx_model_type_details   ? 
# 
_struct_keywords.entry_id        1RG7 
_struct_keywords.pdbx_keywords   OXIDOREDUCTASE 
_struct_keywords.text            'OXIDOREDUCTASE, NADP, TRIMETHOPRIM RESISTANCE, METHOTREXATE RESISTANCE, ONE-CARBON METABOLISM' 
# 
loop_
_struct_asym.id 
_struct_asym.pdbx_blank_PDB_chainid_flag 
_struct_asym.pdbx_modified 
_struct_asym.entity_id 
_struct_asym.details 
A N N 1 ? 
B N N 2 ? 
C N N 3 ? 
# 
_struct_ref.id                         1 
_struct_ref.db_name                    UNP 
_struct_ref.db_code                    DYR_ECOLI 
_struct_ref.entity_id                  1 
_struct_ref.pdbx_db_accession          P0ABQ4 
_struct_ref.pdbx_align_begin           1 
_struct_ref.pdbx_seq_one_letter_code   
;MISLIAALAVDRVIGMENAMPWNLPADLAWFKRNTLNKPVIMGRHTWESIGRPLPGRKNIILSSQPGTDDRVTWVKSVDE
AIAACGDVPEIMVIGGGRVYEQFLPKAQKLYLTHIDAEVEGDTHFPDYEPDDWESVFSEFHDADAQNSHSYCFEILERR
;
_struct_ref.pdbx_db_isoform            ? 
# 
_struct_ref_seq.align_id                      1 
_struct_ref_seq.ref_id                        1 
_struct_ref_seq.pdbx_PDB_id_code              1RG7 
_struct_ref_seq.pdbx_strand_id                A 
_struct_ref_seq.seq_align_beg                 1 
_struct_ref_seq.pdbx_seq_align_beg_ins_code   ? 
_struct_ref_seq.seq_align_end                 159 
_struct_ref_seq.pdbx_seq_align_end_ins_code   ? 
_struct_ref_seq.pdbx_db_accession             P0ABQ4 
_struct_ref_seq.db_align_beg                  1 
_struct_ref_seq.pdbx_db_align_beg_ins_code    ? 
_struct_ref_seq.db_align_end                  159 
_struct_ref_seq.pdbx_db_align_end_ins_code    ? 
_struct_ref_seq.pdbx_auth_seq_align_beg       1 
_struct_ref_seq.pdbx_auth_seq_align_end       159 
# 
_struct_ref_seq_dif.align_id                     1 
_struct_ref_seq_dif.pdbx_pdb_id_code             1RG7 
_struct_ref_seq_dif.mon_id                       ASP 
_struct_ref_seq_dif.pdbx_pdb_strand_id           A 
_struct_ref_seq_dif.seq_num                      37 
_struct_ref_seq_dif.pdbx_pdb_ins_code            ? 
_struct_ref_seq_dif.pdbx_seq_db_name             UNP 
_struct_ref_seq_dif.pdbx_seq_db_accession_code   P0ABQ4 
_struct_ref_seq_dif.db_mon_id                    ASN 
_struct_ref_seq_dif.pdbx_seq_db_seq_num          37 
_struct_ref_seq_dif.details                      conflict 
_struct_ref_seq_dif.pdbx_auth_seq_num            37 
_struct_ref_seq_dif.pdbx_ordinal                 1 
# 
_pdbx_struct_assembly.id                   1 
_pdbx_struct_assembly.details              author_defined_assembly 
_pdbx_struct_assembly.method_details       ? 
_pdbx_struct_assembly.oligomeric_details   monomeric 
_pdbx_struct_assembly.oligomeric_count     1 
# 
_pdbx_struct_assembly_gen.assembly_id       1 
_pdbx_struct_assembly_gen.oper_expression   1 
_pdbx_struct_assembly_gen.asym_id_list      A,B,C 
# 
_pdbx_struct_oper_list.id                   1 
_pdbx_struct_oper_list.type                 'identity operation' 
_pdbx_struct_oper_list.name                 1_555 
_pdbx_struct_oper_list.symmetry_operation   x,y,z 
_pdbx_struct_oper_list.matrix[1][1]         1.0000000000 
_pdbx_struct_oper_list.matrix[1][2]         0.0000000000 
_pdbx_struct_oper_list.matrix[1][3]         0.0000000000 
_pdbx_struct_oper_list.vector[1]            0.0000000000 
_pdbx_struct_oper_list.matrix[2][1]         0.0000000000 
_pdbx_struct_oper_list.matrix[2][2]         1.0000000000 
_pdbx_struct_oper_list.matrix[2][3]         0.0000000000 
_pdbx_struct_oper_list.vector[2]            0.0000000000 
_pdbx_struct_oper_list.matrix[3][1]         0.0000000000 
_pdbx_struct_oper_list.matrix[3][2]         0.0000000000 
_pdbx_struct_oper_list.matrix[3][3]         1.0000000000 
_pdbx_struct_oper_list.vector[3]            0.0000000000 
# 
_struct_biol.id   1 
# 
loop_
_struct_conf.conf_type_id 
_struct_conf.id 
_struct_conf.pdbx_PDB_helix_id 
_struct_conf.beg_label_comp_id 
_struct_conf.beg_label_asym_id 
_struct_conf.beg_label_seq_id 
_struct_conf.pdbx_beg_PDB_ins_code 
_struct_conf.end_label_comp_id 
_struct_conf.end_label_asym_id 
_struct_conf.end_label_seq_id 
_struct_conf.pdbx_end_PDB_ins_code 
_struct_conf.beg_auth_comp_id 
_struct_conf.beg_auth_asym_id 
_struct_conf.beg_auth_seq_id 
_struct_conf.end_auth_comp_id 
_struct_conf.end_auth_asym_id 
_struct_conf.end_auth_seq_id 
_struct_conf.pdbx_PDB_helix_class 
_struct_conf.details 
_struct_conf.pdbx_PDB_helix_length 
HELX_P HELX_P1 B PRO A 25 ? THR A 35  ? PRO A 25 THR A 35  1 ? 11 
HELX_P HELX_P2 C ARG A 44 ? ILE A 50  ? ARG A 44 ILE A 50  1 ? 7  
HELX_P HELX_P3 E VAL A 78 ? CYS A 85  ? VAL A 78 CYS A 85  1 ? 8  
HELX_P HELX_P4 F GLY A 97 ? LYS A 106 ? GLY A 97 LYS A 106 1 ? 10 
# 
_struct_conf_type.id          HELX_P 
_struct_conf_type.criteria    ? 
_struct_conf_type.reference   ? 
# 
_struct_mon_prot_cis.pdbx_id                1 
_struct_mon_prot_cis.label_comp_id          GLY 
_struct_mon_prot_cis.label_seq_id           95 
_struct_mon_prot_cis.label_asym_id          A 
_struct_mon_prot_cis.label_alt_id           . 
_struct_mon_prot_cis.pdbx_PDB_ins_code      ? 
_struct_mon_prot_cis.auth_comp_id           GLY 
_struct_mon_prot_cis.auth_seq_id            95 
_struct_mon_prot_cis.auth_asym_id           A 
_struct_mon_prot_cis.pdbx_label_comp_id_2   GLY 
_struct_mon_prot_cis.pdbx_label_seq_id_2    96 
_struct_mon_prot_cis.pdbx_label_asym_id_2   A 
_struct_mon_prot_cis.pdbx_PDB_ins_code_2    ? 
_struct_mon_prot_cis.pdbx_auth_comp_id_2    GLY 
_struct_mon_prot_cis.pdbx_auth_seq_id_2     96 
_struct_mon_prot_cis.pdbx_auth_asym_id_2    A 
_struct_mon_prot_cis.pdbx_PDB_model_num     1 
_struct_mon_prot_cis.pdbx_omega_angle       1.42 
# 
_struct_sheet.id               A 
_struct_sheet.type             ? 
_struct_sheet.number_strands   8 
_struct_sheet.details          ? 
# 
loop_
_struct_sheet_order.sheet_id 
_struct_sheet_order.range_id_1 
_struct_sheet_order.range_id_2 
_struct_sheet_order.offset 
_struct_sheet_order.sense 
A 1 2 ? anti-parallel 
A 2 3 ? anti-parallel 
A 3 4 ? parallel      
A 4 5 ? parallel      
A 5 6 ? parallel      
A 6 7 ? parallel      
A 7 8 ? parallel      
# 
loop_
_struct_sheet_range.sheet_id 
_struct_sheet_range.id 
_struct_sheet_range.beg_label_comp_id 
_struct_sheet_range.beg_label_asym_id 
_struct_sheet_range.beg_label_seq_id 
_struct_sheet_range.pdbx_beg_PDB_ins_code 
_struct_sheet_range.end_label_comp_id 
_struct_sheet_range.end_label_asym_id 
_struct_sheet_range.end_label_seq_id 
_struct_sheet_range.pdbx_end_PDB_ins_code 
_struct_sheet_range.beg_auth_comp_id 
_struct_sheet_range.beg_auth_asym_id 
_struct_sheet_range.beg_auth_seq_id 
_struct_sheet_range.end_auth_comp_id 
_struct_sheet_range.end_auth_asym_id 
_struct_sheet_range.end_auth_seq_id 
A 1 TRP A 133 ? SER A 135 ? TRP A 133 SER A 135 
A 2 TYR A 151 ? ARG A 158 ? TYR A 151 ARG A 158 
A 3 ALA A 107 ? ILE A 115 ? ALA A 107 ILE A 115 
A 4 ILE A 2   ? ILE A 5   ? ILE A 2   ILE A 5   
A 5 ILE A 91  ? GLY A 95  ? ILE A 91  GLY A 95  
A 6 PRO A 39  ? GLY A 43  ? PRO A 39  GLY A 43  
A 7 LYS A 58  ? LEU A 62  ? LYS A 58  LEU A 62  
A 8 THR A 73  ? VAL A 75  ? THR A 73  VAL A 75  
# 
loop_
_pdbx_struct_sheet_hbond.sheet_id 
_pdbx_struct_sheet_hbond.range_id_1 
_pdbx_struct_sheet_hbond.range_id_2 
_pdbx_struct_sheet_hbond.range_1_label_atom_id 
_pdbx_struct_sheet_hbond.range_1_label_comp_id 
_pdbx_struct_sheet_hbond.range_1_label_asym_id 
_pdbx_struct_sheet_hbond.range_1_label_seq_id 
_pdbx_struct_sheet_hbond.range_1_PDB_ins_code 
_pdbx_struct_sheet_hbond.range_1_auth_atom_id 
_pdbx_struct_sheet_hbond.range_1_auth_comp_id 
_pdbx_struct_sheet_hbond.range_1_auth_asym_id 
_pdbx_struct_sheet_hbond.range_1_auth_seq_id 
_pdbx_struct_sheet_hbond.range_2_label_atom_id 
_pdbx_struct_sheet_hbond.range_2_label_comp_id 
_pdbx_struct_sheet_hbond.range_2_label_asym_id 
_pdbx_struct_sheet_hbond.range_2_label_seq_id 
_pdbx_struct_sheet_hbond.range_2_PDB_ins_code 
_pdbx_struct_sheet_hbond.range_2_auth_atom_id 
_pdbx_struct_sheet_hbond.range_2_auth_comp_id 
_pdbx_struct_sheet_hbond.range_2_auth_asym_id 
_pdbx_struct_sheet_hbond.range_2_auth_seq_id 
A 1 2 O GLU A 134 ? O GLU A 134 N GLU A 157 ? N GLU A 157 
A 2 3 O CYS A 152 ? O CYS A 152 N HIS A 114 ? N HIS A 114 
A 3 4 O GLN A 108 ? O GLN A 108 N ILE A 2   ? N ILE A 2   
A 4 5 O SER A 3   ? O SER A 3   N ILE A 91  ? N ILE A 91  
A 5 6 O MET A 92  ? O MET A 92  N PRO A 39  ? N PRO A 39  
A 6 7 O VAL A 40  ? O VAL A 40  N LYS A 58  ? N LYS A 58  
A 7 8 O ILE A 61  ? O ILE A 61  N THR A 73  ? N THR A 73  
# 
_struct_site.id                   AC1 
_struct_site.pdbx_evidence_code   Software 
_struct_site.pdbx_auth_asym_id    A 
_struct_site.pdbx_auth_comp_id    MTX 
_struct_site.pdbx_auth_seq_id     161 
_struct_site.pdbx_auth_ins_code   ? 
_struct_site.pdbx_num_residues    15 
_struct_site.details              'BINDING SITE FOR RESIDUE MTX A 161' 
# 
loop_
_struct_site_gen.id 
_struct_site_gen.site_id 
_struct_site_gen.pdbx_num_res 
_struct_site_gen.label_comp_id 
_struct_site_gen.label_asym_id 
_struct_site_gen.label_seq_id 
_struct_site_gen.pdbx_auth_ins_code 
_struct_site_gen.auth_comp_id 
_struct_site_gen.auth_asym_id 
_struct_site_gen.auth_seq_id 
_struct_site_gen.label_atom_id 
_struct_site_gen.label_alt_id 
_struct_site_gen.symmetry 
_struct_site_gen.details 
1  AC1 15 ILE A 5   ? ILE A 5   . ? 1_555 ? 
2  AC1 15 ALA A 6   ? ALA A 6   . ? 1_555 ? 
3  AC1 15 ASN A 18  ? ASN A 18  . ? 1_555 ? 
4  AC1 15 ALA A 19  ? ALA A 19  . ? 1_555 ? 
5  AC1 15 ASN A 23  ? ASN A 23  . ? 1_555 ? 
6  AC1 15 ASP A 27  ? ASP A 27  . ? 1_555 ? 
7  AC1 15 LEU A 28  ? LEU A 28  . ? 1_555 ? 
8  AC1 15 PHE A 31  ? PHE A 31  . ? 1_555 ? 
9  AC1 15 LYS A 32  ? LYS A 32  . ? 1_555 ? 
10 AC1 15 ILE A 50  ? ILE A 50  . ? 1_555 ? 
11 AC1 15 ARG A 57  ? ARG A 57  . ? 1_555 ? 
12 AC1 15 ILE A 94  ? ILE A 94  . ? 1_555 ? 
13 AC1 15 TYR A 100 ? TYR A 100 . ? 1_555 ? 
14 AC1 15 THR A 113 ? THR A 113 . ? 1_555 ? 
15 AC1 15 HOH C .   ? HOH A 200 . ? 1_555 ? 
# 
loop_
_pdbx_validate_rmsd_bond.id 
_pdbx_validate_rmsd_bond.PDB_model_num 
_pdbx_validate_rmsd_bond.auth_atom_id_1 
_pdbx_validate_rmsd_bond.auth_asym_id_1 
_pdbx_validate_rmsd_bond.auth_comp_id_1 
_pdbx_validate_rmsd_bond.auth_seq_id_1 
_pdbx_validate_rmsd_bond.PDB_ins_code_1 
_pdbx_validate_rmsd_bond.label_alt_id_1 
_pdbx_validate_rmsd_bond.auth_atom_id_2 
_pdbx_validate_rmsd_bond.auth_asym_id_2 
_pdbx_validate_rmsd_bond.auth_comp_id_2 
_pdbx_validate_rmsd_bond.auth_seq_id_2 
_pdbx_validate_rmsd_bond.PDB_ins_code_2 
_pdbx_validate_rmsd_bond.label_alt_id_2 
_pdbx_validate_rmsd_bond.bond_value 
_pdbx_validate_rmsd_bond.bond_target_value 
_pdbx_validate_rmsd_bond.bond_deviation 
_pdbx_validate_rmsd_bond.bond_standard_deviation 
_pdbx_validate_rmsd_bond.linker_flag 
1  1 CG A HIS 45  ? ? CD2 A HIS 45  ? ? 1.449 1.354 0.095 0.009 N 
2  1 CD A GLU 48  ? ? OE1 A GLU 48  ? ? 1.354 1.252 0.102 0.011 N 
3  1 CD A GLU 90  ? ? OE1 A GLU 90  ? ? 1.318 1.252 0.066 0.011 N 
4  1 NE A ARG 98  ? ? CZ  A ARG 98  ? ? 1.433 1.326 0.107 0.013 N 
5  1 CZ A ARG 98  ? ? NH1 A ARG 98  ? ? 1.431 1.326 0.105 0.013 N 
6  1 CZ A ARG 98  ? ? NH2 A ARG 98  ? ? 1.416 1.326 0.090 0.013 N 
7  1 CD A GLU 101 ? ? OE1 A GLU 101 ? ? 1.326 1.252 0.074 0.011 N 
8  1 CD A GLU 118 ? ? OE1 A GLU 118 ? ? 1.320 1.252 0.068 0.011 N 
9  1 CD A GLU 120 ? ? OE1 A GLU 120 ? ? 1.481 1.252 0.229 0.011 N 
10 1 CD A GLU 120 ? ? OE2 A GLU 120 ? ? 1.374 1.252 0.122 0.011 N 
11 1 CD A GLU 129 ? ? OE1 A GLU 129 ? ? 1.440 1.252 0.188 0.011 N 
12 1 CD A GLU 129 ? ? OE2 A GLU 129 ? ? 1.344 1.252 0.092 0.011 N 
13 1 CD A GLU 134 ? ? OE2 A GLU 134 ? ? 1.344 1.252 0.092 0.011 N 
14 1 CD A GLU 157 ? ? OE2 A GLU 157 ? ? 1.340 1.252 0.088 0.011 N 
# 
loop_
_pdbx_validate_rmsd_angle.id 
_pdbx_validate_rmsd_angle.PDB_model_num 
_pdbx_validate_rmsd_angle.auth_atom_id_1 
_pdbx_validate_rmsd_angle.auth_asym_id_1 
_pdbx_validate_rmsd_angle.auth_comp_id_1 
_pdbx_validate_rmsd_angle.auth_seq_id_1 
_pdbx_validate_rmsd_angle.PDB_ins_code_1 
_pdbx_validate_rmsd_angle.label_alt_id_1 
_pdbx_validate_rmsd_angle.auth_atom_id_2 
_pdbx_validate_rmsd_angle.auth_asym_id_2 
_pdbx_validate_rmsd_angle.auth_comp_id_2 
_pdbx_validate_rmsd_angle.auth_seq_id_2 
_pdbx_validate_rmsd_angle.PDB_ins_code_2 
_pdbx_validate_rmsd_angle.label_alt_id_2 
_pdbx_validate_rmsd_angle.auth_atom_id_3 
_pdbx_validate_rmsd_angle.auth_asym_id_3 
_pdbx_validate_rmsd_angle.auth_comp_id_3 
_pdbx_validate_rmsd_angle.auth_seq_id_3 
_pdbx_validate_rmsd_angle.PDB_ins_code_3 
_pdbx_validate_rmsd_angle.label_alt_id_3 
_pdbx_validate_rmsd_angle.angle_value 
_pdbx_validate_rmsd_angle.angle_target_value 
_pdbx_validate_rmsd_angle.angle_deviation 
_pdbx_validate_rmsd_angle.angle_standard_deviation 
_pdbx_validate_rmsd_angle.linker_flag 
1  1 CG1 A VAL 10  ? ? CB A VAL 10  ? ? CG2 A VAL 10  ? ? 122.84 110.90 11.94  1.60 N 
2  1 CB  A ASP 11  ? ? CG A ASP 11  ? ? OD1 A ASP 11  ? ? 127.26 118.30 8.96   0.90 N 
3  1 CB  A ASP 11  ? ? CG A ASP 11  ? ? OD2 A ASP 11  ? ? 108.88 118.30 -9.42  0.90 N 
4  1 N   A MET 20  ? ? CA A MET 20  ? ? C   A MET 20  ? ? 82.95  111.00 -28.05 2.70 N 
5  1 C   A MET 20  ? ? N  A PRO 21  ? ? CD  A PRO 21  ? ? 97.41  128.40 -30.99 2.10 Y 
6  1 CB  A ASP 27  ? ? CG A ASP 27  ? ? OD1 A ASP 27  ? ? 128.64 118.30 10.34  0.90 N 
7  1 CB  A ASP 27  ? ? CG A ASP 27  ? ? OD2 A ASP 27  ? ? 111.06 118.30 -7.24  0.90 N 
8  1 CB  A ASP 69  ? ? CG A ASP 69  ? ? OD1 A ASP 69  ? ? 123.82 118.30 5.52   0.90 N 
9  1 CB  A ASP 70  ? ? CG A ASP 70  ? ? OD1 A ASP 70  ? ? 124.86 118.30 6.56   0.90 N 
10 1 CB  A ASP 70  ? ? CG A ASP 70  ? ? OD2 A ASP 70  ? ? 110.49 118.30 -7.81  0.90 N 
11 1 CB  A ASP 79  ? ? CG A ASP 79  ? ? OD1 A ASP 79  ? ? 123.84 118.30 5.54   0.90 N 
12 1 CB  A ASP 87  ? ? CG A ASP 87  ? ? OD1 A ASP 87  ? ? 124.14 118.30 5.84   0.90 N 
13 1 CB  A ASP 87  ? ? CG A ASP 87  ? ? OD2 A ASP 87  ? ? 111.49 118.30 -6.81  0.90 N 
14 1 CB  A TYR 111 ? ? CG A TYR 111 ? ? CD2 A TYR 111 ? ? 117.40 121.00 -3.60  0.60 N 
15 1 CB  A ASP 131 ? ? CG A ASP 131 ? ? OD2 A ASP 131 ? ? 112.43 118.30 -5.87  0.90 N 
16 1 CB  A ASP 132 ? ? CG A ASP 132 ? ? OD2 A ASP 132 ? ? 112.82 118.30 -5.48  0.90 N 
# 
loop_
_pdbx_validate_torsion.id 
_pdbx_validate_torsion.PDB_model_num 
_pdbx_validate_torsion.auth_comp_id 
_pdbx_validate_torsion.auth_asym_id 
_pdbx_validate_torsion.auth_seq_id 
_pdbx_validate_torsion.PDB_ins_code 
_pdbx_validate_torsion.label_alt_id 
_pdbx_validate_torsion.phi 
_pdbx_validate_torsion.psi 
1 1 MET A 16 ? ? 3.22    85.52   
2 1 GLU A 17 ? ? 107.92  22.76   
3 1 ASN A 18 ? ? -146.19 -49.56  
4 1 ALA A 19 ? ? 130.95  -130.86 
5 1 PRO A 21 ? ? 12.50   -48.56  
6 1 TRP A 22 ? ? -86.78  -156.61 
7 1 ASP A 87 ? ? -109.59 40.68   
# 
loop_
_chem_comp_atom.comp_id 
_chem_comp_atom.atom_id 
_chem_comp_atom.type_symbol 
_chem_comp_atom.pdbx_aromatic_flag 
_chem_comp_atom.pdbx_stereo_config 
_chem_comp_atom.pdbx_ordinal 
ALA N    N N N 1   
ALA CA   C N S 2   
ALA C    C N N 3   
ALA O    O N N 4   
ALA CB   C N N 5   
ALA OXT  O N N 6   
ALA H    H N N 7   
ALA H2   H N N 8   
ALA HA   H N N 9   
ALA HB1  H N N 10  
ALA HB2  H N N 11  
ALA HB3  H N N 12  
ALA HXT  H N N 13  
ARG N    N N N 14  
ARG CA   C N S 15  
ARG C    C N N 16  
ARG O    O N N 17  
ARG CB   C N N 18  
ARG CG   C N N 19  
ARG CD   C N N 20  
ARG NE   N N N 21  
ARG CZ   C N N 22  
ARG NH1  N N N 23  
ARG NH2  N N N 24  
ARG OXT  O N N 25  
ARG H    H N N 26  
ARG H2   H N N 27  
ARG HA   H N N 28  
ARG HB2  H N N 29  
ARG HB3  H N N 30  
ARG HG2  H N N 31  
ARG HG3  H N N 32  
ARG HD2  H N N 33  
ARG HD3  H N N 34  
ARG HE   H N N 35  
ARG HH11 H N N 36  
ARG HH12 H N N 37  
ARG HH21 H N N 38  
ARG HH22 H N N 39  
ARG HXT  H N N 40  
ASN N    N N N 41  
ASN CA   C N S 42  
ASN C    C N N 43  
ASN O    O N N 44  
ASN CB   C N N 45  
ASN CG   C N N 46  
ASN OD1  O N N 47  
ASN ND2  N N N 48  
ASN OXT  O N N 49  
ASN H    H N N 50  
ASN H2   H N N 51  
ASN HA   H N N 52  
ASN HB2  H N N 53  
ASN HB3  H N N 54  
ASN HD21 H N N 55  
ASN HD22 H N N 56  
ASN HXT  H N N 57  
ASP N    N N N 58  
ASP CA   C N S 59  
ASP C    C N N 60  
ASP O    O N N 61  
ASP CB   C N N 62  
ASP CG   C N N 63  
ASP OD1  O N N 64  
ASP OD2  O N N 65  
ASP OXT  O N N 66  
ASP H    H N N 67  
ASP H2   H N N 68  
ASP HA   H N N 69  
ASP HB2  H N N 70  
ASP HB3  H N N 71  
ASP HD2  H N N 72  
ASP HXT  H N N 73  
CYS N    N N N 74  
CYS CA   C N R 75  
CYS C    C N N 76  
CYS O    O N N 77  
CYS CB   C N N 78  
CYS SG   S N N 79  
CYS OXT  O N N 80  
CYS H    H N N 81  
CYS H2   H N N 82  
CYS HA   H N N 83  
CYS HB2  H N N 84  
CYS HB3  H N N 85  
CYS HG   H N N 86  
CYS HXT  H N N 87  
GLN N    N N N 88  
GLN CA   C N S 89  
GLN C    C N N 90  
GLN O    O N N 91  
GLN CB   C N N 92  
GLN CG   C N N 93  
GLN CD   C N N 94  
GLN OE1  O N N 95  
GLN NE2  N N N 96  
GLN OXT  O N N 97  
GLN H    H N N 98  
GLN H2   H N N 99  
GLN HA   H N N 100 
GLN HB2  H N N 101 
GLN HB3  H N N 102 
GLN HG2  H N N 103 
GLN HG3  H N N 104 
GLN HE21 H N N 105 
GLN HE22 H N N 106 
GLN HXT  H N N 107 
GLU N    N N N 108 
GLU CA   C N S 109 
GLU C    C N N 110 
GLU O    O N N 111 
GLU CB   C N N 112 
GLU CG   C N N 113 
GLU CD   C N N 114 
GLU OE1  O N N 115 
GLU OE2  O N N 116 
GLU OXT  O N N 117 
GLU H    H N N 118 
GLU H2   H N N 119 
GLU HA   H N N 120 
GLU HB2  H N N 121 
GLU HB3  H N N 122 
GLU HG2  H N N 123 
GLU HG3  H N N 124 
GLU HE2  H N N 125 
GLU HXT  H N N 126 
GLY N    N N N 127 
GLY CA   C N N 128 
GLY C    C N N 129 
GLY O    O N N 130 
GLY OXT  O N N 131 
GLY H    H N N 132 
GLY H2   H N N 133 
GLY HA2  H N N 134 
GLY HA3  H N N 135 
GLY HXT  H N N 136 
HIS N    N N N 137 
HIS CA   C N S 138 
HIS C    C N N 139 
HIS O    O N N 140 
HIS CB   C N N 141 
HIS CG   C Y N 142 
HIS ND1  N Y N 143 
HIS CD2  C Y N 144 
HIS CE1  C Y N 145 
HIS NE2  N Y N 146 
HIS OXT  O N N 147 
HIS H    H N N 148 
HIS H2   H N N 149 
HIS HA   H N N 150 
HIS HB2  H N N 151 
HIS HB3  H N N 152 
HIS HD1  H N N 153 
HIS HD2  H N N 154 
HIS HE1  H N N 155 
HIS HE2  H N N 156 
HIS HXT  H N N 157 
HOH O    O N N 158 
HOH H1   H N N 159 
HOH H2   H N N 160 
ILE N    N N N 161 
ILE CA   C N S 162 
ILE C    C N N 163 
ILE O    O N N 164 
ILE CB   C N S 165 
ILE CG1  C N N 166 
ILE CG2  C N N 167 
ILE CD1  C N N 168 
ILE OXT  O N N 169 
ILE H    H N N 170 
ILE H2   H N N 171 
ILE HA   H N N 172 
ILE HB   H N N 173 
ILE HG12 H N N 174 
ILE HG13 H N N 175 
ILE HG21 H N N 176 
ILE HG22 H N N 177 
ILE HG23 H N N 178 
ILE HD11 H N N 179 
ILE HD12 H N N 180 
ILE HD13 H N N 181 
ILE HXT  H N N 182 
LEU N    N N N 183 
LEU CA   C N S 184 
LEU C    C N N 185 
LEU O    O N N 186 
LEU CB   C N N 187 
LEU CG   C N N 188 
LEU CD1  C N N 189 
LEU CD2  C N N 190 
LEU OXT  O N N 191 
LEU H    H N N 192 
LEU H2   H N N 193 
LEU HA   H N N 194 
LEU HB2  H N N 195 
LEU HB3  H N N 196 
LEU HG   H N N 197 
LEU HD11 H N N 198 
LEU HD12 H N N 199 
LEU HD13 H N N 200 
LEU HD21 H N N 201 
LEU HD22 H N N 202 
LEU HD23 H N N 203 
LEU HXT  H N N 204 
LYS N    N N N 205 
LYS CA   C N S 206 
LYS C    C N N 207 
LYS O    O N N 208 
LYS CB   C N N 209 
LYS CG   C N N 210 
LYS CD   C N N 211 
LYS CE   C N N 212 
LYS NZ   N N N 213 
LYS OXT  O N N 214 
LYS H    H N N 215 
LYS H2   H N N 216 
LYS HA   H N N 217 
LYS HB2  H N N 218 
LYS HB3  H N N 219 
LYS HG2  H N N 220 
LYS HG3  H N N 221 
LYS HD2  H N N 222 
LYS HD3  H N N 223 
LYS HE2  H N N 224 
LYS HE3  H N N 225 
LYS HZ1  H N N 226 
LYS HZ2  H N N 227 
LYS HZ3  H N N 228 
LYS HXT  H N N 229 
MET N    N N N 230 
MET CA   C N S 231 
MET C    C N N 232 
MET O    O N N 233 
MET CB   C N N 234 
MET CG   C N N 235 
MET SD   S N N 236 
MET CE   C N N 237 
MET OXT  O N N 238 
MET H    H N N 239 
MET H2   H N N 240 
MET HA   H N N 241 
MET HB2  H N N 242 
MET HB3  H N N 243 
MET HG2  H N N 244 
MET HG3  H N N 245 
MET HE1  H N N 246 
MET HE2  H N N 247 
MET HE3  H N N 248 
MET HXT  H N N 249 
MTX N1   N Y N 250 
MTX C2   C Y N 251 
MTX NA2  N N N 252 
MTX N3   N Y N 253 
MTX C4   C Y N 254 
MTX NA4  N N N 255 
MTX C4A  C Y N 256 
MTX N5   N Y N 257 
MTX C6   C Y N 258 
MTX C7   C Y N 259 
MTX N8   N Y N 260 
MTX C8A  C Y N 261 
MTX C9   C N N 262 
MTX N10  N N N 263 
MTX CM   C N N 264 
MTX C11  C Y N 265 
MTX C12  C Y N 266 
MTX C13  C Y N 267 
MTX C14  C Y N 268 
MTX C15  C Y N 269 
MTX C16  C Y N 270 
MTX C    C N N 271 
MTX O    O N N 272 
MTX N    N N N 273 
MTX CA   C N S 274 
MTX CT   C N N 275 
MTX O1   O N N 276 
MTX O2   O N N 277 
MTX CB   C N N 278 
MTX CG   C N N 279 
MTX CD   C N N 280 
MTX OE1  O N N 281 
MTX OE2  O N N 282 
MTX HN21 H N N 283 
MTX HN22 H N N 284 
MTX HN41 H N N 285 
MTX HN42 H N N 286 
MTX H7   H N N 287 
MTX H91  H N N 288 
MTX H92  H N N 289 
MTX HM1  H N N 290 
MTX HM2  H N N 291 
MTX HM3  H N N 292 
MTX H12  H N N 293 
MTX H13  H N N 294 
MTX H15  H N N 295 
MTX H16  H N N 296 
MTX HN   H N N 297 
MTX HA   H N N 298 
MTX HO2  H N N 299 
MTX HB1  H N N 300 
MTX HB2  H N N 301 
MTX HG1  H N N 302 
MTX HG2  H N N 303 
MTX HOE2 H N N 304 
PHE N    N N N 305 
PHE CA   C N S 306 
PHE C    C N N 307 
PHE O    O N N 308 
PHE CB   C N N 309 
PHE CG   C Y N 310 
PHE CD1  C Y N 311 
PHE CD2  C Y N 312 
PHE CE1  C Y N 313 
PHE CE2  C Y N 314 
PHE CZ   C Y N 315 
PHE OXT  O N N 316 
PHE H    H N N 317 
PHE H2   H N N 318 
PHE HA   H N N 319 
PHE HB2  H N N 320 
PHE HB3  H N N 321 
PHE HD1  H N N 322 
PHE HD2  H N N 323 
PHE HE1  H N N 324 
PHE HE2  H N N 325 
PHE HZ   H N N 326 
PHE HXT  H N N 327 
PRO N    N N N 328 
PRO CA   C N S 329 
PRO C    C N N 330 
PRO O    O N N 331 
PRO CB   C N N 332 
PRO CG   C N N 333 
PRO CD   C N N 334 
PRO OXT  O N N 335 
PRO H    H N N 336 
PRO HA   H N N 337 
PRO HB2  H N N 338 
PRO HB3  H N N 339 
PRO HG2  H N N 340 
PRO HG3  H N N 341 
PRO HD2  H N N 342 
PRO HD3  H N N 343 
PRO HXT  H N N 344 
SER N    N N N 345 
SER CA   C N S 346 
SER C    C N N 347 
SER O    O N N 348 
SER CB   C N N 349 
SER OG   O N N 350 
SER OXT  O N N 351 
SER H    H N N 352 
SER H2   H N N 353 
SER HA   H N N 354 
SER HB2  H N N 355 
SER HB3  H N N 356 
SER HG   H N N 357 
SER HXT  H N N 358 
THR N    N N N 359 
THR CA   C N S 360 
THR C    C N N 361 
THR O    O N N 362 
THR CB   C N R 363 
THR OG1  O N N 364 
THR CG2  C N N 365 
THR OXT  O N N 366 
THR H    H N N 367 
THR H2   H N N 368 
THR HA   H N N 369 
THR HB   H N N 370 
THR HG1  H N N 371 
THR HG21 H N N 372 
THR HG22 H N N 373 
THR HG23 H N N 374 
THR HXT  H N N 375 
TRP N    N N N 376 
TRP CA   C N S 377 
TRP C    C N N 378 
TRP O    O N N 379 
TRP CB   C N N 380 
TRP CG   C Y N 381 
TRP CD1  C Y N 382 
TRP CD2  C Y N 383 
TRP NE1  N Y N 384 
TRP CE2  C Y N 385 
TRP CE3  C Y N 386 
TRP CZ2  C Y N 387 
TRP CZ3  C Y N 388 
TRP CH2  C Y N 389 
TRP OXT  O N N 390 
TRP H    H N N 391 
TRP H2   H N N 392 
TRP HA   H N N 393 
TRP HB2  H N N 394 
TRP HB3  H N N 395 
TRP HD1  H N N 396 
TRP HE1  H N N 397 
TRP HE3  H N N 398 
TRP HZ2  H N N 399 
TRP HZ3  H N N 400 
TRP HH2  H N N 401 
TRP HXT  H N N 402 
TYR N    N N N 403 
TYR CA   C N S 404 
TYR C    C N N 405 
TYR O    O N N 406 
TYR CB   C N N 407 
TYR CG   C Y N 408 
TYR CD1  C Y N 409 
TYR CD2  C Y N 410 
TYR CE1  C Y N 411 
TYR CE2  C Y N 412 
TYR CZ   C Y N 413 
TYR OH   O N N 414 
TYR OXT  O N N 415 
TYR H    H N N 416 
TYR H2   H N N 417 
TYR HA   H N N 418 
TYR HB2  H N N 419 
TYR HB3  H N N 420 
TYR HD1  H N N 421 
TYR HD2  H N N 422 
TYR HE1  H N N 423 
TYR HE2  H N N 424 
TYR HH   H N N 425 
TYR HXT  H N N 426 
VAL N    N N N 427 
VAL CA   C N S 428 
VAL C    C N N 429 
VAL O    O N N 430 
VAL CB   C N N 431 
VAL CG1  C N N 432 
VAL CG2  C N N 433 
VAL OXT  O N N 434 
VAL H    H N N 435 
VAL H2   H N N 436 
VAL HA   H N N 437 
VAL HB   H N N 438 
VAL HG11 H N N 439 
VAL HG12 H N N 440 
VAL HG13 H N N 441 
VAL HG21 H N N 442 
VAL HG22 H N N 443 
VAL HG23 H N N 444 
VAL HXT  H N N 445 
# 
loop_
_chem_comp_bond.comp_id 
_chem_comp_bond.atom_id_1 
_chem_comp_bond.atom_id_2 
_chem_comp_bond.value_order 
_chem_comp_bond.pdbx_aromatic_flag 
_chem_comp_bond.pdbx_stereo_config 
_chem_comp_bond.pdbx_ordinal 
ALA N   CA   sing N N 1   
ALA N   H    sing N N 2   
ALA N   H2   sing N N 3   
ALA CA  C    sing N N 4   
ALA CA  CB   sing N N 5   
ALA CA  HA   sing N N 6   
ALA C   O    doub N N 7   
ALA C   OXT  sing N N 8   
ALA CB  HB1  sing N N 9   
ALA CB  HB2  sing N N 10  
ALA CB  HB3  sing N N 11  
ALA OXT HXT  sing N N 12  
ARG N   CA   sing N N 13  
ARG N   H    sing N N 14  
ARG N   H2   sing N N 15  
ARG CA  C    sing N N 16  
ARG CA  CB   sing N N 17  
ARG CA  HA   sing N N 18  
ARG C   O    doub N N 19  
ARG C   OXT  sing N N 20  
ARG CB  CG   sing N N 21  
ARG CB  HB2  sing N N 22  
ARG CB  HB3  sing N N 23  
ARG CG  CD   sing N N 24  
ARG CG  HG2  sing N N 25  
ARG CG  HG3  sing N N 26  
ARG CD  NE   sing N N 27  
ARG CD  HD2  sing N N 28  
ARG CD  HD3  sing N N 29  
ARG NE  CZ   sing N N 30  
ARG NE  HE   sing N N 31  
ARG CZ  NH1  sing N N 32  
ARG CZ  NH2  doub N N 33  
ARG NH1 HH11 sing N N 34  
ARG NH1 HH12 sing N N 35  
ARG NH2 HH21 sing N N 36  
ARG NH2 HH22 sing N N 37  
ARG OXT HXT  sing N N 38  
ASN N   CA   sing N N 39  
ASN N   H    sing N N 40  
ASN N   H2   sing N N 41  
ASN CA  C    sing N N 42  
ASN CA  CB   sing N N 43  
ASN CA  HA   sing N N 44  
ASN C   O    doub N N 45  
ASN C   OXT  sing N N 46  
ASN CB  CG   sing N N 47  
ASN CB  HB2  sing N N 48  
ASN CB  HB3  sing N N 49  
ASN CG  OD1  doub N N 50  
ASN CG  ND2  sing N N 51  
ASN ND2 HD21 sing N N 52  
ASN ND2 HD22 sing N N 53  
ASN OXT HXT  sing N N 54  
ASP N   CA   sing N N 55  
ASP N   H    sing N N 56  
ASP N   H2   sing N N 57  
ASP CA  C    sing N N 58  
ASP CA  CB   sing N N 59  
ASP CA  HA   sing N N 60  
ASP C   O    doub N N 61  
ASP C   OXT  sing N N 62  
ASP CB  CG   sing N N 63  
ASP CB  HB2  sing N N 64  
ASP CB  HB3  sing N N 65  
ASP CG  OD1  doub N N 66  
ASP CG  OD2  sing N N 67  
ASP OD2 HD2  sing N N 68  
ASP OXT HXT  sing N N 69  
CYS N   CA   sing N N 70  
CYS N   H    sing N N 71  
CYS N   H2   sing N N 72  
CYS CA  C    sing N N 73  
CYS CA  CB   sing N N 74  
CYS CA  HA   sing N N 75  
CYS C   O    doub N N 76  
CYS C   OXT  sing N N 77  
CYS CB  SG   sing N N 78  
CYS CB  HB2  sing N N 79  
CYS CB  HB3  sing N N 80  
CYS SG  HG   sing N N 81  
CYS OXT HXT  sing N N 82  
GLN N   CA   sing N N 83  
GLN N   H    sing N N 84  
GLN N   H2   sing N N 85  
GLN CA  C    sing N N 86  
GLN CA  CB   sing N N 87  
GLN CA  HA   sing N N 88  
GLN C   O    doub N N 89  
GLN C   OXT  sing N N 90  
GLN CB  CG   sing N N 91  
GLN CB  HB2  sing N N 92  
GLN CB  HB3  sing N N 93  
GLN CG  CD   sing N N 94  
GLN CG  HG2  sing N N 95  
GLN CG  HG3  sing N N 96  
GLN CD  OE1  doub N N 97  
GLN CD  NE2  sing N N 98  
GLN NE2 HE21 sing N N 99  
GLN NE2 HE22 sing N N 100 
GLN OXT HXT  sing N N 101 
GLU N   CA   sing N N 102 
GLU N   H    sing N N 103 
GLU N   H2   sing N N 104 
GLU CA  C    sing N N 105 
GLU CA  CB   sing N N 106 
GLU CA  HA   sing N N 107 
GLU C   O    doub N N 108 
GLU C   OXT  sing N N 109 
GLU CB  CG   sing N N 110 
GLU CB  HB2  sing N N 111 
GLU CB  HB3  sing N N 112 
GLU CG  CD   sing N N 113 
GLU CG  HG2  sing N N 114 
GLU CG  HG3  sing N N 115 
GLU CD  OE1  doub N N 116 
GLU CD  OE2  sing N N 117 
GLU OE2 HE2  sing N N 118 
GLU OXT HXT  sing N N 119 
GLY N   CA   sing N N 120 
GLY N   H    sing N N 121 
GLY N   H2   sing N N 122 
GLY CA  C    sing N N 123 
GLY CA  HA2  sing N N 124 
GLY CA  HA3  sing N N 125 
GLY C   O    doub N N 126 
GLY C   OXT  sing N N 127 
GLY OXT HXT  sing N N 128 
HIS N   CA   sing N N 129 
HIS N   H    sing N N 130 
HIS N   H2   sing N N 131 
HIS CA  C    sing N N 132 
HIS CA  CB   sing N N 133 
HIS CA  HA   sing N N 134 
HIS C   O    doub N N 135 
HIS C   OXT  sing N N 136 
HIS CB  CG   sing N N 137 
HIS CB  HB2  sing N N 138 
HIS CB  HB3  sing N N 139 
HIS CG  ND1  sing Y N 140 
HIS CG  CD2  doub Y N 141 
HIS ND1 CE1  doub Y N 142 
HIS ND1 HD1  sing N N 143 
HIS CD2 NE2  sing Y N 144 
HIS CD2 HD2  sing N N 145 
HIS CE1 NE2  sing Y N 146 
HIS CE1 HE1  sing N N 147 
HIS NE2 HE2  sing N N 148 
HIS OXT HXT  sing N N 149 
HOH O   H1   sing N N 150 
HOH O   H2   sing N N 151 
ILE N   CA   sing N N 152 
ILE N   H    sing N N 153 
ILE N   H2   sing N N 154 
ILE CA  C    sing N N 155 
ILE CA  CB   sing N N 156 
ILE CA  HA   sing N N 157 
ILE C   O    doub N N 158 
ILE C   OXT  sing N N 159 
ILE CB  CG1  sing N N 160 
ILE CB  CG2  sing N N 161 
ILE CB  HB   sing N N 162 
ILE CG1 CD1  sing N N 163 
ILE CG1 HG12 sing N N 164 
ILE CG1 HG13 sing N N 165 
ILE CG2 HG21 sing N N 166 
ILE CG2 HG22 sing N N 167 
ILE CG2 HG23 sing N N 168 
ILE CD1 HD11 sing N N 169 
ILE CD1 HD12 sing N N 170 
ILE CD1 HD13 sing N N 171 
ILE OXT HXT  sing N N 172 
LEU N   CA   sing N N 173 
LEU N   H    sing N N 174 
LEU N   H2   sing N N 175 
LEU CA  C    sing N N 176 
LEU CA  CB   sing N N 177 
LEU CA  HA   sing N N 178 
LEU C   O    doub N N 179 
LEU C   OXT  sing N N 180 
LEU CB  CG   sing N N 181 
LEU CB  HB2  sing N N 182 
LEU CB  HB3  sing N N 183 
LEU CG  CD1  sing N N 184 
LEU CG  CD2  sing N N 185 
LEU CG  HG   sing N N 186 
LEU CD1 HD11 sing N N 187 
LEU CD1 HD12 sing N N 188 
LEU CD1 HD13 sing N N 189 
LEU CD2 HD21 sing N N 190 
LEU CD2 HD22 sing N N 191 
LEU CD2 HD23 sing N N 192 
LEU OXT HXT  sing N N 193 
LYS N   CA   sing N N 194 
LYS N   H    sing N N 195 
LYS N   H2   sing N N 196 
LYS CA  C    sing N N 197 
LYS CA  CB   sing N N 198 
LYS CA  HA   sing N N 199 
LYS C   O    doub N N 200 
LYS C   OXT  sing N N 201 
LYS CB  CG   sing N N 202 
LYS CB  HB2  sing N N 203 
LYS CB  HB3  sing N N 204 
LYS CG  CD   sing N N 205 
LYS CG  HG2  sing N N 206 
LYS CG  HG3  sing N N 207 
LYS CD  CE   sing N N 208 
LYS CD  HD2  sing N N 209 
LYS CD  HD3  sing N N 210 
LYS CE  NZ   sing N N 211 
LYS CE  HE2  sing N N 212 
LYS CE  HE3  sing N N 213 
LYS NZ  HZ1  sing N N 214 
LYS NZ  HZ2  sing N N 215 
LYS NZ  HZ3  sing N N 216 
LYS OXT HXT  sing N N 217 
MET N   CA   sing N N 218 
MET N   H    sing N N 219 
MET N   H2   sing N N 220 
MET CA  C    sing N N 221 
MET CA  CB   sing N N 222 
MET CA  HA   sing N N 223 
MET C   O    doub N N 224 
MET C   OXT  sing N N 225 
MET CB  CG   sing N N 226 
MET CB  HB2  sing N N 227 
MET CB  HB3  sing N N 228 
MET CG  SD   sing N N 229 
MET CG  HG2  sing N N 230 
MET CG  HG3  sing N N 231 
MET SD  CE   sing N N 232 
MET CE  HE1  sing N N 233 
MET CE  HE2  sing N N 234 
MET CE  HE3  sing N N 235 
MET OXT HXT  sing N N 236 
MTX N1  C2   doub Y N 237 
MTX N1  C8A  sing Y N 238 
MTX C2  NA2  sing N N 239 
MTX C2  N3   sing Y N 240 
MTX NA2 HN21 sing N N 241 
MTX NA2 HN22 sing N N 242 
MTX N3  C4   doub Y N 243 
MTX C4  NA4  sing N N 244 
MTX C4  C4A  sing Y N 245 
MTX NA4 HN41 sing N N 246 
MTX NA4 HN42 sing N N 247 
MTX C4A N5   sing Y N 248 
MTX C4A C8A  doub Y N 249 
MTX N5  C6   doub Y N 250 
MTX C6  C7   sing Y N 251 
MTX C6  C9   sing N N 252 
MTX C7  N8   doub Y N 253 
MTX C7  H7   sing N N 254 
MTX N8  C8A  sing Y N 255 
MTX C9  N10  sing N N 256 
MTX C9  H91  sing N N 257 
MTX C9  H92  sing N N 258 
MTX N10 CM   sing N N 259 
MTX N10 C14  sing N N 260 
MTX CM  HM1  sing N N 261 
MTX CM  HM2  sing N N 262 
MTX CM  HM3  sing N N 263 
MTX C11 C12  doub Y N 264 
MTX C11 C16  sing Y N 265 
MTX C11 C    sing N N 266 
MTX C12 C13  sing Y N 267 
MTX C12 H12  sing N N 268 
MTX C13 C14  doub Y N 269 
MTX C13 H13  sing N N 270 
MTX C14 C15  sing Y N 271 
MTX C15 C16  doub Y N 272 
MTX C15 H15  sing N N 273 
MTX C16 H16  sing N N 274 
MTX C   O    doub N N 275 
MTX C   N    sing N N 276 
MTX N   CA   sing N N 277 
MTX N   HN   sing N N 278 
MTX CA  CT   sing N N 279 
MTX CA  CB   sing N N 280 
MTX CA  HA   sing N N 281 
MTX CT  O1   doub N N 282 
MTX CT  O2   sing N N 283 
MTX O2  HO2  sing N N 284 
MTX CB  CG   sing N N 285 
MTX CB  HB1  sing N N 286 
MTX CB  HB2  sing N N 287 
MTX CG  CD   sing N N 288 
MTX CG  HG1  sing N N 289 
MTX CG  HG2  sing N N 290 
MTX CD  OE1  doub N N 291 
MTX CD  OE2  sing N N 292 
MTX OE2 HOE2 sing N N 293 
PHE N   CA   sing N N 294 
PHE N   H    sing N N 295 
PHE N   H2   sing N N 296 
PHE CA  C    sing N N 297 
PHE CA  CB   sing N N 298 
PHE CA  HA   sing N N 299 
PHE C   O    doub N N 300 
PHE C   OXT  sing N N 301 
PHE CB  CG   sing N N 302 
PHE CB  HB2  sing N N 303 
PHE CB  HB3  sing N N 304 
PHE CG  CD1  doub Y N 305 
PHE CG  CD2  sing Y N 306 
PHE CD1 CE1  sing Y N 307 
PHE CD1 HD1  sing N N 308 
PHE CD2 CE2  doub Y N 309 
PHE CD2 HD2  sing N N 310 
PHE CE1 CZ   doub Y N 311 
PHE CE1 HE1  sing N N 312 
PHE CE2 CZ   sing Y N 313 
PHE CE2 HE2  sing N N 314 
PHE CZ  HZ   sing N N 315 
PHE OXT HXT  sing N N 316 
PRO N   CA   sing N N 317 
PRO N   CD   sing N N 318 
PRO N   H    sing N N 319 
PRO CA  C    sing N N 320 
PRO CA  CB   sing N N 321 
PRO CA  HA   sing N N 322 
PRO C   O    doub N N 323 
PRO C   OXT  sing N N 324 
PRO CB  CG   sing N N 325 
PRO CB  HB2  sing N N 326 
PRO CB  HB3  sing N N 327 
PRO CG  CD   sing N N 328 
PRO CG  HG2  sing N N 329 
PRO CG  HG3  sing N N 330 
PRO CD  HD2  sing N N 331 
PRO CD  HD3  sing N N 332 
PRO OXT HXT  sing N N 333 
SER N   CA   sing N N 334 
SER N   H    sing N N 335 
SER N   H2   sing N N 336 
SER CA  C    sing N N 337 
SER CA  CB   sing N N 338 
SER CA  HA   sing N N 339 
SER C   O    doub N N 340 
SER C   OXT  sing N N 341 
SER CB  OG   sing N N 342 
SER CB  HB2  sing N N 343 
SER CB  HB3  sing N N 344 
SER OG  HG   sing N N 345 
SER OXT HXT  sing N N 346 
THR N   CA   sing N N 347 
THR N   H    sing N N 348 
THR N   H2   sing N N 349 
THR CA  C    sing N N 350 
THR CA  CB   sing N N 351 
THR CA  HA   sing N N 352 
THR C   O    doub N N 353 
THR C   OXT  sing N N 354 
THR CB  OG1  sing N N 355 
THR CB  CG2  sing N N 356 
THR CB  HB   sing N N 357 
THR OG1 HG1  sing N N 358 
THR CG2 HG21 sing N N 359 
THR CG2 HG22 sing N N 360 
THR CG2 HG23 sing N N 361 
THR OXT HXT  sing N N 362 
TRP N   CA   sing N N 363 
TRP N   H    sing N N 364 
TRP N   H2   sing N N 365 
TRP CA  C    sing N N 366 
TRP CA  CB   sing N N 367 
TRP CA  HA   sing N N 368 
TRP C   O    doub N N 369 
TRP C   OXT  sing N N 370 
TRP CB  CG   sing N N 371 
TRP CB  HB2  sing N N 372 
TRP CB  HB3  sing N N 373 
TRP CG  CD1  doub Y N 374 
TRP CG  CD2  sing Y N 375 
TRP CD1 NE1  sing Y N 376 
TRP CD1 HD1  sing N N 377 
TRP CD2 CE2  doub Y N 378 
TRP CD2 CE3  sing Y N 379 
TRP NE1 CE2  sing Y N 380 
TRP NE1 HE1  sing N N 381 
TRP CE2 CZ2  sing Y N 382 
TRP CE3 CZ3  doub Y N 383 
TRP CE3 HE3  sing N N 384 
TRP CZ2 CH2  doub Y N 385 
TRP CZ2 HZ2  sing N N 386 
TRP CZ3 CH2  sing Y N 387 
TRP CZ3 HZ3  sing N N 388 
TRP CH2 HH2  sing N N 389 
TRP OXT HXT  sing N N 390 
TYR N   CA   sing N N 391 
TYR N   H    sing N N 392 
TYR N   H2   sing N N 393 
TYR CA  C    sing N N 394 
TYR CA  CB   sing N N 395 
TYR CA  HA   sing N N 396 
TYR C   O    doub N N 397 
TYR C   OXT  sing N N 398 
TYR CB  CG   sing N N 399 
TYR CB  HB2  sing N N 400 
TYR CB  HB3  sing N N 401 
TYR CG  CD1  doub Y N 402 
TYR CG  CD2  sing Y N 403 
TYR CD1 CE1  sing Y N 404 
TYR CD1 HD1  sing N N 405 
TYR CD2 CE2  doub Y N 406 
TYR CD2 HD2  sing N N 407 
TYR CE1 CZ   doub Y N 408 
TYR CE1 HE1  sing N N 409 
TYR CE2 CZ   sing Y N 410 
TYR CE2 HE2  sing N N 411 
TYR CZ  OH   sing N N 412 
TYR OH  HH   sing N N 413 
TYR OXT HXT  sing N N 414 
VAL N   CA   sing N N 415 
VAL N   H    sing N N 416 
VAL N   H2   sing N N 417 
VAL CA  C    sing N N 418 
VAL CA  CB   sing N N 419 
VAL CA  HA   sing N N 420 
VAL C   O    doub N N 421 
VAL C   OXT  sing N N 422 
VAL CB  CG1  sing N N 423 
VAL CB  CG2  sing N N 424 
VAL CB  HB   sing N N 425 
VAL CG1 HG11 sing N N 426 
VAL CG1 HG12 sing N N 427 
VAL CG1 HG13 sing N N 428 
VAL CG2 HG21 sing N N 429 
VAL CG2 HG22 sing N N 430 
VAL CG2 HG23 sing N N 431 
VAL OXT HXT  sing N N 432 
# 
_pdbx_initial_refinement_model.id               1 
_pdbx_initial_refinement_model.entity_id_list   ? 
_pdbx_initial_refinement_model.type             'experimental model' 
_pdbx_initial_refinement_model.source_name      PDB 
_pdbx_initial_refinement_model.accession_code   1RA3 
_pdbx_initial_refinement_model.details          'PDB ENTRY 1RA3' 
# 
_atom_sites.entry_id                    1RG7 
_atom_sites.fract_transf_matrix[1][1]   0.00674020 
_atom_sites.fract_transf_matrix[1][2]   -0.01805884 
_atom_sites.fract_transf_matrix[1][3]   -0.01890772 
_atom_sites.fract_transf_matrix[2][1]   -0.01115622 
_atom_sites.fract_transf_matrix[2][2]   0.00602582 
_atom_sites.fract_transf_matrix[2][3]   -0.00973224 
_atom_sites.fract_transf_matrix[3][1]   0.01022737 
_atom_sites.fract_transf_matrix[3][2]   0.00976305 
_atom_sites.fract_transf_matrix[3][3]   -0.00567889 
_atom_sites.fract_transf_vector[1]      0.161954 
_atom_sites.fract_transf_vector[2]      0.398622 
_atom_sites.fract_transf_vector[3]      0.327482 
# 
loop_
_atom_type.symbol 
C 
N 
O 
S 
# 
loop_
_atom_site.group_PDB 
_atom_site.id 
_atom_site.type_symbol 
_atom_site.label_atom_id 
_atom_site.label_alt_id 
_atom_site.label_comp_id 
_atom_site.label_asym_id 
_atom_site.label_entity_id 
_atom_site.label_seq_id 
_atom_site.pdbx_PDB_ins_code 
_atom_site.Cartn_x 
_atom_site.Cartn_y 
_atom_site.Cartn_z 
_atom_site.occupancy 
_atom_site.B_iso_or_equiv 
_atom_site.pdbx_formal_charge 
_atom_site.auth_seq_id 
_atom_site.auth_comp_id 
_atom_site.auth_asym_id 
_atom_site.auth_atom_id 
_atom_site.pdbx_PDB_model_num 
ATOM   1    N N   . MET A 1 1   ? -13.984 -4.808  -4.860  1.00 9.24  ? 1   MET A N   1 
ATOM   2    C CA  . MET A 1 1   ? -12.815 -5.133  -5.682  1.00 13.74 ? 1   MET A CA  1 
ATOM   3    C C   . MET A 1 1   ? -11.549 -4.855  -4.823  1.00 8.01  ? 1   MET A C   1 
ATOM   4    O O   . MET A 1 1   ? -11.562 -4.327  -3.699  1.00 10.76 ? 1   MET A O   1 
ATOM   5    C CB  . MET A 1 1   ? -12.766 -4.136  -6.828  1.00 17.25 ? 1   MET A CB  1 
ATOM   6    C CG  . MET A 1 1   ? -12.645 -2.800  -6.136  1.00 32.57 ? 1   MET A CG  1 
ATOM   7    S SD  . MET A 1 1   ? -12.253 -1.422  -7.230  1.00 40.68 ? 1   MET A SD  1 
ATOM   8    C CE  . MET A 1 1   ? -13.182 -0.108  -6.389  1.00 45.61 ? 1   MET A CE  1 
ATOM   9    N N   . ILE A 1 2   ? -10.396 -5.213  -5.336  1.00 12.67 ? 2   ILE A N   1 
ATOM   10   C CA  . ILE A 1 2   ? -9.145  -5.000  -4.655  1.00 18.44 ? 2   ILE A CA  1 
ATOM   11   C C   . ILE A 1 2   ? -8.296  -3.890  -5.291  1.00 12.27 ? 2   ILE A C   1 
ATOM   12   O O   . ILE A 1 2   ? -8.152  -3.848  -6.550  1.00 4.79  ? 2   ILE A O   1 
ATOM   13   C CB  . ILE A 1 2   ? -8.357  -6.311  -4.722  1.00 15.60 ? 2   ILE A CB  1 
ATOM   14   C CG1 . ILE A 1 2   ? -9.155  -7.397  -3.994  1.00 15.19 ? 2   ILE A CG1 1 
ATOM   15   C CG2 . ILE A 1 2   ? -7.004  -6.155  -4.065  1.00 18.55 ? 2   ILE A CG2 1 
ATOM   16   C CD1 . ILE A 1 2   ? -8.579  -8.780  -4.277  1.00 14.53 ? 2   ILE A CD1 1 
ATOM   17   N N   . SER A 1 3   ? -7.733  -3.070  -4.384  1.00 7.23  ? 3   SER A N   1 
ATOM   18   C CA  . SER A 1 3   ? -6.860  -1.953  -4.766  1.00 16.52 ? 3   SER A CA  1 
ATOM   19   C C   . SER A 1 3   ? -5.511  -2.046  -4.069  1.00 13.99 ? 3   SER A C   1 
ATOM   20   O O   . SER A 1 3   ? -5.421  -2.488  -2.962  1.00 15.50 ? 3   SER A O   1 
ATOM   21   C CB  . SER A 1 3   ? -7.439  -0.631  -4.270  1.00 12.60 ? 3   SER A CB  1 
ATOM   22   O OG  . SER A 1 3   ? -8.738  -0.508  -4.826  1.00 15.78 ? 3   SER A OG  1 
ATOM   23   N N   . LEU A 1 4   ? -4.451  -1.594  -4.688  1.00 14.03 ? 4   LEU A N   1 
ATOM   24   C CA  . LEU A 1 4   ? -3.135  -1.595  -4.042  1.00 10.01 ? 4   LEU A CA  1 
ATOM   25   C C   . LEU A 1 4   ? -2.812  -0.102  -3.871  1.00 12.04 ? 4   LEU A C   1 
ATOM   26   O O   . LEU A 1 4   ? -3.186  0.708   -4.699  1.00 8.14  ? 4   LEU A O   1 
ATOM   27   C CB  . LEU A 1 4   ? -2.026  -2.270  -4.909  1.00 10.69 ? 4   LEU A CB  1 
ATOM   28   C CG  . LEU A 1 4   ? -1.875  -3.769  -4.797  1.00 10.61 ? 4   LEU A CG  1 
ATOM   29   C CD1 . LEU A 1 4   ? -3.175  -4.494  -5.069  1.00 20.59 ? 4   LEU A CD1 1 
ATOM   30   C CD2 . LEU A 1 4   ? -0.858  -4.258  -5.785  1.00 9.00  ? 4   LEU A CD2 1 
ATOM   31   N N   . ILE A 1 5   ? -2.128  0.264   -2.793  1.00 6.60  ? 5   ILE A N   1 
ATOM   32   C CA  . ILE A 1 5   ? -1.744  1.611   -2.516  1.00 5.13  ? 5   ILE A CA  1 
ATOM   33   C C   . ILE A 1 5   ? -0.275  1.493   -2.145  1.00 13.91 ? 5   ILE A C   1 
ATOM   34   O O   . ILE A 1 5   ? 0.103   0.707   -1.231  1.00 16.84 ? 5   ILE A O   1 
ATOM   35   C CB  . ILE A 1 5   ? -2.583  2.297   -1.445  1.00 3.08  ? 5   ILE A CB  1 
ATOM   36   C CG1 . ILE A 1 5   ? -2.103  3.719   -1.201  1.00 1.00  ? 5   ILE A CG1 1 
ATOM   37   C CG2 . ILE A 1 5   ? -2.574  1.530   -0.138  1.00 9.75  ? 5   ILE A CG2 1 
ATOM   38   C CD1 . ILE A 1 5   ? -3.179  4.605   -0.559  1.00 1.54  ? 5   ILE A CD1 1 
ATOM   39   N N   . ALA A 1 6   ? 0.592   2.246   -2.868  1.00 6.83  ? 6   ALA A N   1 
ATOM   40   C CA  . ALA A 1 6   ? 1.995   2.139   -2.525  1.00 5.23  ? 6   ALA A CA  1 
ATOM   41   C C   . ALA A 1 6   ? 2.743   3.416   -2.829  1.00 10.95 ? 6   ALA A C   1 
ATOM   42   O O   . ALA A 1 6   ? 2.288   4.191   -3.684  1.00 12.09 ? 6   ALA A O   1 
ATOM   43   C CB  . ALA A 1 6   ? 2.574   0.970   -3.308  1.00 1.00  ? 6   ALA A CB  1 
ATOM   44   N N   . ALA A 1 7   ? 3.861   3.615   -2.113  1.00 11.52 ? 7   ALA A N   1 
ATOM   45   C CA  . ALA A 1 7   ? 4.777   4.752   -2.286  1.00 12.72 ? 7   ALA A CA  1 
ATOM   46   C C   . ALA A 1 7   ? 5.960   4.193   -3.127  1.00 15.38 ? 7   ALA A C   1 
ATOM   47   O O   . ALA A 1 7   ? 6.602   3.148   -2.847  1.00 20.04 ? 7   ALA A O   1 
ATOM   48   C CB  . ALA A 1 7   ? 5.191   5.449   -0.997  1.00 10.73 ? 7   ALA A CB  1 
ATOM   49   N N   . LEU A 1 8   ? 6.281   4.855   -4.222  1.00 9.63  ? 8   LEU A N   1 
ATOM   50   C CA  . LEU A 1 8   ? 7.345   4.346   -5.054  1.00 10.69 ? 8   LEU A CA  1 
ATOM   51   C C   . LEU A 1 8   ? 8.432   5.392   -5.235  1.00 14.77 ? 8   LEU A C   1 
ATOM   52   O O   . LEU A 1 8   ? 8.118   6.590   -5.371  1.00 13.13 ? 8   LEU A O   1 
ATOM   53   C CB  . LEU A 1 8   ? 6.799   4.163   -6.476  1.00 15.30 ? 8   LEU A CB  1 
ATOM   54   C CG  . LEU A 1 8   ? 6.469   2.756   -6.917  1.00 21.22 ? 8   LEU A CG  1 
ATOM   55   C CD1 . LEU A 1 8   ? 5.586   2.089   -5.889  1.00 23.83 ? 8   LEU A CD1 1 
ATOM   56   C CD2 . LEU A 1 8   ? 5.755   2.851   -8.256  1.00 19.56 ? 8   LEU A CD2 1 
ATOM   57   N N   . ALA A 1 9   ? 9.680   4.908   -5.224  1.00 10.47 ? 9   ALA A N   1 
ATOM   58   C CA  . ALA A 1 9   ? 10.797  5.825   -5.423  1.00 16.10 ? 9   ALA A CA  1 
ATOM   59   C C   . ALA A 1 9   ? 11.264  5.618   -6.882  1.00 18.09 ? 9   ALA A C   1 
ATOM   60   O O   . ALA A 1 9   ? 10.685  4.773   -7.621  1.00 11.71 ? 9   ALA A O   1 
ATOM   61   C CB  . ALA A 1 9   ? 11.904  5.606   -4.382  1.00 13.49 ? 9   ALA A CB  1 
ATOM   62   N N   . VAL A 1 10  ? 12.305  6.337   -7.353  1.00 16.30 ? 10  VAL A N   1 
ATOM   63   C CA  . VAL A 1 10  ? 12.762  6.090   -8.738  1.00 14.93 ? 10  VAL A CA  1 
ATOM   64   C C   . VAL A 1 10  ? 13.095  4.609   -8.969  1.00 15.37 ? 10  VAL A C   1 
ATOM   65   O O   . VAL A 1 10  ? 13.564  3.888   -8.069  1.00 18.07 ? 10  VAL A O   1 
ATOM   66   C CB  . VAL A 1 10  ? 13.814  7.031   -9.270  1.00 18.84 ? 10  VAL A CB  1 
ATOM   67   C CG1 . VAL A 1 10  ? 14.937  6.460   -10.124 1.00 14.89 ? 10  VAL A CG1 1 
ATOM   68   C CG2 . VAL A 1 10  ? 13.519  8.517   -9.186  1.00 11.06 ? 10  VAL A CG2 1 
ATOM   69   N N   . ASP A 1 11  ? 12.778  4.160   -10.191 1.00 11.92 ? 11  ASP A N   1 
ATOM   70   C CA  . ASP A 1 11  ? 12.920  2.778   -10.639 1.00 19.94 ? 11  ASP A CA  1 
ATOM   71   C C   . ASP A 1 11  ? 11.950  1.780   -9.864  1.00 25.48 ? 11  ASP A C   1 
ATOM   72   O O   . ASP A 1 11  ? 12.138  0.546   -9.877  1.00 22.26 ? 11  ASP A O   1 
ATOM   73   C CB  . ASP A 1 11  ? 14.368  2.271   -10.659 1.00 26.01 ? 11  ASP A CB  1 
ATOM   74   C CG  . ASP A 1 11  ? 15.199  2.815   -11.784 1.00 39.57 ? 11  ASP A CG  1 
ATOM   75   O OD1 . ASP A 1 11  ? 14.826  3.076   -12.928 1.00 40.01 ? 11  ASP A OD1 1 
ATOM   76   O OD2 . ASP A 1 11  ? 16.412  2.964   -11.372 1.00 48.29 ? 11  ASP A OD2 1 
ATOM   77   N N   . ARG A 1 12  ? 10.915  2.302   -9.163  1.00 24.67 ? 12  ARG A N   1 
ATOM   78   C CA  . ARG A 1 12  ? 9.966   1.466   -8.412  1.00 25.68 ? 12  ARG A CA  1 
ATOM   79   C C   . ARG A 1 12  ? 10.469  0.856   -7.100  1.00 20.77 ? 12  ARG A C   1 
ATOM   80   O O   . ARG A 1 12  ? 9.902   -0.102  -6.551  1.00 17.79 ? 12  ARG A O   1 
ATOM   81   C CB  . ARG A 1 12  ? 9.285   0.414   -9.249  1.00 22.48 ? 12  ARG A CB  1 
ATOM   82   C CG  . ARG A 1 12  ? 8.651   0.869   -10.558 1.00 24.46 ? 12  ARG A CG  1 
ATOM   83   C CD  . ARG A 1 12  ? 7.671   -0.205  -11.051 1.00 44.78 ? 12  ARG A CD  1 
ATOM   84   N NE  . ARG A 1 12  ? 7.590   -0.418  -12.508 1.00 60.96 ? 12  ARG A NE  1 
ATOM   85   C CZ  . ARG A 1 12  ? 6.787   0.302   -13.336 1.00 72.85 ? 12  ARG A CZ  1 
ATOM   86   N NH1 . ARG A 1 12  ? 6.005   1.275   -12.865 1.00 76.84 ? 12  ARG A NH1 1 
ATOM   87   N NH2 . ARG A 1 12  ? 6.738   0.061   -14.665 1.00 74.86 ? 12  ARG A NH2 1 
ATOM   88   N N   . VAL A 1 13  ? 11.554  1.418   -6.579  1.00 21.07 ? 13  VAL A N   1 
ATOM   89   C CA  . VAL A 1 13  ? 12.032  0.901   -5.368  1.00 12.19 ? 13  VAL A CA  1 
ATOM   90   C C   . VAL A 1 13  ? 10.999  1.200   -4.299  1.00 15.95 ? 13  VAL A C   1 
ATOM   91   O O   . VAL A 1 13  ? 10.422  2.284   -4.227  1.00 15.03 ? 13  VAL A O   1 
ATOM   92   C CB  . VAL A 1 13  ? 13.366  1.526   -5.090  1.00 11.77 ? 13  VAL A CB  1 
ATOM   93   C CG1 . VAL A 1 13  ? 13.692  1.239   -3.650  1.00 13.42 ? 13  VAL A CG1 1 
ATOM   94   C CG2 . VAL A 1 13  ? 14.376  0.879   -6.026  1.00 1.00  ? 13  VAL A CG2 1 
ATOM   95   N N   . ILE A 1 14  ? 10.724  0.214   -3.423  1.00 19.09 ? 14  ILE A N   1 
ATOM   96   C CA  . ILE A 1 14  ? 9.732   0.446   -2.357  1.00 21.62 ? 14  ILE A CA  1 
ATOM   97   C C   . ILE A 1 14  ? 10.396  0.083   -1.063  1.00 18.68 ? 14  ILE A C   1 
ATOM   98   O O   . ILE A 1 14  ? 11.364  -0.621  -1.126  1.00 29.93 ? 14  ILE A O   1 
ATOM   99   C CB  . ILE A 1 14  ? 8.446   -0.384  -2.491  1.00 24.68 ? 14  ILE A CB  1 
ATOM   100  C CG1 . ILE A 1 14  ? 8.827   -1.857  -2.508  1.00 23.45 ? 14  ILE A CG1 1 
ATOM   101  C CG2 . ILE A 1 14  ? 7.640   0.050   -3.722  1.00 26.69 ? 14  ILE A CG2 1 
ATOM   102  C CD1 . ILE A 1 14  ? 7.639   -2.799  -2.620  1.00 21.10 ? 14  ILE A CD1 1 
ATOM   103  N N   . GLY A 1 15  ? 9.976   0.521   0.094   1.00 23.38 ? 15  GLY A N   1 
ATOM   104  C CA  . GLY A 1 15  ? 10.714  0.083   1.232   1.00 44.63 ? 15  GLY A CA  1 
ATOM   105  C C   . GLY A 1 15  ? 10.066  -1.134  1.909   1.00 60.55 ? 15  GLY A C   1 
ATOM   106  O O   . GLY A 1 15  ? 10.211  -1.154  3.093   1.00 70.40 ? 15  GLY A O   1 
ATOM   107  N N   . MET A 1 16  ? 9.372   -2.076  1.192   1.00 63.61 ? 16  MET A N   1 
ATOM   108  C CA  . MET A 1 16  ? 8.683   -3.301  1.665   1.00 66.90 ? 16  MET A CA  1 
ATOM   109  C C   . MET A 1 16  ? 8.700   -3.491  3.158   1.00 72.99 ? 16  MET A C   1 
ATOM   110  O O   . MET A 1 16  ? 9.583   -4.179  3.684   1.00 78.10 ? 16  MET A O   1 
ATOM   111  C CB  . MET A 1 16  ? 8.845   -4.620  0.888   1.00 64.43 ? 16  MET A CB  1 
ATOM   112  N N   . GLU A 1 17  ? 7.706   -2.851  3.794   1.00 74.09 ? 17  GLU A N   1 
ATOM   113  C CA  . GLU A 1 17  ? 7.436   -2.769  5.227   1.00 75.16 ? 17  GLU A CA  1 
ATOM   114  C C   . GLU A 1 17  ? 7.790   -1.323  5.660   1.00 74.74 ? 17  GLU A C   1 
ATOM   115  O O   . GLU A 1 17  ? 8.081   -1.036  6.828   1.00 75.30 ? 17  GLU A O   1 
ATOM   116  C CB  . GLU A 1 17  ? 8.203   -3.820  6.080   1.00 72.41 ? 17  GLU A CB  1 
ATOM   117  N N   . ASN A 1 18  ? 7.767   -0.413  4.658   1.00 73.45 ? 18  ASN A N   1 
ATOM   118  C CA  . ASN A 1 18  ? 8.107   1.015   4.790   1.00 68.89 ? 18  ASN A CA  1 
ATOM   119  C C   . ASN A 1 18  ? 7.321   1.997   3.899   1.00 63.84 ? 18  ASN A C   1 
ATOM   120  O O   . ASN A 1 18  ? 6.849   2.987   4.468   1.00 56.88 ? 18  ASN A O   1 
ATOM   121  C CB  . ASN A 1 18  ? 9.638   1.255   4.674   1.00 68.99 ? 18  ASN A CB  1 
ATOM   122  N N   . ALA A 1 19  ? 7.226   1.717   2.564   1.00 70.55 ? 19  ALA A N   1 
ATOM   123  C CA  . ALA A 1 19  ? 6.535   2.494   1.483   1.00 69.80 ? 19  ALA A CA  1 
ATOM   124  C C   . ALA A 1 19  ? 7.478   2.675   0.297   1.00 67.84 ? 19  ALA A C   1 
ATOM   125  O O   . ALA A 1 19  ? 8.101   1.745   -0.206  1.00 59.89 ? 19  ALA A O   1 
ATOM   126  C CB  . ALA A 1 19  ? 6.067   3.899   1.897   1.00 66.43 ? 19  ALA A CB  1 
ATOM   127  N N   . MET A 1 20  ? 7.556   3.939   -0.147  1.00 76.08 ? 20  MET A N   1 
ATOM   128  C CA  . MET A 1 20  ? 8.482   4.318   -1.182  1.00 67.79 ? 20  MET A CA  1 
ATOM   129  C C   . MET A 1 20  ? 9.410   4.501   -0.031  1.00 61.77 ? 20  MET A C   1 
ATOM   130  O O   . MET A 1 20  ? 9.164   5.395   0.811   1.00 61.37 ? 20  MET A O   1 
ATOM   131  C CB  . MET A 1 20  ? 8.223   5.670   -1.859  1.00 67.97 ? 20  MET A CB  1 
ATOM   132  N N   . PRO A 1 21  ? 10.350  3.582   0.037   1.00 57.77 ? 21  PRO A N   1 
ATOM   133  C CA  . PRO A 1 21  ? 11.337  3.469   1.064   1.00 59.82 ? 21  PRO A CA  1 
ATOM   134  C C   . PRO A 1 21  ? 11.199  4.277   2.356   1.00 68.94 ? 21  PRO A C   1 
ATOM   135  O O   . PRO A 1 21  ? 11.355  3.722   3.449   1.00 71.62 ? 21  PRO A O   1 
ATOM   136  C CB  . PRO A 1 21  ? 12.713  3.434   0.466   1.00 60.55 ? 21  PRO A CB  1 
ATOM   137  C CG  . PRO A 1 21  ? 12.479  3.659   -1.027  1.00 60.92 ? 21  PRO A CG  1 
ATOM   138  C CD  . PRO A 1 21  ? 10.980  3.853   -1.287  1.00 54.53 ? 21  PRO A CD  1 
ATOM   139  N N   . TRP A 1 22  ? 10.932  5.597   2.237   1.00 80.21 ? 22  TRP A N   1 
ATOM   140  C CA  . TRP A 1 22  ? 10.809  6.552   3.355   1.00 81.31 ? 22  TRP A CA  1 
ATOM   141  C C   . TRP A 1 22  ? 9.419   6.667   3.996   1.00 75.83 ? 22  TRP A C   1 
ATOM   142  O O   . TRP A 1 22  ? 8.558   5.765   3.889   1.00 77.56 ? 22  TRP A O   1 
ATOM   143  C CB  . TRP A 1 22  ? 11.386  7.961   2.966   1.00 80.08 ? 22  TRP A CB  1 
ATOM   144  C CG  . TRP A 1 22  ? 12.281  8.046   1.737   1.00 71.48 ? 22  TRP A CG  1 
ATOM   145  N N   . ASN A 1 23  ? 9.213   7.837   4.628   1.00 65.12 ? 23  ASN A N   1 
ATOM   146  C CA  . ASN A 1 23  ? 7.959   8.155   5.283   1.00 61.84 ? 23  ASN A CA  1 
ATOM   147  C C   . ASN A 1 23  ? 7.567   9.628   5.215   1.00 53.75 ? 23  ASN A C   1 
ATOM   148  O O   . ASN A 1 23  ? 7.496   10.339  6.234   1.00 55.19 ? 23  ASN A O   1 
ATOM   149  C CB  . ASN A 1 23  ? 7.835   7.604   6.705   1.00 70.66 ? 23  ASN A CB  1 
ATOM   150  C CG  . ASN A 1 23  ? 7.250   6.220   6.707   1.00 75.45 ? 23  ASN A CG  1 
ATOM   151  O OD1 . ASN A 1 23  ? 7.550   5.416   7.588   1.00 81.37 ? 23  ASN A OD1 1 
ATOM   152  N ND2 . ASN A 1 23  ? 6.427   5.938   5.705   1.00 77.12 ? 23  ASN A ND2 1 
ATOM   153  N N   . LEU A 1 24  ? 7.310   10.079  3.993   1.00 43.30 ? 24  LEU A N   1 
ATOM   154  C CA  . LEU A 1 24  ? 6.911   11.442  3.738   1.00 38.92 ? 24  LEU A CA  1 
ATOM   155  C C   . LEU A 1 24  ? 5.583   11.735  4.411   1.00 27.39 ? 24  LEU A C   1 
ATOM   156  O O   . LEU A 1 24  ? 4.619   11.019  4.228   1.00 23.33 ? 24  LEU A O   1 
ATOM   157  C CB  . LEU A 1 24  ? 6.763   11.675  2.227   1.00 45.91 ? 24  LEU A CB  1 
ATOM   158  C CG  . LEU A 1 24  ? 7.883   12.515  1.669   1.00 57.08 ? 24  LEU A CG  1 
ATOM   159  C CD1 . LEU A 1 24  ? 8.958   11.644  1.060   1.00 58.10 ? 24  LEU A CD1 1 
ATOM   160  C CD2 . LEU A 1 24  ? 7.295   13.455  0.638   1.00 67.29 ? 24  LEU A CD2 1 
ATOM   161  N N   . PRO A 1 25  ? 5.557   12.809  5.177   1.00 21.83 ? 25  PRO A N   1 
ATOM   162  C CA  . PRO A 1 25  ? 4.363   13.200  5.886   1.00 22.38 ? 25  PRO A CA  1 
ATOM   163  C C   . PRO A 1 25  ? 3.142   13.377  5.012   1.00 23.06 ? 25  PRO A C   1 
ATOM   164  O O   . PRO A 1 25  ? 2.054   12.888  5.349   1.00 22.85 ? 25  PRO A O   1 
ATOM   165  C CB  . PRO A 1 25  ? 4.710   14.441  6.692   1.00 24.38 ? 25  PRO A CB  1 
ATOM   166  C CG  . PRO A 1 25  ? 6.228   14.497  6.707   1.00 25.09 ? 25  PRO A CG  1 
ATOM   167  C CD  . PRO A 1 25  ? 6.748   13.569  5.624   1.00 19.14 ? 25  PRO A CD  1 
ATOM   168  N N   . ALA A 1 26  ? 3.330   14.079  3.888   1.00 14.56 ? 26  ALA A N   1 
ATOM   169  C CA  . ALA A 1 26  ? 2.217   14.298  2.962   1.00 8.59  ? 26  ALA A CA  1 
ATOM   170  C C   . ALA A 1 26  ? 1.677   12.973  2.410   1.00 5.38  ? 26  ALA A C   1 
ATOM   171  O O   . ALA A 1 26  ? 0.492   12.828  2.132   1.00 11.15 ? 26  ALA A O   1 
ATOM   172  C CB  . ALA A 1 26  ? 2.663   15.124  1.783   1.00 10.23 ? 26  ALA A CB  1 
ATOM   173  N N   . ASP A 1 27  ? 2.533   12.015  2.226   1.00 2.31  ? 27  ASP A N   1 
ATOM   174  C CA  . ASP A 1 27  ? 2.114   10.747  1.724   1.00 6.93  ? 27  ASP A CA  1 
ATOM   175  C C   . ASP A 1 27  ? 1.312   9.981   2.782   1.00 14.21 ? 27  ASP A C   1 
ATOM   176  O O   . ASP A 1 27  ? 0.291   9.330   2.520   1.00 12.39 ? 27  ASP A O   1 
ATOM   177  C CB  . ASP A 1 27  ? 3.324   9.933   1.278   1.00 5.32  ? 27  ASP A CB  1 
ATOM   178  C CG  . ASP A 1 27  ? 2.954   8.511   0.823   1.00 13.42 ? 27  ASP A CG  1 
ATOM   179  O OD1 . ASP A 1 27  ? 2.294   8.168   -0.146  1.00 8.40  ? 27  ASP A OD1 1 
ATOM   180  O OD2 . ASP A 1 27  ? 3.515   7.629   1.564   1.00 13.29 ? 27  ASP A OD2 1 
ATOM   181  N N   . LEU A 1 28  ? 1.766   10.051  4.038   1.00 15.10 ? 28  LEU A N   1 
ATOM   182  C CA  . LEU A 1 28  ? 1.031   9.316   5.078   1.00 17.16 ? 28  LEU A CA  1 
ATOM   183  C C   . LEU A 1 28  ? -0.376  9.843   5.210   1.00 15.88 ? 28  LEU A C   1 
ATOM   184  O O   . LEU A 1 28  ? -1.251  9.091   5.591   1.00 17.94 ? 28  LEU A O   1 
ATOM   185  C CB  . LEU A 1 28  ? 1.704   9.331   6.468   1.00 8.01  ? 28  LEU A CB  1 
ATOM   186  C CG  . LEU A 1 28  ? 3.055   8.642   6.462   1.00 21.45 ? 28  LEU A CG  1 
ATOM   187  C CD1 . LEU A 1 28  ? 3.599   8.736   7.892   1.00 23.54 ? 28  LEU A CD1 1 
ATOM   188  C CD2 . LEU A 1 28  ? 2.973   7.171   6.033   1.00 26.57 ? 28  LEU A CD2 1 
ATOM   189  N N   . ALA A 1 29  ? -0.550  11.134  4.876   1.00 14.63 ? 29  ALA A N   1 
ATOM   190  C CA  . ALA A 1 29  ? -1.836  11.819  4.942   1.00 11.16 ? 29  ALA A CA  1 
ATOM   191  C C   . ALA A 1 29  ? -2.753  11.329  3.850   1.00 12.76 ? 29  ALA A C   1 
ATOM   192  O O   . ALA A 1 29  ? -3.953  11.061  4.089   1.00 18.42 ? 29  ALA A O   1 
ATOM   193  C CB  . ALA A 1 29  ? -1.700  13.360  4.887   1.00 10.73 ? 29  ALA A CB  1 
ATOM   194  N N   . TRP A 1 30  ? -2.156  11.221  2.661   1.00 8.86  ? 30  TRP A N   1 
ATOM   195  C CA  . TRP A 1 30  ? -2.884  10.748  1.501   1.00 9.70  ? 30  TRP A CA  1 
ATOM   196  C C   . TRP A 1 30  ? -3.335  9.288   1.756   1.00 16.89 ? 30  TRP A C   1 
ATOM   197  O O   . TRP A 1 30  ? -4.441  8.827   1.422   1.00 13.71 ? 30  TRP A O   1 
ATOM   198  C CB  . TRP A 1 30  ? -1.832  10.704  0.402   1.00 4.12  ? 30  TRP A CB  1 
ATOM   199  C CG  . TRP A 1 30  ? -2.092  9.903   -0.814  1.00 7.44  ? 30  TRP A CG  1 
ATOM   200  C CD1 . TRP A 1 30  ? -1.478  8.745   -1.054  1.00 3.00  ? 30  TRP A CD1 1 
ATOM   201  C CD2 . TRP A 1 30  ? -2.979  10.155  -1.921  1.00 1.00  ? 30  TRP A CD2 1 
ATOM   202  N NE1 . TRP A 1 30  ? -1.888  8.226   -2.254  1.00 5.93  ? 30  TRP A NE1 1 
ATOM   203  C CE2 . TRP A 1 30  ? -2.823  9.079   -2.812  1.00 2.39  ? 30  TRP A CE2 1 
ATOM   204  C CE3 . TRP A 1 30  ? -3.880  11.167  -2.224  1.00 8.72  ? 30  TRP A CE3 1 
ATOM   205  C CZ2 . TRP A 1 30  ? -3.535  8.974   -4.033  1.00 7.92  ? 30  TRP A CZ2 1 
ATOM   206  C CZ3 . TRP A 1 30  ? -4.562  11.086  -3.419  1.00 7.12  ? 30  TRP A CZ3 1 
ATOM   207  C CH2 . TRP A 1 30  ? -4.416  10.010  -4.319  1.00 8.51  ? 30  TRP A CH2 1 
ATOM   208  N N   . PHE A 1 31  ? -2.398  8.542   2.358   1.00 16.02 ? 31  PHE A N   1 
ATOM   209  C CA  . PHE A 1 31  ? -2.596  7.147   2.673   1.00 11.57 ? 31  PHE A CA  1 
ATOM   210  C C   . PHE A 1 31  ? -3.764  7.013   3.636   1.00 16.51 ? 31  PHE A C   1 
ATOM   211  O O   . PHE A 1 31  ? -4.611  6.147   3.470   1.00 13.74 ? 31  PHE A O   1 
ATOM   212  C CB  . PHE A 1 31  ? -1.318  6.578   3.312   1.00 9.73  ? 31  PHE A CB  1 
ATOM   213  C CG  . PHE A 1 31  ? -1.480  5.207   3.970   1.00 6.71  ? 31  PHE A CG  1 
ATOM   214  C CD1 . PHE A 1 31  ? -1.377  4.041   3.208   1.00 8.86  ? 31  PHE A CD1 1 
ATOM   215  C CD2 . PHE A 1 31  ? -1.729  5.098   5.338   1.00 11.16 ? 31  PHE A CD2 1 
ATOM   216  C CE1 . PHE A 1 31  ? -1.494  2.788   3.800   1.00 19.44 ? 31  PHE A CE1 1 
ATOM   217  C CE2 . PHE A 1 31  ? -1.859  3.858   5.958   1.00 18.29 ? 31  PHE A CE2 1 
ATOM   218  C CZ  . PHE A 1 31  ? -1.742  2.711   5.173   1.00 18.55 ? 31  PHE A CZ  1 
ATOM   219  N N   . LYS A 1 32  ? -3.819  7.837   4.660   1.00 14.18 ? 32  LYS A N   1 
ATOM   220  C CA  . LYS A 1 32  ? -4.920  7.709   5.593   1.00 15.25 ? 32  LYS A CA  1 
ATOM   221  C C   . LYS A 1 32  ? -6.205  8.021   4.919   1.00 16.47 ? 32  LYS A C   1 
ATOM   222  O O   . LYS A 1 32  ? -7.149  7.273   5.004   1.00 15.52 ? 32  LYS A O   1 
ATOM   223  C CB  . LYS A 1 32  ? -4.681  8.630   6.723   1.00 14.25 ? 32  LYS A CB  1 
ATOM   224  C CG  . LYS A 1 32  ? -5.740  8.690   7.795   1.00 22.26 ? 32  LYS A CG  1 
ATOM   225  C CD  . LYS A 1 32  ? -5.149  9.612   8.844   1.00 27.64 ? 32  LYS A CD  1 
ATOM   226  C CE  . LYS A 1 32  ? -6.047  10.177  9.921   1.00 41.62 ? 32  LYS A CE  1 
ATOM   227  N NZ  . LYS A 1 32  ? -5.232  10.963  10.883  1.00 52.08 ? 32  LYS A NZ  1 
ATOM   228  N N   . ARG A 1 33  ? -6.215  9.140   4.223   1.00 14.82 ? 33  ARG A N   1 
ATOM   229  C CA  . ARG A 1 33  ? -7.405  9.522   3.511   1.00 13.14 ? 33  ARG A CA  1 
ATOM   230  C C   . ARG A 1 33  ? -7.955  8.443   2.611   1.00 16.27 ? 33  ARG A C   1 
ATOM   231  O O   . ARG A 1 33  ? -9.153  8.236   2.503   1.00 13.13 ? 33  ARG A O   1 
ATOM   232  C CB  . ARG A 1 33  ? -7.080  10.562  2.479   1.00 20.28 ? 33  ARG A CB  1 
ATOM   233  C CG  . ARG A 1 33  ? -6.729  11.947  2.978   1.00 33.83 ? 33  ARG A CG  1 
ATOM   234  C CD  . ARG A 1 33  ? -6.423  12.803  1.734   1.00 40.30 ? 33  ARG A CD  1 
ATOM   235  N NE  . ARG A 1 33  ? -7.447  12.559  0.704   1.00 49.96 ? 33  ARG A NE  1 
ATOM   236  C CZ  . ARG A 1 33  ? -7.683  13.313  -0.379  1.00 59.44 ? 33  ARG A CZ  1 
ATOM   237  N NH1 . ARG A 1 33  ? -6.974  14.415  -0.655  1.00 65.62 ? 33  ARG A NH1 1 
ATOM   238  N NH2 . ARG A 1 33  ? -8.666  12.956  -1.207  1.00 58.14 ? 33  ARG A NH2 1 
ATOM   239  N N   . ASN A 1 34  ? -7.079  7.770   1.912   1.00 9.43  ? 34  ASN A N   1 
ATOM   240  C CA  . ASN A 1 34  ? -7.593  6.760   1.025   1.00 10.15 ? 34  ASN A CA  1 
ATOM   241  C C   . ASN A 1 34  ? -7.835  5.391   1.639   1.00 14.50 ? 34  ASN A C   1 
ATOM   242  O O   . ASN A 1 34  ? -8.280  4.529   0.904   1.00 15.39 ? 34  ASN A O   1 
ATOM   243  C CB  . ASN A 1 34  ? -6.670  6.541   -0.225  1.00 12.22 ? 34  ASN A CB  1 
ATOM   244  C CG  . ASN A 1 34  ? -6.720  7.761   -1.150  1.00 14.03 ? 34  ASN A CG  1 
ATOM   245  O OD1 . ASN A 1 34  ? -7.766  8.119   -1.718  1.00 15.49 ? 34  ASN A OD1 1 
ATOM   246  N ND2 . ASN A 1 34  ? -5.704  8.603   -1.022  1.00 18.73 ? 34  ASN A ND2 1 
ATOM   247  N N   . THR A 1 35  ? -7.510  5.130   2.910   1.00 19.78 ? 35  THR A N   1 
ATOM   248  C CA  . THR A 1 35  ? -7.707  3.781   3.428   1.00 10.90 ? 35  THR A CA  1 
ATOM   249  C C   . THR A 1 35  ? -8.661  3.799   4.560   1.00 12.45 ? 35  THR A C   1 
ATOM   250  O O   . THR A 1 35  ? -9.060  2.790   5.074   1.00 20.58 ? 35  THR A O   1 
ATOM   251  C CB  . THR A 1 35  ? -6.396  3.217   4.032   1.00 7.30  ? 35  THR A CB  1 
ATOM   252  O OG1 . THR A 1 35  ? -5.910  4.177   4.943   1.00 4.10  ? 35  THR A OG1 1 
ATOM   253  C CG2 . THR A 1 35  ? -5.387  2.882   2.919   1.00 9.00  ? 35  THR A CG2 1 
ATOM   254  N N   . LEU A 1 36  ? -9.015  4.946   4.985   1.00 13.29 ? 36  LEU A N   1 
ATOM   255  C CA  . LEU A 1 36  ? -9.937  4.964   6.113   1.00 17.82 ? 36  LEU A CA  1 
ATOM   256  C C   . LEU A 1 36  ? -11.311 4.319   5.836   1.00 20.90 ? 36  LEU A C   1 
ATOM   257  O O   . LEU A 1 36  ? -11.878 4.503   4.753   1.00 16.50 ? 36  LEU A O   1 
ATOM   258  C CB  . LEU A 1 36  ? -10.106 6.404   6.452   1.00 16.87 ? 36  LEU A CB  1 
ATOM   259  C CG  . LEU A 1 36  ? -10.561 6.599   7.873   1.00 30.48 ? 36  LEU A CG  1 
ATOM   260  C CD1 . LEU A 1 36  ? -9.389  6.503   8.836   1.00 26.08 ? 36  LEU A CD1 1 
ATOM   261  C CD2 . LEU A 1 36  ? -11.161 7.985   7.940   1.00 36.85 ? 36  LEU A CD2 1 
ATOM   262  N N   . ASP A 1 37  ? -11.858 3.549   6.808   1.00 17.34 ? 37  ASP A N   1 
ATOM   263  C CA  . ASP A 1 37  ? -13.154 2.885   6.664   1.00 14.23 ? 37  ASP A CA  1 
ATOM   264  C C   . ASP A 1 37  ? -13.153 1.768   5.674   1.00 16.52 ? 37  ASP A C   1 
ATOM   265  O O   . ASP A 1 37  ? -14.231 1.362   5.173   1.00 20.04 ? 37  ASP A O   1 
ATOM   266  C CB  . ASP A 1 37  ? -14.304 3.859   6.276   1.00 16.92 ? 37  ASP A CB  1 
ATOM   267  C CG  . ASP A 1 37  ? -14.427 4.945   7.313   1.00 30.61 ? 37  ASP A CG  1 
ATOM   268  O OD1 . ASP A 1 37  ? -14.164 4.752   8.483   1.00 36.33 ? 37  ASP A OD1 1 
ATOM   269  O OD2 . ASP A 1 37  ? -14.742 6.129   6.835   1.00 37.08 ? 37  ASP A OD2 1 
ATOM   270  N N   . LYS A 1 38  ? -11.968 1.278   5.370   1.00 6.52  ? 38  LYS A N   1 
ATOM   271  C CA  . LYS A 1 38  ? -11.895 0.183   4.434   1.00 1.00  ? 38  LYS A CA  1 
ATOM   272  C C   . LYS A 1 38  ? -11.007 -0.795  5.128   1.00 2.72  ? 38  LYS A C   1 
ATOM   273  O O   . LYS A 1 38  ? -10.271 -0.444  6.020   1.00 12.42 ? 38  LYS A O   1 
ATOM   274  C CB  . LYS A 1 38  ? -11.204 0.539   3.113   1.00 7.36  ? 38  LYS A CB  1 
ATOM   275  C CG  . LYS A 1 38  ? -11.823 1.735   2.426   1.00 11.11 ? 38  LYS A CG  1 
ATOM   276  C CD  . LYS A 1 38  ? -11.212 2.009   1.069   1.00 15.92 ? 38  LYS A CD  1 
ATOM   277  C CE  . LYS A 1 38  ? -11.497 3.430   0.612   1.00 18.18 ? 38  LYS A CE  1 
ATOM   278  N NZ  . LYS A 1 38  ? -10.908 3.748   -0.699  1.00 20.32 ? 38  LYS A NZ  1 
ATOM   279  N N   . PRO A 1 39  ? -11.038 -2.010  4.729   1.00 10.38 ? 39  PRO A N   1 
ATOM   280  C CA  . PRO A 1 39  ? -10.175 -2.987  5.344   1.00 16.87 ? 39  PRO A CA  1 
ATOM   281  C C   . PRO A 1 39  ? -8.850  -2.879  4.630   1.00 16.48 ? 39  PRO A C   1 
ATOM   282  O O   . PRO A 1 39  ? -8.896  -2.608  3.419   1.00 15.31 ? 39  PRO A O   1 
ATOM   283  C CB  . PRO A 1 39  ? -10.771 -4.380  5.012   1.00 15.61 ? 39  PRO A CB  1 
ATOM   284  C CG  . PRO A 1 39  ? -11.878 -4.160  3.998   1.00 12.87 ? 39  PRO A CG  1 
ATOM   285  C CD  . PRO A 1 39  ? -12.046 -2.649  3.857   1.00 14.46 ? 39  PRO A CD  1 
ATOM   286  N N   . VAL A 1 40  ? -7.748  -3.093  5.373   1.00 16.46 ? 40  VAL A N   1 
ATOM   287  C CA  . VAL A 1 40  ? -6.380  -3.037  4.843   1.00 14.93 ? 40  VAL A CA  1 
ATOM   288  C C   . VAL A 1 40  ? -5.720  -4.349  5.122   1.00 13.79 ? 40  VAL A C   1 
ATOM   289  O O   . VAL A 1 40  ? -5.816  -4.872  6.212   1.00 12.36 ? 40  VAL A O   1 
ATOM   290  C CB  . VAL A 1 40  ? -5.521  -1.974  5.505   1.00 14.15 ? 40  VAL A CB  1 
ATOM   291  C CG1 . VAL A 1 40  ? -6.128  -0.597  5.188   1.00 8.33  ? 40  VAL A CG1 1 
ATOM   292  C CG2 . VAL A 1 40  ? -5.606  -2.212  7.004   1.00 15.31 ? 40  VAL A CG2 1 
ATOM   293  N N   . ILE A 1 41  ? -5.079  -4.860  4.108   1.00 11.32 ? 41  ILE A N   1 
ATOM   294  C CA  . ILE A 1 41  ? -4.348  -6.104  4.128   1.00 14.10 ? 41  ILE A CA  1 
ATOM   295  C C   . ILE A 1 41  ? -2.857  -5.771  4.031   1.00 17.47 ? 41  ILE A C   1 
ATOM   296  O O   . ILE A 1 41  ? -2.426  -5.004  3.159   1.00 14.89 ? 41  ILE A O   1 
ATOM   297  C CB  . ILE A 1 41  ? -4.789  -6.978  2.981   1.00 9.95  ? 41  ILE A CB  1 
ATOM   298  C CG1 . ILE A 1 41  ? -6.271  -7.394  3.149   1.00 11.37 ? 41  ILE A CG1 1 
ATOM   299  C CG2 . ILE A 1 41  ? -3.914  -8.207  3.026   1.00 6.11  ? 41  ILE A CG2 1 
ATOM   300  C CD1 . ILE A 1 41  ? -6.845  -8.216  1.994   1.00 5.83  ? 41  ILE A CD1 1 
ATOM   301  N N   . MET A 1 42  ? -2.052  -6.328  4.925   1.00 21.76 ? 42  MET A N   1 
ATOM   302  C CA  . MET A 1 42  ? -0.603  -6.074  4.958   1.00 14.29 ? 42  MET A CA  1 
ATOM   303  C C   . MET A 1 42  ? 0.151   -7.301  5.430   1.00 15.71 ? 42  MET A C   1 
ATOM   304  O O   . MET A 1 42  ? -0.401  -8.162  6.079   1.00 23.11 ? 42  MET A O   1 
ATOM   305  C CB  . MET A 1 42  ? -0.289  -4.900  5.924   1.00 7.27  ? 42  MET A CB  1 
ATOM   306  C CG  . MET A 1 42  ? -0.685  -5.249  7.363   1.00 7.93  ? 42  MET A CG  1 
ATOM   307  S SD  . MET A 1 42  ? -0.565  -3.953  8.625   1.00 17.47 ? 42  MET A SD  1 
ATOM   308  C CE  . MET A 1 42  ? -2.239  -3.324  8.906   1.00 11.05 ? 42  MET A CE  1 
ATOM   309  N N   . GLY A 1 43  ? 1.428   -7.409  5.102   1.00 13.07 ? 43  GLY A N   1 
ATOM   310  C CA  . GLY A 1 43  ? 2.228   -8.534  5.546   1.00 13.06 ? 43  GLY A CA  1 
ATOM   311  C C   . GLY A 1 43  ? 2.781   -8.177  6.929   1.00 12.15 ? 43  GLY A C   1 
ATOM   312  O O   . GLY A 1 43  ? 2.670   -7.044  7.454   1.00 12.34 ? 43  GLY A O   1 
ATOM   313  N N   . ARG A 1 44  ? 3.404   -9.160  7.576   1.00 23.85 ? 44  ARG A N   1 
ATOM   314  C CA  . ARG A 1 44  ? 3.940   -8.992  8.913   1.00 22.36 ? 44  ARG A CA  1 
ATOM   315  C C   . ARG A 1 44  ? 4.889   -7.831  9.155   1.00 14.83 ? 44  ARG A C   1 
ATOM   316  O O   . ARG A 1 44  ? 4.818   -7.089  10.161  1.00 14.99 ? 44  ARG A O   1 
ATOM   317  C CB  . ARG A 1 44  ? 4.461   -10.325 9.448   1.00 27.84 ? 44  ARG A CB  1 
ATOM   318  C CG  . ARG A 1 44  ? 4.734   -10.326 10.959  1.00 37.83 ? 44  ARG A CG  1 
ATOM   319  C CD  . ARG A 1 44  ? 4.428   -11.654 11.690  1.00 43.22 ? 44  ARG A CD  1 
ATOM   320  N NE  . ARG A 1 44  ? 4.103   -11.453 13.112  1.00 50.30 ? 44  ARG A NE  1 
ATOM   321  C CZ  . ARG A 1 44  ? 3.500   -12.325 13.939  1.00 54.76 ? 44  ARG A CZ  1 
ATOM   322  N NH1 . ARG A 1 44  ? 3.120   -13.540 13.496  1.00 61.53 ? 44  ARG A NH1 1 
ATOM   323  N NH2 . ARG A 1 44  ? 3.274   -11.961 15.237  1.00 47.36 ? 44  ARG A NH2 1 
ATOM   324  N N   . HIS A 1 45  ? 5.803   -7.675  8.227   1.00 16.89 ? 45  HIS A N   1 
ATOM   325  C CA  . HIS A 1 45  ? 6.747   -6.589  8.438   1.00 26.01 ? 45  HIS A CA  1 
ATOM   326  C C   . HIS A 1 45  ? 6.139   -5.246  8.502   1.00 22.73 ? 45  HIS A C   1 
ATOM   327  O O   . HIS A 1 45  ? 6.487   -4.495  9.429   1.00 24.93 ? 45  HIS A O   1 
ATOM   328  C CB  . HIS A 1 45  ? 8.017   -6.543  7.555   1.00 35.32 ? 45  HIS A CB  1 
ATOM   329  C CG  . HIS A 1 45  ? 8.701   -7.911  7.555   1.00 54.45 ? 45  HIS A CG  1 
ATOM   330  N ND1 . HIS A 1 45  ? 8.623   -8.824  8.751   1.00 62.41 ? 45  HIS A ND1 1 
ATOM   331  C CD2 . HIS A 1 45  ? 9.458   -8.568  6.508   1.00 58.36 ? 45  HIS A CD2 1 
ATOM   332  C CE1 . HIS A 1 45  ? 9.328   -9.970  8.365   1.00 62.93 ? 45  HIS A CE1 1 
ATOM   333  N NE2 . HIS A 1 45  ? 9.834   -9.851  7.044   1.00 59.94 ? 45  HIS A NE2 1 
ATOM   334  N N   . THR A 1 46  ? 5.278   -5.012  7.497   1.00 12.91 ? 46  THR A N   1 
ATOM   335  C CA  . THR A 1 46  ? 4.607   -3.743  7.415   1.00 10.30 ? 46  THR A CA  1 
ATOM   336  C C   . THR A 1 46  ? 3.892   -3.515  8.730   1.00 16.49 ? 46  THR A C   1 
ATOM   337  O O   . THR A 1 46  ? 3.857   -2.414  9.280   1.00 24.11 ? 46  THR A O   1 
ATOM   338  C CB  . THR A 1 46  ? 3.673   -3.672  6.205   1.00 11.19 ? 46  THR A CB  1 
ATOM   339  O OG1 . THR A 1 46  ? 4.396   -4.024  5.081   1.00 19.66 ? 46  THR A OG1 1 
ATOM   340  C CG2 . THR A 1 46  ? 2.983   -2.305  6.052   1.00 8.87  ? 46  THR A CG2 1 
ATOM   341  N N   . TRP A 1 47  ? 3.306   -4.586  9.272   1.00 15.12 ? 47  TRP A N   1 
ATOM   342  C CA  . TRP A 1 47  ? 2.589   -4.463  10.571  1.00 14.71 ? 47  TRP A CA  1 
ATOM   343  C C   . TRP A 1 47  ? 3.564   -3.983  11.706  1.00 14.16 ? 47  TRP A C   1 
ATOM   344  O O   . TRP A 1 47  ? 3.361   -3.092  12.615  1.00 18.19 ? 47  TRP A O   1 
ATOM   345  C CB  . TRP A 1 47  ? 2.074   -5.895  10.933  1.00 17.05 ? 47  TRP A CB  1 
ATOM   346  C CG  . TRP A 1 47  ? 1.735   -6.054  12.381  1.00 11.60 ? 47  TRP A CG  1 
ATOM   347  C CD1 . TRP A 1 47  ? 2.373   -6.869  13.241  1.00 9.07  ? 47  TRP A CD1 1 
ATOM   348  C CD2 . TRP A 1 47  ? 0.706   -5.369  13.116  1.00 9.47  ? 47  TRP A CD2 1 
ATOM   349  N NE1 . TRP A 1 47  ? 1.780   -6.724  14.473  1.00 12.34 ? 47  TRP A NE1 1 
ATOM   350  C CE2 . TRP A 1 47  ? 0.761   -5.825  14.430  1.00 10.73 ? 47  TRP A CE2 1 
ATOM   351  C CE3 . TRP A 1 47  ? -0.270  -4.428  12.786  1.00 19.27 ? 47  TRP A CE3 1 
ATOM   352  C CZ2 . TRP A 1 47  ? -0.102  -5.373  15.411  1.00 13.94 ? 47  TRP A CZ2 1 
ATOM   353  C CZ3 . TRP A 1 47  ? -1.134  -3.954  13.753  1.00 21.56 ? 47  TRP A CZ3 1 
ATOM   354  C CH2 . TRP A 1 47  ? -1.052  -4.425  15.070  1.00 18.51 ? 47  TRP A CH2 1 
ATOM   355  N N   . GLU A 1 48  ? 4.660   -4.641  11.628  1.00 8.35  ? 48  GLU A N   1 
ATOM   356  C CA  . GLU A 1 48  ? 5.683   -4.350  12.538  1.00 25.10 ? 48  GLU A CA  1 
ATOM   357  C C   . GLU A 1 48  ? 6.112   -2.912  12.364  1.00 29.88 ? 48  GLU A C   1 
ATOM   358  O O   . GLU A 1 48  ? 6.223   -2.211  13.351  1.00 30.93 ? 48  GLU A O   1 
ATOM   359  C CB  . GLU A 1 48  ? 6.826   -5.293  12.254  1.00 32.67 ? 48  GLU A CB  1 
ATOM   360  C CG  . GLU A 1 48  ? 6.608   -6.411  13.262  1.00 39.78 ? 48  GLU A CG  1 
ATOM   361  C CD  . GLU A 1 48  ? 7.246   -7.706  12.881  1.00 49.99 ? 48  GLU A CD  1 
ATOM   362  O OE1 . GLU A 1 48  ? 8.280   -7.590  12.015  1.00 51.45 ? 48  GLU A OE1 1 
ATOM   363  O OE2 . GLU A 1 48  ? 6.830   -8.747  13.407  1.00 58.10 ? 48  GLU A OE2 1 
ATOM   364  N N   . SER A 1 49  ? 6.311   -2.467  11.140  1.00 30.25 ? 49  SER A N   1 
ATOM   365  C CA  . SER A 1 49  ? 6.710   -1.093  10.976  1.00 26.20 ? 49  SER A CA  1 
ATOM   366  C C   . SER A 1 49  ? 5.710   -0.161  11.553  1.00 22.40 ? 49  SER A C   1 
ATOM   367  O O   . SER A 1 49  ? 6.008   0.802   12.252  1.00 43.35 ? 49  SER A O   1 
ATOM   368  C CB  . SER A 1 49  ? 6.890   -0.765  9.531   1.00 37.91 ? 49  SER A CB  1 
ATOM   369  O OG  . SER A 1 49  ? 8.061   -1.414  9.091   1.00 43.84 ? 49  SER A OG  1 
ATOM   370  N N   . ILE A 1 50  ? 4.497   -0.447  11.248  1.00 21.08 ? 50  ILE A N   1 
ATOM   371  C CA  . ILE A 1 50  ? 3.434   0.384   11.745  1.00 21.98 ? 50  ILE A CA  1 
ATOM   372  C C   . ILE A 1 50  ? 3.327   0.363   13.242  1.00 28.58 ? 50  ILE A C   1 
ATOM   373  O O   . ILE A 1 50  ? 3.076   1.402   13.806  1.00 30.42 ? 50  ILE A O   1 
ATOM   374  C CB  . ILE A 1 50  ? 2.140   0.067   11.094  1.00 18.42 ? 50  ILE A CB  1 
ATOM   375  C CG1 . ILE A 1 50  ? 2.287   0.464   9.660   1.00 13.67 ? 50  ILE A CG1 1 
ATOM   376  C CG2 . ILE A 1 50  ? 1.118   0.912   11.794  1.00 19.25 ? 50  ILE A CG2 1 
ATOM   377  C CD1 . ILE A 1 50  ? 1.158   -0.212  8.892   1.00 18.66 ? 50  ILE A CD1 1 
ATOM   378  N N   . GLY A 1 51  ? 3.508   -0.803  13.866  1.00 34.12 ? 51  GLY A N   1 
ATOM   379  C CA  . GLY A 1 51  ? 3.464   -0.930  15.320  1.00 30.33 ? 51  GLY A CA  1 
ATOM   380  C C   . GLY A 1 51  ? 2.175   -0.820  16.134  1.00 30.76 ? 51  GLY A C   1 
ATOM   381  O O   . GLY A 1 51  ? 2.178   -0.963  17.338  1.00 37.27 ? 51  GLY A O   1 
ATOM   382  N N   . ARG A 1 52  ? 1.044   -0.578  15.539  1.00 37.13 ? 52  ARG A N   1 
ATOM   383  C CA  . ARG A 1 52  ? -0.224  -0.484  16.282  1.00 36.88 ? 52  ARG A CA  1 
ATOM   384  C C   . ARG A 1 52  ? -1.377  -0.597  15.294  1.00 34.23 ? 52  ARG A C   1 
ATOM   385  O O   . ARG A 1 52  ? -1.174  -0.517  14.079  1.00 34.81 ? 52  ARG A O   1 
ATOM   386  C CB  . ARG A 1 52  ? -0.415  0.782   17.132  1.00 32.59 ? 52  ARG A CB  1 
ATOM   387  C CG  . ARG A 1 52  ? -0.312  2.015   16.261  1.00 44.13 ? 52  ARG A CG  1 
ATOM   388  C CD  . ARG A 1 52  ? -1.414  3.044   16.424  1.00 56.72 ? 52  ARG A CD  1 
ATOM   389  N NE  . ARG A 1 52  ? -1.439  4.017   15.308  1.00 67.14 ? 52  ARG A NE  1 
ATOM   390  C CZ  . ARG A 1 52  ? -2.364  4.992   15.168  1.00 72.66 ? 52  ARG A CZ  1 
ATOM   391  N NH1 . ARG A 1 52  ? -3.351  5.140   16.060  1.00 78.12 ? 52  ARG A NH1 1 
ATOM   392  N NH2 . ARG A 1 52  ? -2.313  5.841   14.128  1.00 67.06 ? 52  ARG A NH2 1 
ATOM   393  N N   . PRO A 1 53  ? -2.593  -0.780  15.775  1.00 32.81 ? 53  PRO A N   1 
ATOM   394  C CA  . PRO A 1 53  ? -3.657  -0.875  14.819  1.00 30.71 ? 53  PRO A CA  1 
ATOM   395  C C   . PRO A 1 53  ? -3.920  0.449   14.174  1.00 25.69 ? 53  PRO A C   1 
ATOM   396  O O   . PRO A 1 53  ? -3.925  1.510   14.789  1.00 16.65 ? 53  PRO A O   1 
ATOM   397  C CB  . PRO A 1 53  ? -4.916  -1.290  15.565  1.00 24.54 ? 53  PRO A CB  1 
ATOM   398  C CG  . PRO A 1 53  ? -4.474  -1.729  16.956  1.00 26.01 ? 53  PRO A CG  1 
ATOM   399  C CD  . PRO A 1 53  ? -3.002  -1.326  17.094  1.00 31.51 ? 53  PRO A CD  1 
ATOM   400  N N   . LEU A 1 54  ? -4.143  0.364   12.898  1.00 20.93 ? 54  LEU A N   1 
ATOM   401  C CA  . LEU A 1 54  ? -4.431  1.605   12.222  1.00 24.64 ? 54  LEU A CA  1 
ATOM   402  C C   . LEU A 1 54  ? -5.879  1.880   12.539  1.00 19.28 ? 54  LEU A C   1 
ATOM   403  O O   . LEU A 1 54  ? -6.746  1.112   12.193  1.00 17.45 ? 54  LEU A O   1 
ATOM   404  C CB  . LEU A 1 54  ? -4.259  1.522   10.665  1.00 23.16 ? 54  LEU A CB  1 
ATOM   405  C CG  . LEU A 1 54  ? -2.800  1.520   10.190  1.00 22.89 ? 54  LEU A CG  1 
ATOM   406  C CD1 . LEU A 1 54  ? -2.733  1.175   8.711   1.00 25.07 ? 54  LEU A CD1 1 
ATOM   407  C CD2 . LEU A 1 54  ? -2.154  2.883   10.423  1.00 15.25 ? 54  LEU A CD2 1 
ATOM   408  N N   . PRO A 1 55  ? -6.155  2.973   13.172  1.00 23.25 ? 55  PRO A N   1 
ATOM   409  C CA  . PRO A 1 55  ? -7.504  3.325   13.512  1.00 20.92 ? 55  PRO A CA  1 
ATOM   410  C C   . PRO A 1 55  ? -8.456  3.596   12.343  1.00 25.49 ? 55  PRO A C   1 
ATOM   411  O O   . PRO A 1 55  ? -8.100  4.134   11.334  1.00 25.20 ? 55  PRO A O   1 
ATOM   412  C CB  . PRO A 1 55  ? -7.400  4.604   14.344  1.00 28.83 ? 55  PRO A CB  1 
ATOM   413  C CG  . PRO A 1 55  ? -5.973  5.103   14.199  1.00 29.84 ? 55  PRO A CG  1 
ATOM   414  C CD  . PRO A 1 55  ? -5.154  4.002   13.548  1.00 30.03 ? 55  PRO A CD  1 
ATOM   415  N N   . GLY A 1 56  ? -9.720  3.231   12.500  1.00 25.68 ? 56  GLY A N   1 
ATOM   416  C CA  . GLY A 1 56  ? -10.765 3.449   11.497  1.00 18.33 ? 56  GLY A CA  1 
ATOM   417  C C   . GLY A 1 56  ? -10.806 2.492   10.335  1.00 16.73 ? 56  GLY A C   1 
ATOM   418  O O   . GLY A 1 56  ? -11.597 2.692   9.387   1.00 17.07 ? 56  GLY A O   1 
ATOM   419  N N   . ARG A 1 57  ? -9.970  1.453   10.406  1.00 15.00 ? 57  ARG A N   1 
ATOM   420  C CA  . ARG A 1 57  ? -9.869  0.462   9.381   1.00 18.35 ? 57  ARG A CA  1 
ATOM   421  C C   . ARG A 1 57  ? -9.831  -0.911  10.043  1.00 21.37 ? 57  ARG A C   1 
ATOM   422  O O   . ARG A 1 57  ? -9.485  -1.025  11.192  1.00 16.93 ? 57  ARG A O   1 
ATOM   423  C CB  . ARG A 1 57  ? -8.517  0.634   8.659   1.00 13.13 ? 57  ARG A CB  1 
ATOM   424  C CG  . ARG A 1 57  ? -8.567  1.745   7.618   1.00 25.08 ? 57  ARG A CG  1 
ATOM   425  C CD  . ARG A 1 57  ? -7.237  2.525   7.464   1.00 21.58 ? 57  ARG A CD  1 
ATOM   426  N NE  . ARG A 1 57  ? -7.005  3.373   8.620   1.00 18.43 ? 57  ARG A NE  1 
ATOM   427  C CZ  . ARG A 1 57  ? -6.057  4.286   8.792   1.00 16.79 ? 57  ARG A CZ  1 
ATOM   428  N NH1 . ARG A 1 57  ? -5.142  4.540   7.864   1.00 12.18 ? 57  ARG A NH1 1 
ATOM   429  N NH2 . ARG A 1 57  ? -6.046  4.956   9.955   1.00 12.49 ? 57  ARG A NH2 1 
ATOM   430  N N   . LYS A 1 58  ? -10.184 -1.938  9.294   1.00 19.31 ? 58  LYS A N   1 
ATOM   431  C CA  . LYS A 1 58  ? -10.155 -3.290  9.791   1.00 17.21 ? 58  LYS A CA  1 
ATOM   432  C C   . LYS A 1 58  ? -8.822  -3.751  9.282   1.00 11.39 ? 58  LYS A C   1 
ATOM   433  O O   . LYS A 1 58  ? -8.621  -3.806  8.082   1.00 11.96 ? 58  LYS A O   1 
ATOM   434  C CB  . LYS A 1 58  ? -11.258 -4.143  9.158   1.00 23.88 ? 58  LYS A CB  1 
ATOM   435  C CG  . LYS A 1 58  ? -11.114 -5.635  9.527   1.00 35.65 ? 58  LYS A CG  1 
ATOM   436  C CD  . LYS A 1 58  ? -12.258 -6.545  9.043   1.00 34.78 ? 58  LYS A CD  1 
ATOM   437  C CE  . LYS A 1 58  ? -12.381 -7.853  9.813   1.00 37.56 ? 58  LYS A CE  1 
ATOM   438  N NZ  . LYS A 1 58  ? -13.126 -8.891  9.087   1.00 43.97 ? 58  LYS A NZ  1 
ATOM   439  N N   . ASN A 1 59  ? -7.927  -4.035  10.211  1.00 10.11 ? 59  ASN A N   1 
ATOM   440  C CA  . ASN A 1 59  ? -6.547  -4.495  9.997   1.00 16.09 ? 59  ASN A CA  1 
ATOM   441  C C   . ASN A 1 59  ? -6.464  -6.013  9.899   1.00 19.25 ? 59  ASN A C   1 
ATOM   442  O O   . ASN A 1 59  ? -6.785  -6.707  10.842  1.00 20.08 ? 59  ASN A O   1 
ATOM   443  C CB  . ASN A 1 59  ? -5.596  -4.010  11.146  1.00 6.55  ? 59  ASN A CB  1 
ATOM   444  C CG  . ASN A 1 59  ? -5.521  -2.492  11.388  1.00 14.43 ? 59  ASN A CG  1 
ATOM   445  O OD1 . ASN A 1 59  ? -4.442  -1.906  11.584  1.00 23.52 ? 59  ASN A OD1 1 
ATOM   446  N ND2 . ASN A 1 59  ? -6.660  -1.823  11.499  1.00 14.66 ? 59  ASN A ND2 1 
ATOM   447  N N   . ILE A 1 60  ? -6.024  -6.503  8.755   1.00 8.96  ? 60  ILE A N   1 
ATOM   448  C CA  . ILE A 1 60  ? -5.866  -7.890  8.471   1.00 5.27  ? 60  ILE A CA  1 
ATOM   449  C C   . ILE A 1 60  ? -4.415  -8.174  8.188   1.00 9.00  ? 60  ILE A C   1 
ATOM   450  O O   . ILE A 1 60  ? -3.892  -7.680  7.183   1.00 20.40 ? 60  ILE A O   1 
ATOM   451  C CB  . ILE A 1 60  ? -6.706  -8.136  7.238   1.00 1.02  ? 60  ILE A CB  1 
ATOM   452  C CG1 . ILE A 1 60  ? -8.161  -8.067  7.659   1.00 4.40  ? 60  ILE A CG1 1 
ATOM   453  C CG2 . ILE A 1 60  ? -6.350  -9.474  6.680   1.00 6.56  ? 60  ILE A CG2 1 
ATOM   454  C CD1 . ILE A 1 60  ? -9.138  -8.004  6.491   1.00 5.55  ? 60  ILE A CD1 1 
ATOM   455  N N   . ILE A 1 61  ? -3.726  -8.951  9.023   1.00 13.85 ? 61  ILE A N   1 
ATOM   456  C CA  . ILE A 1 61  ? -2.283  -9.287  8.802   1.00 13.95 ? 61  ILE A CA  1 
ATOM   457  C C   . ILE A 1 61  ? -2.122  -10.657 8.247   1.00 11.23 ? 61  ILE A C   1 
ATOM   458  O O   . ILE A 1 61  ? -2.588  -11.597 8.883   1.00 18.03 ? 61  ILE A O   1 
ATOM   459  C CB  . ILE A 1 61  ? -1.450  -9.126  10.044  1.00 19.05 ? 61  ILE A CB  1 
ATOM   460  C CG1 . ILE A 1 61  ? -1.494  -7.668  10.475  1.00 19.22 ? 61  ILE A CG1 1 
ATOM   461  C CG2 . ILE A 1 61  ? -0.011  -9.512  9.727   1.00 15.86 ? 61  ILE A CG2 1 
ATOM   462  C CD1 . ILE A 1 61  ? -2.594  -7.339  11.454  1.00 17.59 ? 61  ILE A CD1 1 
ATOM   463  N N   . LEU A 1 62  ? -1.499  -10.711 7.067   1.00 8.47  ? 62  LEU A N   1 
ATOM   464  C CA  . LEU A 1 62  ? -1.247  -11.899 6.323   1.00 16.18 ? 62  LEU A CA  1 
ATOM   465  C C   . LEU A 1 62  ? 0.098   -12.401 6.770   1.00 21.95 ? 62  LEU A C   1 
ATOM   466  O O   . LEU A 1 62  ? 1.109   -11.783 6.501   1.00 23.80 ? 62  LEU A O   1 
ATOM   467  C CB  . LEU A 1 62  ? -1.327  -11.604 4.819   1.00 13.73 ? 62  LEU A CB  1 
ATOM   468  C CG  . LEU A 1 62  ? -1.183  -12.840 3.947   1.00 19.75 ? 62  LEU A CG  1 
ATOM   469  C CD1 . LEU A 1 62  ? -2.068  -14.042 4.340   1.00 16.12 ? 62  LEU A CD1 1 
ATOM   470  C CD2 . LEU A 1 62  ? -1.591  -12.391 2.576   1.00 25.53 ? 62  LEU A CD2 1 
ATOM   471  N N   . SER A 1 63  ? 0.100   -13.524 7.466   1.00 28.46 ? 63  SER A N   1 
ATOM   472  C CA  . SER A 1 63  ? 1.355   -14.045 7.964   1.00 29.63 ? 63  SER A CA  1 
ATOM   473  C C   . SER A 1 63  ? 1.253   -15.520 8.301   1.00 23.82 ? 63  SER A C   1 
ATOM   474  O O   . SER A 1 63  ? 0.221   -15.970 8.763   1.00 21.27 ? 63  SER A O   1 
ATOM   475  C CB  . SER A 1 63  ? 1.677   -13.187 9.187   1.00 30.06 ? 63  SER A CB  1 
ATOM   476  O OG  . SER A 1 63  ? 2.324   -13.914 10.198  1.00 30.91 ? 63  SER A OG  1 
ATOM   477  N N   . SER A 1 64  ? 2.328   -16.257 8.070   1.00 27.74 ? 64  SER A N   1 
ATOM   478  C CA  . SER A 1 64  ? 2.352   -17.704 8.341   1.00 37.32 ? 64  SER A CA  1 
ATOM   479  C C   . SER A 1 64  ? 2.406   -18.086 9.820   1.00 38.48 ? 64  SER A C   1 
ATOM   480  O O   . SER A 1 64  ? 2.076   -19.219 10.221  1.00 36.22 ? 64  SER A O   1 
ATOM   481  C CB  . SER A 1 64  ? 3.517   -18.347 7.597   1.00 50.61 ? 64  SER A CB  1 
ATOM   482  O OG  . SER A 1 64  ? 4.564   -17.381 7.509   1.00 59.24 ? 64  SER A OG  1 
ATOM   483  N N   . GLN A 1 65  ? 2.852   -17.095 10.589  1.00 38.13 ? 65  GLN A N   1 
ATOM   484  C CA  . GLN A 1 65  ? 3.031   -17.149 12.011  1.00 36.51 ? 65  GLN A CA  1 
ATOM   485  C C   . GLN A 1 65  ? 1.844   -16.568 12.818  1.00 39.75 ? 65  GLN A C   1 
ATOM   486  O O   . GLN A 1 65  ? 1.161   -15.675 12.339  1.00 40.76 ? 65  GLN A O   1 
ATOM   487  C CB  . GLN A 1 65  ? 4.356   -16.432 12.254  1.00 33.41 ? 65  GLN A CB  1 
ATOM   488  C CG  . GLN A 1 65  ? 4.736   -16.411 13.764  1.00 50.99 ? 65  GLN A CG  1 
ATOM   489  C CD  . GLN A 1 65  ? 6.056   -15.559 14.068  1.00 60.91 ? 65  GLN A CD  1 
ATOM   490  O OE1 . GLN A 1 65  ? 6.599   -15.487 15.279  1.00 68.06 ? 65  GLN A OE1 1 
ATOM   491  N NE2 . GLN A 1 65  ? 6.650   -14.910 12.969  1.00 58.18 ? 65  GLN A NE2 1 
ATOM   492  N N   . PRO A 1 66  ? 1.591   -17.087 14.030  1.00 50.01 ? 66  PRO A N   1 
ATOM   493  C CA  . PRO A 1 66  ? 0.502   -16.655 14.905  1.00 45.46 ? 66  PRO A CA  1 
ATOM   494  C C   . PRO A 1 66  ? 0.620   -15.224 15.310  1.00 35.47 ? 66  PRO A C   1 
ATOM   495  O O   . PRO A 1 66  ? 1.735   -14.728 15.452  1.00 34.63 ? 66  PRO A O   1 
ATOM   496  C CB  . PRO A 1 66  ? 0.687   -17.457 16.194  1.00 46.90 ? 66  PRO A CB  1 
ATOM   497  C CG  . PRO A 1 66  ? 1.641   -18.600 15.908  1.00 47.32 ? 66  PRO A CG  1 
ATOM   498  C CD  . PRO A 1 66  ? 2.360   -18.221 14.636  1.00 51.86 ? 66  PRO A CD  1 
ATOM   499  N N   . GLY A 1 67  ? -0.525  -14.608 15.511  1.00 28.87 ? 67  GLY A N   1 
ATOM   500  C CA  . GLY A 1 67  ? -0.549  -13.220 15.891  1.00 27.25 ? 67  GLY A CA  1 
ATOM   501  C C   . GLY A 1 67  ? -0.210  -12.969 17.310  1.00 24.80 ? 67  GLY A C   1 
ATOM   502  O O   . GLY A 1 67  ? -0.209  -13.864 18.121  1.00 29.84 ? 67  GLY A O   1 
ATOM   503  N N   . THR A 1 68  ? 0.066   -11.733 17.606  1.00 14.58 ? 68  THR A N   1 
ATOM   504  C CA  . THR A 1 68  ? 0.398   -11.337 18.940  1.00 7.56  ? 68  THR A CA  1 
ATOM   505  C C   . THR A 1 68  ? -0.369  -10.131 19.377  1.00 7.76  ? 68  THR A C   1 
ATOM   506  O O   . THR A 1 68  ? 0.027   -9.418  20.296  1.00 19.87 ? 68  THR A O   1 
ATOM   507  C CB  . THR A 1 68  ? 1.880   -11.249 19.297  1.00 16.72 ? 68  THR A CB  1 
ATOM   508  O OG1 . THR A 1 68  ? 2.499   -10.289 18.469  1.00 30.55 ? 68  THR A OG1 1 
ATOM   509  C CG2 . THR A 1 68  ? 2.492   -12.637 19.182  1.00 17.69 ? 68  THR A CG2 1 
ATOM   510  N N   . ASP A 1 69  ? -1.523  -9.914  18.763  1.00 10.23 ? 69  ASP A N   1 
ATOM   511  C CA  . ASP A 1 69  ? -2.372  -8.772  19.114  1.00 13.30 ? 69  ASP A CA  1 
ATOM   512  C C   . ASP A 1 69  ? -3.813  -9.112  18.743  1.00 18.35 ? 69  ASP A C   1 
ATOM   513  O O   . ASP A 1 69  ? -4.142  -9.309  17.581  1.00 20.18 ? 69  ASP A O   1 
ATOM   514  C CB  . ASP A 1 69  ? -1.965  -7.448  18.396  1.00 9.04  ? 69  ASP A CB  1 
ATOM   515  C CG  . ASP A 1 69  ? -2.666  -6.221  18.937  1.00 9.55  ? 69  ASP A CG  1 
ATOM   516  O OD1 . ASP A 1 69  ? -3.823  -6.168  19.153  1.00 17.82 ? 69  ASP A OD1 1 
ATOM   517  O OD2 . ASP A 1 69  ? -1.954  -5.154  19.047  1.00 16.68 ? 69  ASP A OD2 1 
ATOM   518  N N   . ASP A 1 70  ? -4.674  -9.191  19.753  1.00 22.19 ? 70  ASP A N   1 
ATOM   519  C CA  . ASP A 1 70  ? -6.073  -9.527  19.555  1.00 17.08 ? 70  ASP A CA  1 
ATOM   520  C C   . ASP A 1 70  ? -6.868  -8.405  18.945  1.00 17.20 ? 70  ASP A C   1 
ATOM   521  O O   . ASP A 1 70  ? -8.009  -8.561  18.629  1.00 20.21 ? 70  ASP A O   1 
ATOM   522  C CB  . ASP A 1 70  ? -6.718  -10.031 20.875  1.00 18.91 ? 70  ASP A CB  1 
ATOM   523  C CG  . ASP A 1 70  ? -6.127  -11.366 21.323  1.00 23.09 ? 70  ASP A CG  1 
ATOM   524  O OD1 . ASP A 1 70  ? -5.573  -12.202 20.559  1.00 25.50 ? 70  ASP A OD1 1 
ATOM   525  O OD2 . ASP A 1 70  ? -6.199  -11.487 22.636  1.00 18.64 ? 70  ASP A OD2 1 
ATOM   526  N N   . ARG A 1 71  ? -6.296  -7.254  18.776  1.00 17.35 ? 71  ARG A N   1 
ATOM   527  C CA  . ARG A 1 71  ? -7.060  -6.163  18.202  1.00 9.74  ? 71  ARG A CA  1 
ATOM   528  C C   . ARG A 1 71  ? -7.085  -6.218  16.689  1.00 14.33 ? 71  ARG A C   1 
ATOM   529  O O   . ARG A 1 71  ? -7.766  -5.414  16.074  1.00 20.09 ? 71  ARG A O   1 
ATOM   530  C CB  . ARG A 1 71  ? -6.544  -4.790  18.615  1.00 1.90  ? 71  ARG A CB  1 
ATOM   531  C CG  . ARG A 1 71  ? -6.564  -4.557  20.098  1.00 8.61  ? 71  ARG A CG  1 
ATOM   532  C CD  . ARG A 1 71  ? -5.708  -3.364  20.525  1.00 9.86  ? 71  ARG A CD  1 
ATOM   533  N NE  . ARG A 1 71  ? -4.310  -3.567  20.145  1.00 12.37 ? 71  ARG A NE  1 
ATOM   534  C CZ  . ARG A 1 71  ? -3.314  -2.763  20.517  1.00 13.97 ? 71  ARG A CZ  1 
ATOM   535  N NH1 . ARG A 1 71  ? -3.538  -1.706  21.275  1.00 15.35 ? 71  ARG A NH1 1 
ATOM   536  N NH2 . ARG A 1 71  ? -2.060  -3.034  20.123  1.00 8.84  ? 71  ARG A NH2 1 
ATOM   537  N N   . VAL A 1 72  ? -6.353  -7.129  16.059  1.00 11.90 ? 72  VAL A N   1 
ATOM   538  C CA  . VAL A 1 72  ? -6.398  -7.146  14.592  1.00 8.24  ? 72  VAL A CA  1 
ATOM   539  C C   . VAL A 1 72  ? -6.684  -8.570  14.124  1.00 19.43 ? 72  VAL A C   1 
ATOM   540  O O   . VAL A 1 72  ? -6.714  -9.479  14.938  1.00 16.43 ? 72  VAL A O   1 
ATOM   541  C CB  . VAL A 1 72  ? -5.071  -6.625  14.011  1.00 8.79  ? 72  VAL A CB  1 
ATOM   542  C CG1 . VAL A 1 72  ? -4.836  -5.183  14.522  1.00 4.15  ? 72  VAL A CG1 1 
ATOM   543  C CG2 . VAL A 1 72  ? -3.988  -7.524  14.551  1.00 7.27  ? 72  VAL A CG2 1 
ATOM   544  N N   . THR A 1 73  ? -6.873  -8.776  12.826  1.00 18.25 ? 73  THR A N   1 
ATOM   545  C CA  . THR A 1 73  ? -7.130  -10.089 12.325  1.00 1.20  ? 73  THR A CA  1 
ATOM   546  C C   . THR A 1 73  ? -5.917  -10.648 11.728  1.00 12.22 ? 73  THR A C   1 
ATOM   547  O O   . THR A 1 73  ? -5.309  -9.978  10.900  1.00 11.18 ? 73  THR A O   1 
ATOM   548  C CB  . THR A 1 73  ? -8.164  -9.983  11.234  1.00 9.34  ? 73  THR A CB  1 
ATOM   549  O OG1 . THR A 1 73  ? -9.289  -9.414  11.834  1.00 16.41 ? 73  THR A OG1 1 
ATOM   550  C CG2 . THR A 1 73  ? -8.497  -11.345 10.663  1.00 8.39  ? 73  THR A CG2 1 
ATOM   551  N N   . TRP A 1 74  ? -5.570  -11.874 12.147  1.00 10.69 ? 74  TRP A N   1 
ATOM   552  C CA  . TRP A 1 74  ? -4.376  -12.560 11.654  1.00 17.55 ? 74  TRP A CA  1 
ATOM   553  C C   . TRP A 1 74  ? -4.818  -13.625 10.695  1.00 20.64 ? 74  TRP A C   1 
ATOM   554  O O   . TRP A 1 74  ? -5.740  -14.348 11.066  1.00 27.35 ? 74  TRP A O   1 
ATOM   555  C CB  . TRP A 1 74  ? -3.632  -13.147 12.870  1.00 10.44 ? 74  TRP A CB  1 
ATOM   556  C CG  . TRP A 1 74  ? -3.155  -12.074 13.796  1.00 11.26 ? 74  TRP A CG  1 
ATOM   557  C CD1 . TRP A 1 74  ? -3.771  -11.533 14.871  1.00 12.09 ? 74  TRP A CD1 1 
ATOM   558  C CD2 . TRP A 1 74  ? -1.912  -11.423 13.666  1.00 6.78  ? 74  TRP A CD2 1 
ATOM   559  N NE1 . TRP A 1 74  ? -2.984  -10.592 15.454  1.00 7.12  ? 74  TRP A NE1 1 
ATOM   560  C CE2 . TRP A 1 74  ? -1.821  -10.516 14.703  1.00 8.60  ? 74  TRP A CE2 1 
ATOM   561  C CE3 . TRP A 1 74  ? -0.870  -11.601 12.751  1.00 9.61  ? 74  TRP A CE3 1 
ATOM   562  C CZ2 . TRP A 1 74  ? -0.689  -9.739  14.841  1.00 14.03 ? 74  TRP A CZ2 1 
ATOM   563  C CZ3 . TRP A 1 74  ? 0.242   -10.838 12.896  1.00 13.45 ? 74  TRP A CZ3 1 
ATOM   564  C CH2 . TRP A 1 74  ? 0.329   -9.918  13.936  1.00 8.49  ? 74  TRP A CH2 1 
ATOM   565  N N   . VAL A 1 75  ? -4.203  -13.727 9.502   1.00 12.95 ? 75  VAL A N   1 
ATOM   566  C CA  . VAL A 1 75  ? -4.653  -14.708 8.566   1.00 13.52 ? 75  VAL A CA  1 
ATOM   567  C C   . VAL A 1 75  ? -3.457  -15.309 7.951   1.00 15.78 ? 75  VAL A C   1 
ATOM   568  O O   . VAL A 1 75  ? -2.411  -14.677 7.891   1.00 16.58 ? 75  VAL A O   1 
ATOM   569  C CB  . VAL A 1 75  ? -5.618  -14.154 7.465   1.00 15.75 ? 75  VAL A CB  1 
ATOM   570  C CG1 . VAL A 1 75  ? -6.915  -13.609 8.024   1.00 13.40 ? 75  VAL A CG1 1 
ATOM   571  C CG2 . VAL A 1 75  ? -4.951  -13.081 6.613   1.00 11.69 ? 75  VAL A CG2 1 
ATOM   572  N N   . LYS A 1 76  ? -3.636  -16.550 7.519   1.00 14.21 ? 76  LYS A N   1 
ATOM   573  C CA  . LYS A 1 76  ? -2.507  -17.185 6.957   1.00 22.17 ? 76  LYS A CA  1 
ATOM   574  C C   . LYS A 1 76  ? -2.555  -17.413 5.461   1.00 28.12 ? 76  LYS A C   1 
ATOM   575  O O   . LYS A 1 76  ? -1.641  -17.993 4.913   1.00 31.60 ? 76  LYS A O   1 
ATOM   576  C CB  . LYS A 1 76  ? -2.116  -18.382 7.824   1.00 25.70 ? 76  LYS A CB  1 
ATOM   577  C CG  . LYS A 1 76  ? -3.008  -19.577 7.548   1.00 42.43 ? 76  LYS A CG  1 
ATOM   578  C CD  . LYS A 1 76  ? -2.470  -20.927 8.044   1.00 55.78 ? 76  LYS A CD  1 
ATOM   579  C CE  . LYS A 1 76  ? -2.701  -21.168 9.547   1.00 63.61 ? 76  LYS A CE  1 
ATOM   580  N NZ  . LYS A 1 76  ? -2.008  -20.230 10.473  1.00 62.75 ? 76  LYS A NZ  1 
ATOM   581  N N   . SER A 1 77  ? -3.612  -16.981 4.764   1.00 27.18 ? 77  SER A N   1 
ATOM   582  C CA  . SER A 1 77  ? -3.655  -17.201 3.343   1.00 13.45 ? 77  SER A CA  1 
ATOM   583  C C   . SER A 1 77  ? -4.392  -16.067 2.639   1.00 9.95  ? 77  SER A C   1 
ATOM   584  O O   . SER A 1 77  ? -5.172  -15.371 3.215   1.00 10.16 ? 77  SER A O   1 
ATOM   585  C CB  . SER A 1 77  ? -4.216  -18.560 2.950   1.00 8.27  ? 77  SER A CB  1 
ATOM   586  O OG  . SER A 1 77  ? -5.582  -18.605 3.247   1.00 20.43 ? 77  SER A OG  1 
ATOM   587  N N   . VAL A 1 78  ? -4.129  -15.873 1.369   1.00 9.69  ? 78  VAL A N   1 
ATOM   588  C CA  . VAL A 1 78  ? -4.827  -14.835 0.666   1.00 13.21 ? 78  VAL A CA  1 
ATOM   589  C C   . VAL A 1 78  ? -6.337  -15.211 0.713   1.00 18.24 ? 78  VAL A C   1 
ATOM   590  O O   . VAL A 1 78  ? -7.174  -14.361 0.782   1.00 15.59 ? 78  VAL A O   1 
ATOM   591  C CB  . VAL A 1 78  ? -4.400  -14.897 -0.794  1.00 19.39 ? 78  VAL A CB  1 
ATOM   592  C CG1 . VAL A 1 78  ? -5.373  -14.099 -1.660  1.00 21.23 ? 78  VAL A CG1 1 
ATOM   593  C CG2 . VAL A 1 78  ? -3.018  -14.314 -0.963  1.00 21.01 ? 78  VAL A CG2 1 
ATOM   594  N N   . ASP A 1 79  ? -6.711  -16.503 0.696   1.00 15.02 ? 79  ASP A N   1 
ATOM   595  C CA  . ASP A 1 79  ? -8.121  -16.802 0.736   1.00 10.95 ? 79  ASP A CA  1 
ATOM   596  C C   . ASP A 1 79  ? -8.778  -16.296 1.971   1.00 7.93  ? 79  ASP A C   1 
ATOM   597  O O   . ASP A 1 79  ? -9.893  -15.751 1.993   1.00 6.10  ? 79  ASP A O   1 
ATOM   598  C CB  . ASP A 1 79  ? -8.366  -18.303 0.661   1.00 7.41  ? 79  ASP A CB  1 
ATOM   599  C CG  . ASP A 1 79  ? -7.493  -18.947 -0.337  1.00 10.63 ? 79  ASP A CG  1 
ATOM   600  O OD1 . ASP A 1 79  ? -6.326  -19.069 -0.209  1.00 16.98 ? 79  ASP A OD1 1 
ATOM   601  O OD2 . ASP A 1 79  ? -8.097  -19.344 -1.390  1.00 14.69 ? 79  ASP A OD2 1 
ATOM   602  N N   . GLU A 1 80  ? -8.074  -16.513 3.048   1.00 11.47 ? 80  GLU A N   1 
ATOM   603  C CA  . GLU A 1 80  ? -8.652  -16.074 4.293   1.00 11.45 ? 80  GLU A CA  1 
ATOM   604  C C   . GLU A 1 80  ? -8.699  -14.600 4.419   1.00 6.44  ? 80  GLU A C   1 
ATOM   605  O O   . GLU A 1 80  ? -9.599  -14.048 5.022   1.00 5.95  ? 80  GLU A O   1 
ATOM   606  C CB  . GLU A 1 80  ? -7.871  -16.575 5.508   1.00 11.54 ? 80  GLU A CB  1 
ATOM   607  C CG  . GLU A 1 80  ? -8.025  -18.056 5.784   1.00 24.00 ? 80  GLU A CG  1 
ATOM   608  C CD  . GLU A 1 80  ? -7.087  -18.385 6.889   1.00 35.72 ? 80  GLU A CD  1 
ATOM   609  O OE1 . GLU A 1 80  ? -6.991  -17.462 7.779   1.00 33.59 ? 80  GLU A OE1 1 
ATOM   610  O OE2 . GLU A 1 80  ? -6.465  -19.401 6.941   1.00 54.80 ? 80  GLU A OE2 1 
ATOM   611  N N   . ALA A 1 81  ? -7.682  -13.957 3.841   1.00 8.19  ? 81  ALA A N   1 
ATOM   612  C CA  . ALA A 1 81  ? -7.588  -12.511 3.916   1.00 9.88  ? 81  ALA A CA  1 
ATOM   613  C C   . ALA A 1 81  ? -8.798  -11.891 3.317   1.00 8.15  ? 81  ALA A C   1 
ATOM   614  O O   . ALA A 1 81  ? -9.375  -11.034 3.913   1.00 9.98  ? 81  ALA A O   1 
ATOM   615  C CB  . ALA A 1 81  ? -6.314  -11.964 3.221   1.00 7.47  ? 81  ALA A CB  1 
ATOM   616  N N   . ILE A 1 82  ? -9.151  -12.346 2.141   1.00 11.44 ? 82  ILE A N   1 
ATOM   617  C CA  . ILE A 1 82  ? -10.290 -11.852 1.367   1.00 12.18 ? 82  ILE A CA  1 
ATOM   618  C C   . ILE A 1 82  ? -11.633 -12.128 2.038   1.00 12.99 ? 82  ILE A C   1 
ATOM   619  O O   . ILE A 1 82  ? -12.484 -11.255 2.152   1.00 15.62 ? 82  ILE A O   1 
ATOM   620  C CB  . ILE A 1 82  ? -10.210 -12.451 -0.029  1.00 17.17 ? 82  ILE A CB  1 
ATOM   621  C CG1 . ILE A 1 82  ? -9.063  -11.792 -0.820  1.00 17.27 ? 82  ILE A CG1 1 
ATOM   622  C CG2 . ILE A 1 82  ? -11.530 -12.183 -0.741  1.00 20.87 ? 82  ILE A CG2 1 
ATOM   623  C CD1 . ILE A 1 82  ? -8.519  -12.653 -1.968  1.00 20.59 ? 82  ILE A CD1 1 
ATOM   624  N N   . ALA A 1 83  ? -11.805 -13.353 2.495   1.00 13.81 ? 83  ALA A N   1 
ATOM   625  C CA  . ALA A 1 83  ? -13.044 -13.702 3.154   1.00 11.95 ? 83  ALA A CA  1 
ATOM   626  C C   . ALA A 1 83  ? -13.271 -12.775 4.332   1.00 10.79 ? 83  ALA A C   1 
ATOM   627  O O   . ALA A 1 83  ? -14.369 -12.277 4.562   1.00 18.23 ? 83  ALA A O   1 
ATOM   628  C CB  . ALA A 1 83  ? -12.982 -15.186 3.581   1.00 14.02 ? 83  ALA A CB  1 
ATOM   629  N N   . ALA A 1 84  ? -12.220 -12.512 5.093   1.00 6.16  ? 84  ALA A N   1 
ATOM   630  C CA  . ALA A 1 84  ? -12.356 -11.657 6.237   1.00 5.42  ? 84  ALA A CA  1 
ATOM   631  C C   . ALA A 1 84  ? -12.765 -10.290 5.853   1.00 12.00 ? 84  ALA A C   1 
ATOM   632  O O   . ALA A 1 84  ? -13.130 -9.521  6.725   1.00 10.22 ? 84  ALA A O   1 
ATOM   633  C CB  . ALA A 1 84  ? -11.088 -11.564 7.112   1.00 1.00  ? 84  ALA A CB  1 
ATOM   634  N N   . CYS A 1 85  ? -12.675 -9.998  4.582   1.00 9.56  ? 85  CYS A N   1 
ATOM   635  C CA  . CYS A 1 85  ? -13.033 -8.679  4.125   1.00 16.68 ? 85  CYS A CA  1 
ATOM   636  C C   . CYS A 1 85  ? -14.477 -8.539  3.920   1.00 20.45 ? 85  CYS A C   1 
ATOM   637  O O   . CYS A 1 85  ? -14.935 -7.430  3.858   1.00 20.41 ? 85  CYS A O   1 
ATOM   638  C CB  . CYS A 1 85  ? -12.332 -8.189  2.843   1.00 22.28 ? 85  CYS A CB  1 
ATOM   639  S SG  . CYS A 1 85  ? -10.608 -7.816  3.223   1.00 16.89 ? 85  CYS A SG  1 
ATOM   640  N N   . GLY A 1 86  ? -15.137 -9.682  3.793   1.00 18.61 ? 86  GLY A N   1 
ATOM   641  C CA  . GLY A 1 86  ? -16.564 -9.690  3.624   1.00 17.03 ? 86  GLY A CA  1 
ATOM   642  C C   . GLY A 1 86  ? -16.979 -9.181  2.293   1.00 19.23 ? 86  GLY A C   1 
ATOM   643  O O   . GLY A 1 86  ? -16.312 -9.431  1.310   1.00 19.03 ? 86  GLY A O   1 
ATOM   644  N N   . ASP A 1 87  ? -18.089 -8.485  2.257   1.00 12.48 ? 87  ASP A N   1 
ATOM   645  C CA  . ASP A 1 87  ? -18.509 -8.026  0.985   1.00 15.99 ? 87  ASP A CA  1 
ATOM   646  C C   . ASP A 1 87  ? -18.382 -6.534  0.795   1.00 10.61 ? 87  ASP A C   1 
ATOM   647  O O   . ASP A 1 87  ? -19.288 -5.991  0.249   1.00 8.44  ? 87  ASP A O   1 
ATOM   648  C CB  . ASP A 1 87  ? -19.943 -8.532  0.697   1.00 14.61 ? 87  ASP A CB  1 
ATOM   649  C CG  . ASP A 1 87  ? -19.997 -9.997  0.841   1.00 9.31  ? 87  ASP A CG  1 
ATOM   650  O OD1 . ASP A 1 87  ? -19.581 -10.749 0.050   1.00 12.81 ? 87  ASP A OD1 1 
ATOM   651  O OD2 . ASP A 1 87  ? -20.381 -10.332 1.983   1.00 8.16  ? 87  ASP A OD2 1 
ATOM   652  N N   . VAL A 1 88  ? -17.313 -5.895  1.258   1.00 15.39 ? 88  VAL A N   1 
ATOM   653  C CA  . VAL A 1 88  ? -17.107 -4.460  1.113   1.00 13.17 ? 88  VAL A CA  1 
ATOM   654  C C   . VAL A 1 88  ? -16.845 -4.091  -0.344  1.00 11.95 ? 88  VAL A C   1 
ATOM   655  O O   . VAL A 1 88  ? -16.481 -4.889  -1.174  1.00 11.89 ? 88  VAL A O   1 
ATOM   656  C CB  . VAL A 1 88  ? -15.919 -4.030  1.929   1.00 15.49 ? 88  VAL A CB  1 
ATOM   657  C CG1 . VAL A 1 88  ? -16.357 -4.106  3.348   1.00 15.24 ? 88  VAL A CG1 1 
ATOM   658  C CG2 . VAL A 1 88  ? -14.725 -4.935  1.646   1.00 10.04 ? 88  VAL A CG2 1 
ATOM   659  N N   . PRO A 1 89  ? -17.002 -2.870  -0.768  1.00 9.54  ? 89  PRO A N   1 
ATOM   660  C CA  . PRO A 1 89  ? -16.743 -2.656  -2.186  1.00 11.95 ? 89  PRO A CA  1 
ATOM   661  C C   . PRO A 1 89  ? -15.265 -2.570  -2.563  1.00 10.23 ? 89  PRO A C   1 
ATOM   662  O O   . PRO A 1 89  ? -14.827 -2.863  -3.706  1.00 9.60  ? 89  PRO A O   1 
ATOM   663  C CB  . PRO A 1 89  ? -17.442 -1.343  -2.496  1.00 11.71 ? 89  PRO A CB  1 
ATOM   664  C CG  . PRO A 1 89  ? -18.001 -0.767  -1.200  1.00 8.81  ? 89  PRO A CG  1 
ATOM   665  C CD  . PRO A 1 89  ? -17.624 -1.729  -0.094  1.00 11.39 ? 89  PRO A CD  1 
ATOM   666  N N   . GLU A 1 90  ? -14.476 -2.166  -1.582  1.00 12.93 ? 90  GLU A N   1 
ATOM   667  C CA  . GLU A 1 90  ? -13.055 -2.045  -1.893  1.00 12.79 ? 90  GLU A CA  1 
ATOM   668  C C   . GLU A 1 90  ? -12.136 -2.415  -0.759  1.00 10.89 ? 90  GLU A C   1 
ATOM   669  O O   . GLU A 1 90  ? -12.267 -1.901  0.360   1.00 13.12 ? 90  GLU A O   1 
ATOM   670  C CB  . GLU A 1 90  ? -12.756 -0.595  -2.332  1.00 14.54 ? 90  GLU A CB  1 
ATOM   671  C CG  . GLU A 1 90  ? -11.324 -0.336  -2.900  1.00 19.87 ? 90  GLU A CG  1 
ATOM   672  C CD  . GLU A 1 90  ? -11.001 1.133   -3.157  1.00 13.83 ? 90  GLU A CD  1 
ATOM   673  O OE1 . GLU A 1 90  ? -11.681 2.056   -2.508  1.00 12.50 ? 90  GLU A OE1 1 
ATOM   674  O OE2 . GLU A 1 90  ? -10.093 1.429   -3.865  1.00 17.92 ? 90  GLU A OE2 1 
ATOM   675  N N   . ILE A 1 91  ? -11.224 -3.296  -1.106  1.00 9.32  ? 91  ILE A N   1 
ATOM   676  C CA  . ILE A 1 91  ? -10.220 -3.789  -0.218  1.00 5.73  ? 91  ILE A CA  1 
ATOM   677  C C   . ILE A 1 91  ? -8.902  -3.144  -0.573  1.00 4.23  ? 91  ILE A C   1 
ATOM   678  O O   . ILE A 1 91  ? -8.536  -3.172  -1.715  1.00 3.92  ? 91  ILE A O   1 
ATOM   679  C CB  . ILE A 1 91  ? -10.082 -5.275  -0.528  1.00 10.05 ? 91  ILE A CB  1 
ATOM   680  C CG1 . ILE A 1 91  ? -11.414 -5.981  -0.171  1.00 16.09 ? 91  ILE A CG1 1 
ATOM   681  C CG2 . ILE A 1 91  ? -8.971  -5.817  0.334   1.00 14.29 ? 91  ILE A CG2 1 
ATOM   682  C CD1 . ILE A 1 91  ? -11.610 -7.400  -0.702  1.00 11.39 ? 91  ILE A CD1 1 
ATOM   683  N N   . MET A 1 92  ? -8.241  -2.608  0.412   1.00 8.56  ? 92  MET A N   1 
ATOM   684  C CA  . MET A 1 92  ? -6.979  -1.964  0.247   1.00 7.63  ? 92  MET A CA  1 
ATOM   685  C C   . MET A 1 92  ? -5.836  -2.841  0.683   1.00 8.87  ? 92  MET A C   1 
ATOM   686  O O   . MET A 1 92  ? -5.785  -3.250  1.855   1.00 13.54 ? 92  MET A O   1 
ATOM   687  C CB  . MET A 1 92  ? -6.947  -0.708  1.103   1.00 7.09  ? 92  MET A CB  1 
ATOM   688  C CG  . MET A 1 92  ? -8.043  0.316   0.748   1.00 10.49 ? 92  MET A CG  1 
ATOM   689  S SD  . MET A 1 92  ? -8.011  0.890   -0.975  1.00 17.63 ? 92  MET A SD  1 
ATOM   690  C CE  . MET A 1 92  ? -6.450  1.816   -0.964  1.00 13.63 ? 92  MET A CE  1 
ATOM   691  N N   . VAL A 1 93  ? -4.917  -3.099  -0.256  1.00 9.11  ? 93  VAL A N   1 
ATOM   692  C CA  . VAL A 1 93  ? -3.723  -3.904  0.022   1.00 13.83 ? 93  VAL A CA  1 
ATOM   693  C C   . VAL A 1 93  ? -2.572  -2.912  0.212   1.00 16.94 ? 93  VAL A C   1 
ATOM   694  O O   . VAL A 1 93  ? -2.245  -2.200  -0.741  1.00 10.84 ? 93  VAL A O   1 
ATOM   695  C CB  . VAL A 1 93  ? -3.432  -4.879  -1.110  1.00 6.29  ? 93  VAL A CB  1 
ATOM   696  C CG1 . VAL A 1 93  ? -2.126  -5.570  -0.823  1.00 7.88  ? 93  VAL A CG1 1 
ATOM   697  C CG2 . VAL A 1 93  ? -4.547  -5.882  -1.204  1.00 1.00  ? 93  VAL A CG2 1 
ATOM   698  N N   . ILE A 1 94  ? -1.998  -2.850  1.420   1.00 12.16 ? 94  ILE A N   1 
ATOM   699  C CA  . ILE A 1 94  ? -0.942  -1.911  1.725   1.00 7.11  ? 94  ILE A CA  1 
ATOM   700  C C   . ILE A 1 94  ? 0.508   -2.331  1.685   1.00 11.44 ? 94  ILE A C   1 
ATOM   701  O O   . ILE A 1 94  ? 1.364   -1.512  2.079   1.00 14.87 ? 94  ILE A O   1 
ATOM   702  C CB  . ILE A 1 94  ? -1.311  -1.173  3.000   1.00 9.20  ? 94  ILE A CB  1 
ATOM   703  C CG1 . ILE A 1 94  ? -1.051  -2.015  4.256   1.00 8.14  ? 94  ILE A CG1 1 
ATOM   704  C CG2 . ILE A 1 94  ? -2.800  -0.800  2.903   1.00 5.86  ? 94  ILE A CG2 1 
ATOM   705  C CD1 . ILE A 1 94  ? -1.139  -1.217  5.582   1.00 9.33  ? 94  ILE A CD1 1 
ATOM   706  N N   . GLY A 1 95  ? 0.798   -3.535  1.234   1.00 7.61  ? 95  GLY A N   1 
ATOM   707  C CA  . GLY A 1 95  ? 2.179   -4.009  1.172   1.00 6.98  ? 95  GLY A CA  1 
ATOM   708  C C   . GLY A 1 95  ? 2.590   -5.003  2.293   1.00 13.11 ? 95  GLY A C   1 
ATOM   709  O O   . GLY A 1 95  ? 1.769   -5.408  3.093   1.00 15.92 ? 95  GLY A O   1 
ATOM   710  N N   . GLY A 1 96  ? 3.863   -5.434  2.352   1.00 14.16 ? 96  GLY A N   1 
ATOM   711  C CA  . GLY A 1 96  ? 4.926   -5.018  1.449   1.00 3.13  ? 96  GLY A CA  1 
ATOM   712  C C   . GLY A 1 96  ? 5.003   -5.686  0.076   1.00 10.02 ? 96  GLY A C   1 
ATOM   713  O O   . GLY A 1 96  ? 4.075   -6.176  -0.570  1.00 10.43 ? 96  GLY A O   1 
ATOM   714  N N   . GLY A 1 97  ? 6.216   -5.738  -0.422  1.00 14.44 ? 97  GLY A N   1 
ATOM   715  C CA  . GLY A 1 97  ? 6.461   -6.314  -1.711  1.00 9.61  ? 97  GLY A CA  1 
ATOM   716  C C   . GLY A 1 97  ? 5.890   -7.677  -2.039  1.00 12.42 ? 97  GLY A C   1 
ATOM   717  O O   . GLY A 1 97  ? 5.400   -7.885  -3.147  1.00 14.79 ? 97  GLY A O   1 
ATOM   718  N N   . ARG A 1 98  ? 5.984   -8.616  -1.112  1.00 17.75 ? 98  ARG A N   1 
ATOM   719  C CA  . ARG A 1 98  ? 5.492   -9.943  -1.365  1.00 15.76 ? 98  ARG A CA  1 
ATOM   720  C C   . ARG A 1 98  ? 3.972   -9.986  -1.516  1.00 15.26 ? 98  ARG A C   1 
ATOM   721  O O   . ARG A 1 98  ? 3.429   -10.661 -2.406  1.00 25.28 ? 98  ARG A O   1 
ATOM   722  C CB  . ARG A 1 98  ? 6.034   -10.822 -0.256  1.00 26.33 ? 98  ARG A CB  1 
ATOM   723  C CG  . ARG A 1 98  ? 5.260   -12.131 -0.146  1.00 48.00 ? 98  ARG A CG  1 
ATOM   724  C CD  . ARG A 1 98  ? 5.910   -13.440 -0.708  1.00 56.45 ? 98  ARG A CD  1 
ATOM   725  N NE  . ARG A 1 98  ? 5.223   -14.677 -0.097  1.00 63.20 ? 98  ARG A NE  1 
ATOM   726  C CZ  . ARG A 1 98  ? 5.701   -15.281 1.112   1.00 63.80 ? 98  ARG A CZ  1 
ATOM   727  N NH1 . ARG A 1 98  ? 6.854   -14.745 1.769   1.00 68.18 ? 98  ARG A NH1 1 
ATOM   728  N NH2 . ARG A 1 98  ? 5.064   -16.403 1.695   1.00 52.54 ? 98  ARG A NH2 1 
ATOM   729  N N   . VAL A 1 99  ? 3.288   -9.234  -0.653  1.00 13.70 ? 99  VAL A N   1 
ATOM   730  C CA  . VAL A 1 99  ? 1.826   -9.163  -0.674  1.00 12.48 ? 99  VAL A CA  1 
ATOM   731  C C   . VAL A 1 99  ? 1.457   -8.438  -1.956  1.00 18.71 ? 99  VAL A C   1 
ATOM   732  O O   . VAL A 1 99  ? 0.483   -8.818  -2.586  1.00 24.61 ? 99  VAL A O   1 
ATOM   733  C CB  . VAL A 1 99  ? 1.402   -8.333  0.516   1.00 13.63 ? 99  VAL A CB  1 
ATOM   734  C CG1 . VAL A 1 99  ? -0.104  -8.218  0.649   1.00 26.19 ? 99  VAL A CG1 1 
ATOM   735  C CG2 . VAL A 1 99  ? 1.911   -9.007  1.766   1.00 19.94 ? 99  VAL A CG2 1 
ATOM   736  N N   . TYR A 1 100 ? 2.243   -7.386  -2.375  1.00 15.43 ? 100 TYR A N   1 
ATOM   737  C CA  . TYR A 1 100 ? 1.854   -6.704  -3.624  1.00 9.42  ? 100 TYR A CA  1 
ATOM   738  C C   . TYR A 1 100 ? 1.882   -7.668  -4.777  1.00 8.58  ? 100 TYR A C   1 
ATOM   739  O O   . TYR A 1 100 ? 1.031   -7.664  -5.703  1.00 13.02 ? 100 TYR A O   1 
ATOM   740  C CB  . TYR A 1 100 ? 2.743   -5.520  -4.000  1.00 2.10  ? 100 TYR A CB  1 
ATOM   741  C CG  . TYR A 1 100 ? 2.643   -4.282  -3.119  1.00 1.00  ? 100 TYR A CG  1 
ATOM   742  C CD1 . TYR A 1 100 ? 1.419   -3.742  -2.770  1.00 12.48 ? 100 TYR A CD1 1 
ATOM   743  C CD2 . TYR A 1 100 ? 3.787   -3.638  -2.685  1.00 1.09  ? 100 TYR A CD2 1 
ATOM   744  C CE1 . TYR A 1 100 ? 1.226   -2.590  -1.988  1.00 6.94  ? 100 TYR A CE1 1 
ATOM   745  C CE2 . TYR A 1 100 ? 3.654   -2.509  -1.894  1.00 9.03  ? 100 TYR A CE2 1 
ATOM   746  C CZ  . TYR A 1 100 ? 2.401   -1.972  -1.552  1.00 10.38 ? 100 TYR A CZ  1 
ATOM   747  O OH  . TYR A 1 100 ? 2.284   -0.833  -0.816  1.00 11.45 ? 100 TYR A OH  1 
ATOM   748  N N   . GLU A 1 101 ? 2.911   -8.500  -4.729  1.00 10.67 ? 101 GLU A N   1 
ATOM   749  C CA  . GLU A 1 101 ? 3.047   -9.470  -5.793  1.00 14.63 ? 101 GLU A CA  1 
ATOM   750  C C   . GLU A 1 101 ? 1.913   -10.507 -5.859  1.00 18.63 ? 101 GLU A C   1 
ATOM   751  O O   . GLU A 1 101 ? 1.493   -10.924 -6.923  1.00 16.75 ? 101 GLU A O   1 
ATOM   752  C CB  . GLU A 1 101 ? 4.336   -10.191 -5.565  1.00 19.97 ? 101 GLU A CB  1 
ATOM   753  C CG  . GLU A 1 101 ? 4.973   -10.466 -6.909  1.00 36.92 ? 101 GLU A CG  1 
ATOM   754  C CD  . GLU A 1 101 ? 6.400   -10.754 -6.603  1.00 54.85 ? 101 GLU A CD  1 
ATOM   755  O OE1 . GLU A 1 101 ? 6.897   -9.852  -5.768  1.00 58.06 ? 101 GLU A OE1 1 
ATOM   756  O OE2 . GLU A 1 101 ? 6.941   -11.812 -6.908  1.00 61.20 ? 101 GLU A OE2 1 
ATOM   757  N N   . GLN A 1 102 ? 1.404   -10.927 -4.730  1.00 19.95 ? 102 GLN A N   1 
ATOM   758  C CA  . GLN A 1 102 ? 0.340   -11.885 -4.732  1.00 16.19 ? 102 GLN A CA  1 
ATOM   759  C C   . GLN A 1 102 ? -0.950  -11.176 -5.096  1.00 19.04 ? 102 GLN A C   1 
ATOM   760  O O   . GLN A 1 102 ? -1.844  -11.768 -5.646  1.00 18.91 ? 102 GLN A O   1 
ATOM   761  C CB  . GLN A 1 102 ? 0.143   -12.323 -3.283  1.00 18.15 ? 102 GLN A CB  1 
ATOM   762  C CG  . GLN A 1 102 ? 1.209   -13.294 -2.773  1.00 25.39 ? 102 GLN A CG  1 
ATOM   763  C CD  . GLN A 1 102 ? 1.169   -13.361 -1.263  1.00 36.10 ? 102 GLN A CD  1 
ATOM   764  O OE1 . GLN A 1 102 ? 0.822   -14.362 -0.701  1.00 41.40 ? 102 GLN A OE1 1 
ATOM   765  N NE2 . GLN A 1 102 ? 1.496   -12.304 -0.563  1.00 46.41 ? 102 GLN A NE2 1 
ATOM   766  N N   . PHE A 1 103 ? -1.115  -9.907  -4.770  1.00 11.58 ? 103 PHE A N   1 
ATOM   767  C CA  . PHE A 1 103 ? -2.395  -9.305  -5.106  1.00 8.76  ? 103 PHE A CA  1 
ATOM   768  C C   . PHE A 1 103 ? -2.513  -8.505  -6.331  1.00 10.05 ? 103 PHE A C   1 
ATOM   769  O O   . PHE A 1 103 ? -3.652  -8.229  -6.723  1.00 18.30 ? 103 PHE A O   1 
ATOM   770  C CB  . PHE A 1 103 ? -2.880  -8.361  -4.025  1.00 2.57  ? 103 PHE A CB  1 
ATOM   771  C CG  . PHE A 1 103 ? -3.336  -9.135  -2.867  1.00 12.87 ? 103 PHE A CG  1 
ATOM   772  C CD1 . PHE A 1 103 ? -2.384  -9.656  -1.986  1.00 16.09 ? 103 PHE A CD1 1 
ATOM   773  C CD2 . PHE A 1 103 ? -4.705  -9.353  -2.655  1.00 12.54 ? 103 PHE A CD2 1 
ATOM   774  C CE1 . PHE A 1 103 ? -2.758  -10.377 -0.856  1.00 20.67 ? 103 PHE A CE1 1 
ATOM   775  C CE2 . PHE A 1 103 ? -5.074  -10.074 -1.530  1.00 17.25 ? 103 PHE A CE2 1 
ATOM   776  C CZ  . PHE A 1 103 ? -4.127  -10.576 -0.634  1.00 18.50 ? 103 PHE A CZ  1 
ATOM   777  N N   . LEU A 1 104 ? -1.390  -8.104  -6.904  1.00 15.42 ? 104 LEU A N   1 
ATOM   778  C CA  . LEU A 1 104 ? -1.432  -7.293  -8.088  1.00 17.96 ? 104 LEU A CA  1 
ATOM   779  C C   . LEU A 1 104 ? -2.305  -7.823  -9.207  1.00 17.98 ? 104 LEU A C   1 
ATOM   780  O O   . LEU A 1 104 ? -3.039  -7.036  -9.737  1.00 11.10 ? 104 LEU A O   1 
ATOM   781  C CB  . LEU A 1 104 ? -0.025  -6.839  -8.555  1.00 18.23 ? 104 LEU A CB  1 
ATOM   782  C CG  . LEU A 1 104 ? -0.100  -5.935  -9.773  1.00 16.97 ? 104 LEU A CG  1 
ATOM   783  C CD1 . LEU A 1 104 ? -1.106  -4.819  -9.776  1.00 11.77 ? 104 LEU A CD1 1 
ATOM   784  C CD2 . LEU A 1 104 ? 1.169   -5.708  -10.548 1.00 26.97 ? 104 LEU A CD2 1 
ATOM   785  N N   . PRO A 1 105 ? -2.238  -9.122  -9.580  1.00 20.57 ? 105 PRO A N   1 
ATOM   786  C CA  . PRO A 1 105 ? -3.048  -9.659  -10.654 1.00 17.57 ? 105 PRO A CA  1 
ATOM   787  C C   . PRO A 1 105 ? -4.530  -9.653  -10.399 1.00 15.61 ? 105 PRO A C   1 
ATOM   788  O O   . PRO A 1 105 ? -5.316  -9.742  -11.332 1.00 20.57 ? 105 PRO A O   1 
ATOM   789  C CB  . PRO A 1 105 ? -2.533  -11.037 -10.992 1.00 16.46 ? 105 PRO A CB  1 
ATOM   790  C CG  . PRO A 1 105 ? -1.507  -11.398 -9.950  1.00 23.02 ? 105 PRO A CG  1 
ATOM   791  C CD  . PRO A 1 105 ? -1.380  -10.196 -9.034  1.00 25.11 ? 105 PRO A CD  1 
ATOM   792  N N   . LYS A 1 106 ? -4.920  -9.515  -9.148  1.00 14.84 ? 106 LYS A N   1 
ATOM   793  C CA  . LYS A 1 106 ? -6.340  -9.479  -8.839  1.00 13.77 ? 106 LYS A CA  1 
ATOM   794  C C   . LYS A 1 106 ? -6.830  -8.067  -8.692  1.00 14.75 ? 106 LYS A C   1 
ATOM   795  O O   . LYS A 1 106 ? -8.020  -7.810  -8.534  1.00 21.44 ? 106 LYS A O   1 
ATOM   796  C CB  . LYS A 1 106 ? -6.586  -10.114 -7.500  1.00 13.49 ? 106 LYS A CB  1 
ATOM   797  C CG  . LYS A 1 106 ? -5.937  -11.474 -7.400  1.00 15.30 ? 106 LYS A CG  1 
ATOM   798  C CD  . LYS A 1 106 ? -6.171  -12.035 -6.018  1.00 19.27 ? 106 LYS A CD  1 
ATOM   799  C CE  . LYS A 1 106 ? -5.812  -13.506 -5.769  1.00 16.89 ? 106 LYS A CE  1 
ATOM   800  N NZ  . LYS A 1 106 ? -5.064  -14.187 -6.821  1.00 26.08 ? 106 LYS A NZ  1 
ATOM   801  N N   . ALA A 1 107 ? -5.901  -7.144  -8.709  1.00 16.26 ? 107 ALA A N   1 
ATOM   802  C CA  . ALA A 1 107 ? -6.280  -5.763  -8.534  1.00 21.39 ? 107 ALA A CA  1 
ATOM   803  C C   . ALA A 1 107 ? -6.894  -5.032  -9.738  1.00 18.39 ? 107 ALA A C   1 
ATOM   804  O O   . ALA A 1 107 ? -6.584  -5.211  -10.891 1.00 17.45 ? 107 ALA A O   1 
ATOM   805  C CB  . ALA A 1 107 ? -5.192  -4.982  -7.797  1.00 15.21 ? 107 ALA A CB  1 
ATOM   806  N N   . GLN A 1 108 ? -7.802  -4.171  -9.409  1.00 10.78 ? 108 GLN A N   1 
ATOM   807  C CA  . GLN A 1 108 ? -8.486  -3.362  -10.351 1.00 7.01  ? 108 GLN A CA  1 
ATOM   808  C C   . GLN A 1 108 ? -8.132  -1.833  -10.255 1.00 12.89 ? 108 GLN A C   1 
ATOM   809  O O   . GLN A 1 108 ? -8.504  -1.051  -11.114 1.00 10.80 ? 108 GLN A O   1 
ATOM   810  C CB  . GLN A 1 108 ? -9.958  -3.493  -10.017 1.00 16.73 ? 108 GLN A CB  1 
ATOM   811  C CG  . GLN A 1 108 ? -10.819 -3.315  -11.251 1.00 39.65 ? 108 GLN A CG  1 
ATOM   812  C CD  . GLN A 1 108 ? -10.258 -4.050  -12.444 1.00 58.19 ? 108 GLN A CD  1 
ATOM   813  O OE1 . GLN A 1 108 ? -10.332 -3.532  -13.583 1.00 62.35 ? 108 GLN A OE1 1 
ATOM   814  N NE2 . GLN A 1 108 ? -9.709  -5.250  -12.185 1.00 66.38 ? 108 GLN A NE2 1 
ATOM   815  N N   . LYS A 1 109 ? -7.461  -1.366  -9.206  1.00 6.99  ? 109 LYS A N   1 
ATOM   816  C CA  . LYS A 1 109 ? -7.069  0.025   -9.023  1.00 8.93  ? 109 LYS A CA  1 
ATOM   817  C C   . LYS A 1 109 ? -5.729  0.071   -8.295  1.00 12.54 ? 109 LYS A C   1 
ATOM   818  O O   . LYS A 1 109 ? -5.435  -0.853  -7.479  1.00 8.98  ? 109 LYS A O   1 
ATOM   819  C CB  . LYS A 1 109 ? -7.962  0.761   -8.076  1.00 8.74  ? 109 LYS A CB  1 
ATOM   820  C CG  . LYS A 1 109 ? -8.876  1.745   -8.674  1.00 16.31 ? 109 LYS A CG  1 
ATOM   821  C CD  . LYS A 1 109 ? -9.374  2.691   -7.615  1.00 20.69 ? 109 LYS A CD  1 
ATOM   822  C CE  . LYS A 1 109 ? -10.804 3.103   -7.904  1.00 37.86 ? 109 LYS A CE  1 
ATOM   823  N NZ  . LYS A 1 109 ? -11.175 4.390   -7.311  1.00 45.51 ? 109 LYS A NZ  1 
ATOM   824  N N   . LEU A 1 110 ? -4.948  1.155   -8.583  1.00 5.37  ? 110 LEU A N   1 
ATOM   825  C CA  . LEU A 1 110 ? -3.647  1.381   -7.969  1.00 4.53  ? 110 LEU A CA  1 
ATOM   826  C C   . LEU A 1 110 ? -3.596  2.801   -7.489  1.00 7.40  ? 110 LEU A C   1 
ATOM   827  O O   . LEU A 1 110 ? -3.960  3.670   -8.241  1.00 15.75 ? 110 LEU A O   1 
ATOM   828  C CB  . LEU A 1 110 ? -2.525  1.240   -8.966  1.00 5.58  ? 110 LEU A CB  1 
ATOM   829  C CG  . LEU A 1 110 ? -2.335  -0.109  -9.672  1.00 12.28 ? 110 LEU A CG  1 
ATOM   830  C CD1 . LEU A 1 110 ? -1.110  -0.020  -10.577 1.00 16.09 ? 110 LEU A CD1 1 
ATOM   831  C CD2 . LEU A 1 110 ? -2.028  -1.232  -8.685  1.00 11.14 ? 110 LEU A CD2 1 
ATOM   832  N N   . TYR A 1 111 ? -3.197  3.065   -6.276  1.00 6.57  ? 111 TYR A N   1 
ATOM   833  C CA  . TYR A 1 111 ? -3.097  4.385   -5.711  1.00 5.45  ? 111 TYR A CA  1 
ATOM   834  C C   . TYR A 1 111 ? -1.607  4.494   -5.483  1.00 12.90 ? 111 TYR A C   1 
ATOM   835  O O   . TYR A 1 111 ? -1.055  3.823   -4.635  1.00 9.30  ? 111 TYR A O   1 
ATOM   836  C CB  . TYR A 1 111 ? -3.748  4.512   -4.337  1.00 5.34  ? 111 TYR A CB  1 
ATOM   837  C CG  . TYR A 1 111 ? -5.226  4.303   -4.304  1.00 5.23  ? 111 TYR A CG  1 
ATOM   838  C CD1 . TYR A 1 111 ? -5.844  3.070   -4.517  1.00 8.76  ? 111 TYR A CD1 1 
ATOM   839  C CD2 . TYR A 1 111 ? -6.013  5.394   -4.018  1.00 3.35  ? 111 TYR A CD2 1 
ATOM   840  C CE1 . TYR A 1 111 ? -7.248  2.966   -4.461  1.00 7.59  ? 111 TYR A CE1 1 
ATOM   841  C CE2 . TYR A 1 111 ? -7.409  5.316   -3.966  1.00 10.74 ? 111 TYR A CE2 1 
ATOM   842  C CZ  . TYR A 1 111 ? -8.031  4.089   -4.180  1.00 12.10 ? 111 TYR A CZ  1 
ATOM   843  O OH  . TYR A 1 111 ? -9.393  4.071   -4.100  1.00 14.16 ? 111 TYR A OH  1 
ATOM   844  N N   . LEU A 1 112 ? -0.926  5.289   -6.277  1.00 10.27 ? 112 LEU A N   1 
ATOM   845  C CA  . LEU A 1 112 ? 0.540   5.381   -6.174  1.00 11.91 ? 112 LEU A CA  1 
ATOM   846  C C   . LEU A 1 112 ? 1.107   6.710   -5.804  1.00 12.73 ? 112 LEU A C   1 
ATOM   847  O O   . LEU A 1 112 ? 0.586   7.758   -6.157  1.00 20.53 ? 112 LEU A O   1 
ATOM   848  C CB  . LEU A 1 112 ? 1.140   5.137   -7.567  1.00 6.57  ? 112 LEU A CB  1 
ATOM   849  C CG  . LEU A 1 112 ? 0.670   3.867   -8.266  1.00 12.94 ? 112 LEU A CG  1 
ATOM   850  C CD1 . LEU A 1 112 ? 1.070   3.808   -9.737  1.00 7.30  ? 112 LEU A CD1 1 
ATOM   851  C CD2 . LEU A 1 112 ? 1.284   2.698   -7.515  1.00 8.71  ? 112 LEU A CD2 1 
ATOM   852  N N   . THR A 1 113 ? 2.190   6.682   -5.087  1.00 17.73 ? 113 THR A N   1 
ATOM   853  C CA  . THR A 1 113 ? 2.856   7.936   -4.765  1.00 18.61 ? 113 THR A CA  1 
ATOM   854  C C   . THR A 1 113 ? 4.212   7.909   -5.523  1.00 18.68 ? 113 THR A C   1 
ATOM   855  O O   . THR A 1 113 ? 5.068   7.032   -5.254  1.00 16.76 ? 113 THR A O   1 
ATOM   856  C CB  . THR A 1 113 ? 3.048   8.235   -3.278  1.00 13.38 ? 113 THR A CB  1 
ATOM   857  O OG1 . THR A 1 113 ? 1.801   8.153   -2.612  1.00 12.95 ? 113 THR A OG1 1 
ATOM   858  C CG2 . THR A 1 113 ? 3.622   9.628   -3.133  1.00 9.64  ? 113 THR A CG2 1 
ATOM   859  N N   . HIS A 1 114 ? 4.436   8.802   -6.518  1.00 17.29 ? 114 HIS A N   1 
ATOM   860  C CA  . HIS A 1 114 ? 5.744   8.740   -7.201  1.00 12.95 ? 114 HIS A CA  1 
ATOM   861  C C   . HIS A 1 114 ? 6.646   9.756   -6.526  1.00 8.44  ? 114 HIS A C   1 
ATOM   862  O O   . HIS A 1 114 ? 6.445   10.979  -6.661  1.00 12.18 ? 114 HIS A O   1 
ATOM   863  C CB  . HIS A 1 114 ? 5.628   9.028   -8.668  1.00 9.65  ? 114 HIS A CB  1 
ATOM   864  C CG  . HIS A 1 114 ? 4.656   8.190   -9.421  1.00 12.70 ? 114 HIS A CG  1 
ATOM   865  N ND1 . HIS A 1 114 ? 4.999   6.936   -9.892  1.00 14.67 ? 114 HIS A ND1 1 
ATOM   866  C CD2 . HIS A 1 114 ? 3.363   8.455   -9.792  1.00 16.53 ? 114 HIS A CD2 1 
ATOM   867  C CE1 . HIS A 1 114 ? 3.926   6.463   -10.524 1.00 11.93 ? 114 HIS A CE1 1 
ATOM   868  N NE2 . HIS A 1 114 ? 2.924   7.360   -10.499 1.00 8.81  ? 114 HIS A NE2 1 
ATOM   869  N N   . ILE A 1 115 ? 7.615   9.267   -5.754  1.00 6.38  ? 115 ILE A N   1 
ATOM   870  C CA  . ILE A 1 115 ? 8.543   10.169  -5.062  1.00 8.92  ? 115 ILE A CA  1 
ATOM   871  C C   . ILE A 1 115 ? 9.830   10.273  -5.892  1.00 14.20 ? 115 ILE A C   1 
ATOM   872  O O   . ILE A 1 115 ? 10.459  9.266   -6.268  1.00 8.95  ? 115 ILE A O   1 
ATOM   873  C CB  . ILE A 1 115 ? 8.844   9.622   -3.695  1.00 17.88 ? 115 ILE A CB  1 
ATOM   874  C CG1 . ILE A 1 115 ? 7.498   9.391   -3.019  1.00 13.67 ? 115 ILE A CG1 1 
ATOM   875  C CG2 . ILE A 1 115 ? 9.833   10.511  -2.882  1.00 9.07  ? 115 ILE A CG2 1 
ATOM   876  C CD1 . ILE A 1 115 ? 7.693   8.595   -1.746  1.00 8.56  ? 115 ILE A CD1 1 
ATOM   877  N N   . ASP A 1 116 ? 10.230  11.504  -6.215  1.00 10.86 ? 116 ASP A N   1 
ATOM   878  C CA  . ASP A 1 116 ? 11.440  11.712  -7.028  1.00 13.93 ? 116 ASP A CA  1 
ATOM   879  C C   . ASP A 1 116 ? 12.650  11.609  -6.103  1.00 15.17 ? 116 ASP A C   1 
ATOM   880  O O   . ASP A 1 116 ? 13.171  12.603  -5.597  1.00 12.69 ? 116 ASP A O   1 
ATOM   881  C CB  . ASP A 1 116 ? 11.397  13.117  -7.696  1.00 17.63 ? 116 ASP A CB  1 
ATOM   882  C CG  . ASP A 1 116 ? 12.658  13.439  -8.522  1.00 25.73 ? 116 ASP A CG  1 
ATOM   883  O OD1 . ASP A 1 116 ? 13.465  12.417  -8.861  1.00 30.29 ? 116 ASP A OD1 1 
ATOM   884  O OD2 . ASP A 1 116 ? 12.851  14.568  -8.932  1.00 32.15 ? 116 ASP A OD2 1 
ATOM   885  N N   . ALA A 1 117 ? 13.049  10.389  -5.828  1.00 21.35 ? 117 ALA A N   1 
ATOM   886  C CA  . ALA A 1 117 ? 14.163  10.171  -4.965  1.00 14.68 ? 117 ALA A CA  1 
ATOM   887  C C   . ALA A 1 117 ? 14.836  8.893   -5.377  1.00 20.73 ? 117 ALA A C   1 
ATOM   888  O O   . ALA A 1 117 ? 14.193  7.927   -5.721  1.00 26.84 ? 117 ALA A O   1 
ATOM   889  C CB  . ALA A 1 117 ? 13.751  10.173  -3.521  1.00 14.74 ? 117 ALA A CB  1 
ATOM   890  N N   . GLU A 1 118 ? 16.170  8.920   -5.371  1.00 23.86 ? 118 GLU A N   1 
ATOM   891  C CA  . GLU A 1 118 ? 16.950  7.767   -5.726  1.00 23.24 ? 118 GLU A CA  1 
ATOM   892  C C   . GLU A 1 118 ? 17.238  7.059   -4.410  1.00 29.98 ? 118 GLU A C   1 
ATOM   893  O O   . GLU A 1 118 ? 17.729  7.635   -3.446  1.00 32.64 ? 118 GLU A O   1 
ATOM   894  C CB  . GLU A 1 118 ? 18.122  8.116   -6.644  1.00 24.35 ? 118 GLU A CB  1 
ATOM   895  C CG  . GLU A 1 118 ? 17.723  9.279   -7.585  1.00 41.23 ? 118 GLU A CG  1 
ATOM   896  C CD  . GLU A 1 118 ? 18.084  9.174   -9.076  1.00 61.74 ? 118 GLU A CD  1 
ATOM   897  O OE1 . GLU A 1 118 ? 19.015  8.272   -9.325  1.00 68.31 ? 118 GLU A OE1 1 
ATOM   898  O OE2 . GLU A 1 118 ? 17.550  9.861   -9.982  1.00 65.42 ? 118 GLU A OE2 1 
ATOM   899  N N   . VAL A 1 119 ? 16.876  5.805   -4.314  1.00 35.02 ? 119 VAL A N   1 
ATOM   900  C CA  . VAL A 1 119 ? 17.134  5.139   -3.073  1.00 34.96 ? 119 VAL A CA  1 
ATOM   901  C C   . VAL A 1 119 ? 17.592  3.789   -3.492  1.00 46.55 ? 119 VAL A C   1 
ATOM   902  O O   . VAL A 1 119 ? 17.299  3.340   -4.595  1.00 50.95 ? 119 VAL A O   1 
ATOM   903  C CB  . VAL A 1 119 ? 15.957  5.075   -2.144  1.00 31.80 ? 119 VAL A CB  1 
ATOM   904  C CG1 . VAL A 1 119 ? 15.125  6.335   -2.270  1.00 34.75 ? 119 VAL A CG1 1 
ATOM   905  C CG2 . VAL A 1 119 ? 15.107  3.880   -2.511  1.00 29.23 ? 119 VAL A CG2 1 
ATOM   906  N N   . GLU A 1 120 ? 18.364  3.148   -2.657  1.00 55.68 ? 120 GLU A N   1 
ATOM   907  C CA  . GLU A 1 120 ? 18.836  1.836   -3.067  1.00 56.34 ? 120 GLU A CA  1 
ATOM   908  C C   . GLU A 1 120 ? 18.182  0.848   -2.153  1.00 54.74 ? 120 GLU A C   1 
ATOM   909  O O   . GLU A 1 120 ? 18.051  1.102   -0.931  1.00 57.98 ? 120 GLU A O   1 
ATOM   910  C CB  . GLU A 1 120 ? 20.391  1.633   -3.081  1.00 54.80 ? 120 GLU A CB  1 
ATOM   911  C CG  . GLU A 1 120 ? 21.232  2.539   -4.067  1.00 55.77 ? 120 GLU A CG  1 
ATOM   912  C CD  . GLU A 1 120 ? 20.727  2.538   -5.566  1.00 67.84 ? 120 GLU A CD  1 
ATOM   913  O OE1 . GLU A 1 120 ? 19.750  1.449   -5.797  1.00 78.35 ? 120 GLU A OE1 1 
ATOM   914  O OE2 . GLU A 1 120 ? 21.084  3.533   -6.444  1.00 63.99 ? 120 GLU A OE2 1 
ATOM   915  N N   . GLY A 1 121 ? 17.780  -0.253  -2.767  1.00 40.30 ? 121 GLY A N   1 
ATOM   916  C CA  . GLY A 1 121 ? 17.125  -1.297  -2.038  1.00 28.73 ? 121 GLY A CA  1 
ATOM   917  C C   . GLY A 1 121 ? 16.926  -2.374  -3.047  1.00 24.57 ? 121 GLY A C   1 
ATOM   918  O O   . GLY A 1 121 ? 16.982  -2.144  -4.275  1.00 17.68 ? 121 GLY A O   1 
ATOM   919  N N   . ASP A 1 122 ? 16.725  -3.541  -2.527  1.00 16.81 ? 122 ASP A N   1 
ATOM   920  C CA  . ASP A 1 122 ? 16.543  -4.649  -3.422  1.00 22.61 ? 122 ASP A CA  1 
ATOM   921  C C   . ASP A 1 122 ? 15.105  -4.929  -3.746  1.00 20.08 ? 122 ASP A C   1 
ATOM   922  O O   . ASP A 1 122 ? 14.867  -5.738  -4.597  1.00 22.56 ? 122 ASP A O   1 
ATOM   923  C CB  . ASP A 1 122 ? 17.240  -5.918  -2.914  1.00 23.66 ? 122 ASP A CB  1 
ATOM   924  C CG  . ASP A 1 122 ? 16.978  -6.217  -1.449  1.00 29.42 ? 122 ASP A CG  1 
ATOM   925  O OD1 . ASP A 1 122 ? 16.159  -5.409  -0.818  1.00 27.32 ? 122 ASP A OD1 1 
ATOM   926  O OD2 . ASP A 1 122 ? 17.329  -7.241  -0.924  1.00 36.41 ? 122 ASP A OD2 1 
ATOM   927  N N   . THR A 1 123 ? 14.174  -4.270  -3.076  1.00 21.59 ? 123 THR A N   1 
ATOM   928  C CA  . THR A 1 123 ? 12.754  -4.483  -3.305  1.00 18.96 ? 123 THR A CA  1 
ATOM   929  C C   . THR A 1 123 ? 12.000  -3.494  -4.198  1.00 13.27 ? 123 THR A C   1 
ATOM   930  O O   . THR A 1 123 ? 12.034  -2.333  -3.960  1.00 15.48 ? 123 THR A O   1 
ATOM   931  C CB  . THR A 1 123 ? 12.026  -4.373  -1.963  1.00 25.67 ? 123 THR A CB  1 
ATOM   932  O OG1 . THR A 1 123 ? 12.673  -5.222  -1.001  1.00 31.48 ? 123 THR A OG1 1 
ATOM   933  C CG2 . THR A 1 123 ? 10.537  -4.747  -2.230  1.00 20.91 ? 123 THR A CG2 1 
ATOM   934  N N   . HIS A 1 124 ? 11.272  -3.923  -5.173  1.00 13.05 ? 124 HIS A N   1 
ATOM   935  C CA  . HIS A 1 124 ? 10.544  -2.931  -5.976  1.00 19.85 ? 124 HIS A CA  1 
ATOM   936  C C   . HIS A 1 124 ? 9.131   -3.368  -6.164  1.00 16.87 ? 124 HIS A C   1 
ATOM   937  O O   . HIS A 1 124 ? 8.835   -4.540  -6.015  1.00 18.62 ? 124 HIS A O   1 
ATOM   938  C CB  . HIS A 1 124 ? 11.008  -2.976  -7.432  1.00 25.69 ? 124 HIS A CB  1 
ATOM   939  C CG  . HIS A 1 124 ? 12.448  -2.698  -7.583  1.00 37.11 ? 124 HIS A CG  1 
ATOM   940  N ND1 . HIS A 1 124 ? 13.403  -3.483  -6.939  1.00 42.77 ? 124 HIS A ND1 1 
ATOM   941  C CD2 . HIS A 1 124 ? 13.063  -1.734  -8.292  1.00 37.09 ? 124 HIS A CD2 1 
ATOM   942  C CE1 . HIS A 1 124 ? 14.576  -2.982  -7.253  1.00 37.46 ? 124 HIS A CE1 1 
ATOM   943  N NE2 . HIS A 1 124 ? 14.400  -1.933  -8.068  1.00 41.12 ? 124 HIS A NE2 1 
ATOM   944  N N   . PHE A 1 125 ? 8.300   -2.424  -6.502  1.00 18.20 ? 125 PHE A N   1 
ATOM   945  C CA  . PHE A 1 125 ? 6.900   -2.653  -6.748  1.00 17.51 ? 125 PHE A CA  1 
ATOM   946  C C   . PHE A 1 125 ? 6.837   -3.565  -7.941  1.00 21.69 ? 125 PHE A C   1 
ATOM   947  O O   . PHE A 1 125 ? 7.707   -3.462  -8.778  1.00 28.55 ? 125 PHE A O   1 
ATOM   948  C CB  . PHE A 1 125 ? 6.268   -1.327  -7.151  1.00 16.95 ? 125 PHE A CB  1 
ATOM   949  C CG  . PHE A 1 125 ? 4.781   -1.396  -7.139  1.00 16.34 ? 125 PHE A CG  1 
ATOM   950  C CD1 . PHE A 1 125 ? 4.080   -1.545  -5.944  1.00 19.75 ? 125 PHE A CD1 1 
ATOM   951  C CD2 . PHE A 1 125 ? 4.063   -1.330  -8.340  1.00 22.13 ? 125 PHE A CD2 1 
ATOM   952  C CE1 . PHE A 1 125 ? 2.684   -1.623  -5.930  1.00 19.20 ? 125 PHE A CE1 1 
ATOM   953  C CE2 . PHE A 1 125 ? 2.670   -1.391  -8.332  1.00 23.27 ? 125 PHE A CE2 1 
ATOM   954  C CZ  . PHE A 1 125 ? 1.977   -1.534  -7.130  1.00 18.01 ? 125 PHE A CZ  1 
ATOM   955  N N   . PRO A 1 126 ? 5.878   -4.462  -8.066  1.00 14.92 ? 126 PRO A N   1 
ATOM   956  C CA  . PRO A 1 126 ? 5.896   -5.296  -9.235  1.00 17.46 ? 126 PRO A CA  1 
ATOM   957  C C   . PRO A 1 126 ? 5.666   -4.516  -10.534 1.00 18.59 ? 126 PRO A C   1 
ATOM   958  O O   . PRO A 1 126 ? 5.143   -3.395  -10.619 1.00 23.30 ? 126 PRO A O   1 
ATOM   959  C CB  . PRO A 1 126 ? 4.814   -6.328  -9.034  1.00 19.44 ? 126 PRO A CB  1 
ATOM   960  C CG  . PRO A 1 126 ? 4.311   -6.163  -7.614  1.00 21.14 ? 126 PRO A CG  1 
ATOM   961  C CD  . PRO A 1 126 ? 4.880   -4.883  -7.060  1.00 17.29 ? 126 PRO A CD  1 
ATOM   962  N N   . ASP A 1 127 ? 6.070   -5.102  -11.602 1.00 22.83 ? 127 ASP A N   1 
ATOM   963  C CA  . ASP A 1 127 ? 5.892   -4.399  -12.821 1.00 32.21 ? 127 ASP A CA  1 
ATOM   964  C C   . ASP A 1 127 ? 4.497   -4.494  -13.367 1.00 35.85 ? 127 ASP A C   1 
ATOM   965  O O   . ASP A 1 127 ? 3.828   -5.510  -13.287 1.00 38.61 ? 127 ASP A O   1 
ATOM   966  C CB  . ASP A 1 127 ? 6.927   -4.852  -13.877 1.00 49.12 ? 127 ASP A CB  1 
ATOM   967  C CG  . ASP A 1 127 ? 7.161   -3.812  -14.974 1.00 67.28 ? 127 ASP A CG  1 
ATOM   968  O OD1 . ASP A 1 127 ? 6.048   -3.206  -15.424 1.00 74.28 ? 127 ASP A OD1 1 
ATOM   969  O OD2 . ASP A 1 127 ? 8.289   -3.573  -15.421 1.00 67.78 ? 127 ASP A OD2 1 
ATOM   970  N N   . TYR A 1 128 ? 4.063   -3.419  -13.962 1.00 36.85 ? 128 TYR A N   1 
ATOM   971  C CA  . TYR A 1 128 ? 2.757   -3.405  -14.545 1.00 37.82 ? 128 TYR A CA  1 
ATOM   972  C C   . TYR A 1 128 ? 2.800   -2.669  -15.863 1.00 41.80 ? 128 TYR A C   1 
ATOM   973  O O   . TYR A 1 128 ? 3.161   -1.516  -15.898 1.00 45.98 ? 128 TYR A O   1 
ATOM   974  C CB  . TYR A 1 128 ? 1.762   -2.747  -13.603 1.00 22.07 ? 128 TYR A CB  1 
ATOM   975  C CG  . TYR A 1 128 ? 2.168   -1.360  -13.240 1.00 24.67 ? 128 TYR A CG  1 
ATOM   976  C CD1 . TYR A 1 128 ? 3.133   -1.107  -12.267 1.00 26.88 ? 128 TYR A CD1 1 
ATOM   977  C CD2 . TYR A 1 128 ? 1.561   -0.279  -13.873 1.00 28.57 ? 128 TYR A CD2 1 
ATOM   978  C CE1 . TYR A 1 128 ? 3.471   0.207   -11.948 1.00 24.19 ? 128 TYR A CE1 1 
ATOM   979  C CE2 . TYR A 1 128 ? 1.890   1.034   -13.565 1.00 23.06 ? 128 TYR A CE2 1 
ATOM   980  C CZ  . TYR A 1 128 ? 2.854   1.278   -12.596 1.00 27.48 ? 128 TYR A CZ  1 
ATOM   981  O OH  . TYR A 1 128 ? 3.177   2.594   -12.327 1.00 31.13 ? 128 TYR A OH  1 
ATOM   982  N N   . GLU A 1 129 ? 2.434   -3.353  -16.917 1.00 42.53 ? 129 GLU A N   1 
ATOM   983  C CA  . GLU A 1 129 ? 2.422   -2.752  -18.206 1.00 43.70 ? 129 GLU A CA  1 
ATOM   984  C C   . GLU A 1 129 ? 1.522   -1.501  -18.166 1.00 48.82 ? 129 GLU A C   1 
ATOM   985  O O   . GLU A 1 129 ? 0.319   -1.556  -17.984 1.00 51.45 ? 129 GLU A O   1 
ATOM   986  C CB  . GLU A 1 129 ? 1.947   -3.778  -19.200 1.00 35.47 ? 129 GLU A CB  1 
ATOM   987  C CG  . GLU A 1 129 ? 1.701   -3.008  -20.523 1.00 46.36 ? 129 GLU A CG  1 
ATOM   988  C CD  . GLU A 1 129 ? 1.272   -3.976  -21.704 1.00 65.21 ? 129 GLU A CD  1 
ATOM   989  O OE1 . GLU A 1 129 ? 1.004   -5.315  -21.248 1.00 73.73 ? 129 GLU A OE1 1 
ATOM   990  O OE2 . GLU A 1 129 ? 1.146   -3.563  -22.977 1.00 68.41 ? 129 GLU A OE2 1 
ATOM   991  N N   . PRO A 1 130 ? 2.097   -0.336  -18.326 1.00 49.18 ? 130 PRO A N   1 
ATOM   992  C CA  . PRO A 1 130 ? 1.333   0.868   -18.250 1.00 46.31 ? 130 PRO A CA  1 
ATOM   993  C C   . PRO A 1 130 ? 0.214   1.002   -19.207 1.00 45.45 ? 130 PRO A C   1 
ATOM   994  O O   . PRO A 1 130 ? -0.689  1.785   -18.994 1.00 43.60 ? 130 PRO A O   1 
ATOM   995  C CB  . PRO A 1 130 ? 2.303   2.022   -18.206 1.00 53.73 ? 130 PRO A CB  1 
ATOM   996  C CG  . PRO A 1 130 ? 3.601   1.392   -17.722 1.00 53.38 ? 130 PRO A CG  1 
ATOM   997  C CD  . PRO A 1 130 ? 3.535   -0.039  -18.224 1.00 55.94 ? 130 PRO A CD  1 
ATOM   998  N N   . ASP A 1 131 ? 0.270   0.214   -20.242 1.00 49.28 ? 131 ASP A N   1 
ATOM   999  C CA  . ASP A 1 131 ? -0.767  0.197   -21.268 1.00 48.21 ? 131 ASP A CA  1 
ATOM   1000 C C   . ASP A 1 131 ? -2.044  -0.539  -20.809 1.00 36.17 ? 131 ASP A C   1 
ATOM   1001 O O   . ASP A 1 131 ? -3.028  -0.550  -21.536 1.00 40.84 ? 131 ASP A O   1 
ATOM   1002 C CB  . ASP A 1 131 ? -0.196  -0.534  -22.518 1.00 59.49 ? 131 ASP A CB  1 
ATOM   1003 C CG  . ASP A 1 131 ? -0.539  0.002   -23.901 1.00 61.59 ? 131 ASP A CG  1 
ATOM   1004 O OD1 . ASP A 1 131 ? -0.593  1.203   -24.170 1.00 54.09 ? 131 ASP A OD1 1 
ATOM   1005 O OD2 . ASP A 1 131 ? -0.656  -0.966  -24.807 1.00 67.15 ? 131 ASP A OD2 1 
ATOM   1006 N N   . ASP A 1 132 ? -2.044  -1.179  -19.634 1.00 28.31 ? 132 ASP A N   1 
ATOM   1007 C CA  . ASP A 1 132 ? -3.219  -1.906  -19.137 1.00 24.21 ? 132 ASP A CA  1 
ATOM   1008 C C   . ASP A 1 132 ? -4.037  -1.128  -18.132 1.00 19.84 ? 132 ASP A C   1 
ATOM   1009 O O   . ASP A 1 132 ? -5.026  -1.617  -17.602 1.00 23.06 ? 132 ASP A O   1 
ATOM   1010 C CB  . ASP A 1 132 ? -2.779  -3.091  -18.275 1.00 32.48 ? 132 ASP A CB  1 
ATOM   1011 C CG  . ASP A 1 132 ? -2.084  -4.154  -19.047 1.00 46.12 ? 132 ASP A CG  1 
ATOM   1012 O OD1 . ASP A 1 132 ? -1.863  -4.045  -20.243 1.00 49.34 ? 132 ASP A OD1 1 
ATOM   1013 O OD2 . ASP A 1 132 ? -1.746  -5.187  -18.304 1.00 48.08 ? 132 ASP A OD2 1 
ATOM   1014 N N   . TRP A 1 133 ? -3.590  0.081   -17.811 1.00 20.28 ? 133 TRP A N   1 
ATOM   1015 C CA  . TRP A 1 133 ? -4.254  0.895   -16.813 1.00 17.05 ? 133 TRP A CA  1 
ATOM   1016 C C   . TRP A 1 133 ? -4.540  2.231   -17.310 1.00 15.82 ? 133 TRP A C   1 
ATOM   1017 O O   . TRP A 1 133 ? -3.935  2.687   -18.248 1.00 25.38 ? 133 TRP A O   1 
ATOM   1018 C CB  . TRP A 1 133 ? -3.299  1.158   -15.593 1.00 14.13 ? 133 TRP A CB  1 
ATOM   1019 C CG  . TRP A 1 133 ? -2.857  -0.118  -14.959 1.00 16.89 ? 133 TRP A CG  1 
ATOM   1020 C CD1 . TRP A 1 133 ? -1.861  -0.935  -15.393 1.00 18.11 ? 133 TRP A CD1 1 
ATOM   1021 C CD2 . TRP A 1 133 ? -3.490  -0.787  -13.834 1.00 19.56 ? 133 TRP A CD2 1 
ATOM   1022 N NE1 . TRP A 1 133 ? -1.804  -2.058  -14.596 1.00 21.04 ? 133 TRP A NE1 1 
ATOM   1023 C CE2 . TRP A 1 133 ? -2.796  -1.990  -13.638 1.00 15.64 ? 133 TRP A CE2 1 
ATOM   1024 C CE3 . TRP A 1 133 ? -4.565  -0.464  -12.971 1.00 14.89 ? 133 TRP A CE3 1 
ATOM   1025 C CZ2 . TRP A 1 133 ? -3.159  -2.831  -12.602 1.00 8.27  ? 133 TRP A CZ2 1 
ATOM   1026 C CZ3 . TRP A 1 133 ? -4.910  -1.275  -11.937 1.00 9.13  ? 133 TRP A CZ3 1 
ATOM   1027 C CH2 . TRP A 1 133 ? -4.189  -2.445  -11.779 1.00 7.28  ? 133 TRP A CH2 1 
ATOM   1028 N N   . GLU A 1 134 ? -5.425  2.874   -16.633 1.00 16.69 ? 134 GLU A N   1 
ATOM   1029 C CA  . GLU A 1 134 ? -5.712  4.196   -17.064 1.00 16.98 ? 134 GLU A CA  1 
ATOM   1030 C C   . GLU A 1 134 ? -5.653  5.237   -15.969 1.00 17.75 ? 134 GLU A C   1 
ATOM   1031 O O   . GLU A 1 134 ? -6.330  5.147   -14.967 1.00 16.79 ? 134 GLU A O   1 
ATOM   1032 C CB  . GLU A 1 134 ? -6.918  4.224   -17.963 1.00 27.63 ? 134 GLU A CB  1 
ATOM   1033 C CG  . GLU A 1 134 ? -8.163  4.409   -17.145 1.00 39.25 ? 134 GLU A CG  1 
ATOM   1034 C CD  . GLU A 1 134 ? -9.197  5.017   -18.042 1.00 57.24 ? 134 GLU A CD  1 
ATOM   1035 O OE1 . GLU A 1 134 ? -9.145  6.217   -18.390 1.00 52.40 ? 134 GLU A OE1 1 
ATOM   1036 O OE2 . GLU A 1 134 ? -10.031 4.075   -18.515 1.00 68.18 ? 134 GLU A OE2 1 
ATOM   1037 N N   . SER A 1 135 ? -4.817  6.260   -16.138 1.00 13.63 ? 135 SER A N   1 
ATOM   1038 C CA  . SER A 1 135 ? -4.720  7.238   -15.105 1.00 7.07  ? 135 SER A CA  1 
ATOM   1039 C C   . SER A 1 135 ? -5.944  8.128   -14.958 1.00 9.22  ? 135 SER A C   1 
ATOM   1040 O O   . SER A 1 135 ? -6.309  8.773   -15.915 1.00 20.10 ? 135 SER A O   1 
ATOM   1041 C CB  . SER A 1 135 ? -3.457  8.026   -15.304 1.00 4.86  ? 135 SER A CB  1 
ATOM   1042 O OG  . SER A 1 135 ? -3.265  8.872   -14.223 1.00 11.02 ? 135 SER A OG  1 
ATOM   1043 N N   . VAL A 1 136 ? -6.583  8.176   -13.778 1.00 6.76  ? 136 VAL A N   1 
ATOM   1044 C CA  . VAL A 1 136 ? -7.783  9.005   -13.587 1.00 8.53  ? 136 VAL A CA  1 
ATOM   1045 C C   . VAL A 1 136 ? -7.574  10.206  -12.644 1.00 10.41 ? 136 VAL A C   1 
ATOM   1046 O O   . VAL A 1 136 ? -8.408  11.051  -12.356 1.00 10.56 ? 136 VAL A O   1 
ATOM   1047 C CB  . VAL A 1 136 ? -8.947  8.101   -13.105 1.00 14.70 ? 136 VAL A CB  1 
ATOM   1048 C CG1 . VAL A 1 136 ? -9.217  6.998   -14.119 1.00 7.57  ? 136 VAL A CG1 1 
ATOM   1049 C CG2 . VAL A 1 136 ? -8.593  7.452   -11.757 1.00 10.65 ? 136 VAL A CG2 1 
ATOM   1050 N N   . PHE A 1 137 ? -6.379  10.301  -12.118 1.00 12.91 ? 137 PHE A N   1 
ATOM   1051 C CA  . PHE A 1 137 ? -6.100  11.398  -11.222 1.00 11.24 ? 137 PHE A CA  1 
ATOM   1052 C C   . PHE A 1 137 ? -4.586  11.495  -11.034 1.00 9.52  ? 137 PHE A C   1 
ATOM   1053 O O   . PHE A 1 137 ? -3.965  10.447  -10.977 1.00 12.13 ? 137 PHE A O   1 
ATOM   1054 C CB  . PHE A 1 137 ? -6.674  11.041  -9.852  1.00 5.92  ? 137 PHE A CB  1 
ATOM   1055 C CG  . PHE A 1 137 ? -6.321  12.077  -8.833  1.00 9.37  ? 137 PHE A CG  1 
ATOM   1056 C CD1 . PHE A 1 137 ? -6.972  13.313  -8.840  1.00 3.89  ? 137 PHE A CD1 1 
ATOM   1057 C CD2 . PHE A 1 137 ? -5.349  11.802  -7.868  1.00 6.10  ? 137 PHE A CD2 1 
ATOM   1058 C CE1 . PHE A 1 137 ? -6.633  14.287  -7.910  1.00 5.50  ? 137 PHE A CE1 1 
ATOM   1059 C CE2 . PHE A 1 137 ? -4.984  12.776  -6.936  1.00 4.48  ? 137 PHE A CE2 1 
ATOM   1060 C CZ  . PHE A 1 137 ? -5.644  14.002  -6.970  1.00 5.62  ? 137 PHE A CZ  1 
ATOM   1061 N N   . SER A 1 138 ? -4.049  12.715  -10.950 1.00 10.33 ? 138 SER A N   1 
ATOM   1062 C CA  . SER A 1 138 ? -2.635  13.047  -10.730 1.00 10.06 ? 138 SER A CA  1 
ATOM   1063 C C   . SER A 1 138 ? -2.520  14.375  -10.045 1.00 6.85  ? 138 SER A C   1 
ATOM   1064 O O   . SER A 1 138 ? -3.227  15.316  -10.319 1.00 6.38  ? 138 SER A O   1 
ATOM   1065 C CB  . SER A 1 138 ? -1.698  12.911  -11.906 1.00 9.52  ? 138 SER A CB  1 
ATOM   1066 O OG  . SER A 1 138 ? -2.240  13.658  -12.950 1.00 13.90 ? 138 SER A OG  1 
ATOM   1067 N N   . GLU A 1 139 ? -1.634  14.492  -9.103  1.00 7.40  ? 139 GLU A N   1 
ATOM   1068 C CA  . GLU A 1 139 ? -1.462  15.759  -8.415  1.00 7.01  ? 139 GLU A CA  1 
ATOM   1069 C C   . GLU A 1 139 ? 0.007   15.843  -7.971  1.00 10.35 ? 139 GLU A C   1 
ATOM   1070 O O   . GLU A 1 139 ? 0.499   15.132  -7.099  1.00 15.74 ? 139 GLU A O   1 
ATOM   1071 C CB  . GLU A 1 139 ? -2.436  15.757  -7.272  1.00 6.49  ? 139 GLU A CB  1 
ATOM   1072 C CG  . GLU A 1 139 ? -2.315  16.966  -6.358  1.00 16.13 ? 139 GLU A CG  1 
ATOM   1073 C CD  . GLU A 1 139 ? -3.353  16.936  -5.254  1.00 20.45 ? 139 GLU A CD  1 
ATOM   1074 O OE1 . GLU A 1 139 ? -4.549  16.870  -5.413  1.00 31.76 ? 139 GLU A OE1 1 
ATOM   1075 O OE2 . GLU A 1 139 ? -2.852  16.878  -4.068  1.00 23.87 ? 139 GLU A OE2 1 
ATOM   1076 N N   . PHE A 1 140 ? 0.767   16.721  -8.593  1.00 7.94  ? 140 PHE A N   1 
ATOM   1077 C CA  . PHE A 1 140 ? 2.204   16.863  -8.297  1.00 5.75  ? 140 PHE A CA  1 
ATOM   1078 C C   . PHE A 1 140 ? 2.514   17.843  -7.169  1.00 12.52 ? 140 PHE A C   1 
ATOM   1079 O O   . PHE A 1 140 ? 1.832   18.886  -7.015  1.00 18.54 ? 140 PHE A O   1 
ATOM   1080 C CB  . PHE A 1 140 ? 2.888   17.282  -9.613  1.00 9.93  ? 140 PHE A CB  1 
ATOM   1081 C CG  . PHE A 1 140 ? 4.320   17.468  -9.343  1.00 13.30 ? 140 PHE A CG  1 
ATOM   1082 C CD1 . PHE A 1 140 ? 5.201   16.390  -9.406  1.00 15.08 ? 140 PHE A CD1 1 
ATOM   1083 C CD2 . PHE A 1 140 ? 4.788   18.725  -8.966  1.00 16.52 ? 140 PHE A CD2 1 
ATOM   1084 C CE1 . PHE A 1 140 ? 6.541   16.525  -9.103  1.00 11.60 ? 140 PHE A CE1 1 
ATOM   1085 C CE2 . PHE A 1 140 ? 6.149   18.885  -8.686  1.00 16.72 ? 140 PHE A CE2 1 
ATOM   1086 C CZ  . PHE A 1 140 ? 7.013   17.794  -8.754  1.00 16.37 ? 140 PHE A CZ  1 
ATOM   1087 N N   . HIS A 1 141 ? 3.543   17.542  -6.355  1.00 7.25  ? 141 HIS A N   1 
ATOM   1088 C CA  . HIS A 1 141 ? 3.798   18.504  -5.339  1.00 9.92  ? 141 HIS A CA  1 
ATOM   1089 C C   . HIS A 1 141 ? 5.267   18.726  -5.219  1.00 13.68 ? 141 HIS A C   1 
ATOM   1090 O O   . HIS A 1 141 ? 6.086   17.789  -5.207  1.00 7.69  ? 141 HIS A O   1 
ATOM   1091 C CB  . HIS A 1 141 ? 3.349   18.067  -3.934  1.00 15.28 ? 141 HIS A CB  1 
ATOM   1092 C CG  . HIS A 1 141 ? 1.858   17.944  -3.796  1.00 18.33 ? 141 HIS A CG  1 
ATOM   1093 N ND1 . HIS A 1 141 ? 1.100   18.899  -3.122  1.00 16.58 ? 141 HIS A ND1 1 
ATOM   1094 C CD2 . HIS A 1 141 ? 1.010   17.005  -4.256  1.00 15.24 ? 141 HIS A CD2 1 
ATOM   1095 C CE1 . HIS A 1 141 ? -0.179  18.524  -3.181  1.00 6.06  ? 141 HIS A CE1 1 
ATOM   1096 N NE2 . HIS A 1 141 ? -0.246  17.401  -3.849  1.00 9.62  ? 141 HIS A NE2 1 
ATOM   1097 N N   . ASP A 1 142 ? 5.643   19.987  -5.102  1.00 15.65 ? 142 ASP A N   1 
ATOM   1098 C CA  . ASP A 1 142 ? 7.083   20.250  -4.953  1.00 22.67 ? 142 ASP A CA  1 
ATOM   1099 C C   . ASP A 1 142 ? 7.543   19.975  -3.509  1.00 19.15 ? 142 ASP A C   1 
ATOM   1100 O O   . ASP A 1 142 ? 6.747   20.052  -2.570  1.00 18.05 ? 142 ASP A O   1 
ATOM   1101 C CB  . ASP A 1 142 ? 7.390   21.755  -5.178  1.00 23.64 ? 142 ASP A CB  1 
ATOM   1102 C CG  . ASP A 1 142 ? 7.068   22.233  -6.550  1.00 15.74 ? 142 ASP A CG  1 
ATOM   1103 O OD1 . ASP A 1 142 ? 7.842   21.705  -7.487  1.00 22.67 ? 142 ASP A OD1 1 
ATOM   1104 O OD2 . ASP A 1 142 ? 6.222   23.104  -6.736  1.00 31.70 ? 142 ASP A OD2 1 
ATOM   1105 N N   . ALA A 1 143 ? 8.831   19.699  -3.341  1.00 22.61 ? 143 ALA A N   1 
ATOM   1106 C CA  . ALA A 1 143 ? 9.394   19.447  -2.036  1.00 18.42 ? 143 ALA A CA  1 
ATOM   1107 C C   . ALA A 1 143 ? 9.109   20.634  -1.141  1.00 22.72 ? 143 ALA A C   1 
ATOM   1108 O O   . ALA A 1 143 ? 9.053   21.753  -1.592  1.00 23.75 ? 143 ALA A O   1 
ATOM   1109 C CB  . ALA A 1 143 ? 10.867  19.232  -2.289  1.00 13.73 ? 143 ALA A CB  1 
ATOM   1110 N N   . ASP A 1 144 ? 8.889   20.441  0.134   1.00 29.33 ? 144 ASP A N   1 
ATOM   1111 C CA  . ASP A 1 144 ? 8.613   21.567  1.018   1.00 21.28 ? 144 ASP A CA  1 
ATOM   1112 C C   . ASP A 1 144 ? 9.416   21.429  2.314   1.00 24.02 ? 144 ASP A C   1 
ATOM   1113 O O   . ASP A 1 144 ? 10.397  20.663  2.410   1.00 30.54 ? 144 ASP A O   1 
ATOM   1114 C CB  . ASP A 1 144 ? 7.107   21.813  1.231   1.00 30.13 ? 144 ASP A CB  1 
ATOM   1115 C CG  . ASP A 1 144 ? 6.401   20.726  2.013   1.00 34.31 ? 144 ASP A CG  1 
ATOM   1116 O OD1 . ASP A 1 144 ? 6.987   19.791  2.500   1.00 34.39 ? 144 ASP A OD1 1 
ATOM   1117 O OD2 . ASP A 1 144 ? 5.115   20.936  2.204   1.00 41.73 ? 144 ASP A OD2 1 
ATOM   1118 N N   . ALA A 1 145 ? 9.076   22.151  3.348   1.00 21.57 ? 145 ALA A N   1 
ATOM   1119 C CA  . ALA A 1 145 ? 9.888   21.978  4.551   1.00 30.60 ? 145 ALA A CA  1 
ATOM   1120 C C   . ALA A 1 145 ? 9.679   20.618  5.152   1.00 37.61 ? 145 ALA A C   1 
ATOM   1121 O O   . ALA A 1 145 ? 10.633  20.015  5.646   1.00 37.07 ? 145 ALA A O   1 
ATOM   1122 C CB  . ALA A 1 145 ? 9.577   23.004  5.608   1.00 39.06 ? 145 ALA A CB  1 
ATOM   1123 N N   . GLN A 1 146 ? 8.412   20.169  5.072   1.00 39.33 ? 146 GLN A N   1 
ATOM   1124 C CA  . GLN A 1 146 ? 7.984   18.876  5.597   1.00 37.82 ? 146 GLN A CA  1 
ATOM   1125 C C   . GLN A 1 146 ? 8.323   17.633  4.755   1.00 26.39 ? 146 GLN A C   1 
ATOM   1126 O O   . GLN A 1 146 ? 8.620   16.541  5.258   1.00 25.00 ? 146 GLN A O   1 
ATOM   1127 C CB  . GLN A 1 146 ? 6.481   18.924  5.927   1.00 51.31 ? 146 GLN A CB  1 
ATOM   1128 C CG  . GLN A 1 146 ? 6.073   20.089  6.868   1.00 62.16 ? 146 GLN A CG  1 
ATOM   1129 C CD  . GLN A 1 146 ? 4.807   19.760  7.679   1.00 73.90 ? 146 GLN A CD  1 
ATOM   1130 O OE1 . GLN A 1 146 ? 4.472   20.466  8.673   1.00 79.87 ? 146 GLN A OE1 1 
ATOM   1131 N NE2 . GLN A 1 146 ? 4.123   18.646  7.298   1.00 73.15 ? 146 GLN A NE2 1 
ATOM   1132 N N   . ASN A 1 147 ? 8.287   17.796  3.439   1.00 24.76 ? 147 ASN A N   1 
ATOM   1133 C CA  . ASN A 1 147 ? 8.550   16.722  2.479   1.00 21.57 ? 147 ASN A CA  1 
ATOM   1134 C C   . ASN A 1 147 ? 9.741   17.156  1.717   1.00 18.30 ? 147 ASN A C   1 
ATOM   1135 O O   . ASN A 1 147 ? 9.658   18.114  0.977   1.00 22.61 ? 147 ASN A O   1 
ATOM   1136 C CB  . ASN A 1 147 ? 7.285   16.593  1.589   1.00 22.57 ? 147 ASN A CB  1 
ATOM   1137 C CG  . ASN A 1 147 ? 6.061   16.363  2.492   1.00 20.78 ? 147 ASN A CG  1 
ATOM   1138 O OD1 . ASN A 1 147 ? 5.845   15.258  2.954   1.00 21.18 ? 147 ASN A OD1 1 
ATOM   1139 N ND2 . ASN A 1 147 ? 5.342   17.411  2.936   1.00 15.76 ? 147 ASN A ND2 1 
ATOM   1140 N N   . SER A 1 148 ? 10.840  16.472  1.944   1.00 21.76 ? 148 SER A N   1 
ATOM   1141 C CA  . SER A 1 148 ? 12.091  16.798  1.315   1.00 26.25 ? 148 SER A CA  1 
ATOM   1142 C C   . SER A 1 148 ? 12.288  16.370  -0.108  1.00 23.35 ? 148 SER A C   1 
ATOM   1143 O O   . SER A 1 148 ? 13.303  16.650  -0.737  1.00 28.06 ? 148 SER A O   1 
ATOM   1144 C CB  . SER A 1 148 ? 13.281  16.431  2.159   1.00 40.64 ? 148 SER A CB  1 
ATOM   1145 O OG  . SER A 1 148 ? 12.891  15.512  3.131   1.00 47.76 ? 148 SER A OG  1 
ATOM   1146 N N   . HIS A 1 149 ? 11.332  15.678  -0.635  1.00 21.90 ? 149 HIS A N   1 
ATOM   1147 C CA  . HIS A 1 149 ? 11.397  15.238  -2.020  1.00 17.07 ? 149 HIS A CA  1 
ATOM   1148 C C   . HIS A 1 149 ? 10.047  15.589  -2.606  1.00 15.26 ? 149 HIS A C   1 
ATOM   1149 O O   . HIS A 1 149 ? 9.071   15.683  -1.845  1.00 12.70 ? 149 HIS A O   1 
ATOM   1150 C CB  . HIS A 1 149 ? 11.575  13.728  -2.122  1.00 22.53 ? 149 HIS A CB  1 
ATOM   1151 C CG  . HIS A 1 149 ? 12.963  13.292  -1.778  1.00 31.52 ? 149 HIS A CG  1 
ATOM   1152 N ND1 . HIS A 1 149 ? 13.300  12.840  -0.508  1.00 32.52 ? 149 HIS A ND1 1 
ATOM   1153 C CD2 . HIS A 1 149 ? 14.070  13.262  -2.568  1.00 34.29 ? 149 HIS A CD2 1 
ATOM   1154 C CE1 . HIS A 1 149 ? 14.582  12.543  -0.542  1.00 33.15 ? 149 HIS A CE1 1 
ATOM   1155 N NE2 . HIS A 1 149 ? 15.063  12.788  -1.761  1.00 43.57 ? 149 HIS A NE2 1 
ATOM   1156 N N   . SER A 1 150 ? 10.002  15.795  -3.918  1.00 13.19 ? 150 SER A N   1 
ATOM   1157 C CA  . SER A 1 150 ? 8.757   16.102  -4.490  1.00 16.83 ? 150 SER A CA  1 
ATOM   1158 C C   . SER A 1 150 ? 8.075   14.729  -4.680  1.00 14.22 ? 150 SER A C   1 
ATOM   1159 O O   . SER A 1 150 ? 8.673   13.646  -4.756  1.00 12.19 ? 150 SER A O   1 
ATOM   1160 C CB  . SER A 1 150 ? 8.966   16.827  -5.795  1.00 13.90 ? 150 SER A CB  1 
ATOM   1161 O OG  . SER A 1 150 ? 9.473   15.851  -6.674  1.00 16.70 ? 150 SER A OG  1 
ATOM   1162 N N   . TYR A 1 151 ? 6.788   14.751  -4.784  1.00 11.10 ? 151 TYR A N   1 
ATOM   1163 C CA  . TYR A 1 151 ? 6.072   13.502  -4.965  1.00 13.30 ? 151 TYR A CA  1 
ATOM   1164 C C   . TYR A 1 151 ? 4.826   13.734  -5.783  1.00 8.11  ? 151 TYR A C   1 
ATOM   1165 O O   . TYR A 1 151 ? 4.243   14.831  -5.845  1.00 8.92  ? 151 TYR A O   1 
ATOM   1166 C CB  . TYR A 1 151 ? 5.717   12.971  -3.585  1.00 8.76  ? 151 TYR A CB  1 
ATOM   1167 C CG  . TYR A 1 151 ? 5.107   14.062  -2.743  1.00 9.02  ? 151 TYR A CG  1 
ATOM   1168 C CD1 . TYR A 1 151 ? 5.941   15.016  -2.142  1.00 7.59  ? 151 TYR A CD1 1 
ATOM   1169 C CD2 . TYR A 1 151 ? 3.731   14.142  -2.546  1.00 8.66  ? 151 TYR A CD2 1 
ATOM   1170 C CE1 . TYR A 1 151 ? 5.434   16.048  -1.356  1.00 3.43  ? 151 TYR A CE1 1 
ATOM   1171 C CE2 . TYR A 1 151 ? 3.185   15.159  -1.769  1.00 9.99  ? 151 TYR A CE2 1 
ATOM   1172 C CZ  . TYR A 1 151 ? 4.047   16.100  -1.193  1.00 13.01 ? 151 TYR A CZ  1 
ATOM   1173 O OH  . TYR A 1 151 ? 3.541   17.099  -0.459  1.00 21.60 ? 151 TYR A OH  1 
ATOM   1174 N N   . CYS A 1 152 ? 4.442   12.706  -6.463  1.00 5.76  ? 152 CYS A N   1 
ATOM   1175 C CA  . CYS A 1 152 ? 3.262   12.924  -7.252  1.00 6.58  ? 152 CYS A CA  1 
ATOM   1176 C C   . CYS A 1 152 ? 2.247   11.786  -6.987  1.00 7.30  ? 152 CYS A C   1 
ATOM   1177 O O   . CYS A 1 152 ? 2.591   10.645  -7.183  1.00 3.11  ? 152 CYS A O   1 
ATOM   1178 C CB  . CYS A 1 152 ? 3.689   12.886  -8.735  1.00 6.40  ? 152 CYS A CB  1 
ATOM   1179 S SG  . CYS A 1 152 ? 2.418   13.221  -10.003 1.00 15.42 ? 152 CYS A SG  1 
ATOM   1180 N N   . PHE A 1 153 ? 1.008   12.136  -6.578  1.00 10.46 ? 153 PHE A N   1 
ATOM   1181 C CA  . PHE A 1 153 ? -0.087  11.172  -6.324  1.00 5.60  ? 153 PHE A CA  1 
ATOM   1182 C C   . PHE A 1 153 ? -0.696  10.855  -7.667  1.00 12.51 ? 153 PHE A C   1 
ATOM   1183 O O   . PHE A 1 153 ? -0.758  11.707  -8.562  1.00 13.07 ? 153 PHE A O   1 
ATOM   1184 C CB  . PHE A 1 153 ? -1.186  11.741  -5.429  1.00 1.00  ? 153 PHE A CB  1 
ATOM   1185 C CG  . PHE A 1 153 ? -0.647  12.176  -4.101  1.00 6.13  ? 153 PHE A CG  1 
ATOM   1186 C CD1 . PHE A 1 153 ? 0.157   11.301  -3.370  1.00 5.50  ? 153 PHE A CD1 1 
ATOM   1187 C CD2 . PHE A 1 153 ? -0.939  13.444  -3.600  1.00 9.25  ? 153 PHE A CD2 1 
ATOM   1188 C CE1 . PHE A 1 153 ? 0.654   11.689  -2.122  1.00 8.28  ? 153 PHE A CE1 1 
ATOM   1189 C CE2 . PHE A 1 153 ? -0.434  13.852  -2.367  1.00 6.72  ? 153 PHE A CE2 1 
ATOM   1190 C CZ  . PHE A 1 153 ? 0.352   12.958  -1.634  1.00 6.46  ? 153 PHE A CZ  1 
ATOM   1191 N N   . GLU A 1 154 ? -1.124  9.625   -7.818  1.00 9.32  ? 154 GLU A N   1 
ATOM   1192 C CA  . GLU A 1 154 ? -1.734  9.123   -9.019  1.00 1.00  ? 154 GLU A CA  1 
ATOM   1193 C C   . GLU A 1 154 ? -2.676  7.944   -8.691  1.00 9.77  ? 154 GLU A C   1 
ATOM   1194 O O   . GLU A 1 154 ? -2.391  7.056   -7.859  1.00 4.48  ? 154 GLU A O   1 
ATOM   1195 C CB  . GLU A 1 154 ? -0.666  8.493   -9.929  1.00 5.42  ? 154 GLU A CB  1 
ATOM   1196 C CG  . GLU A 1 154 ? -1.228  8.387   -11.356 1.00 4.88  ? 154 GLU A CG  1 
ATOM   1197 C CD  . GLU A 1 154 ? -0.329  7.875   -12.437 1.00 8.21  ? 154 GLU A CD  1 
ATOM   1198 O OE1 . GLU A 1 154 ? 0.698   7.214   -12.015 1.00 5.00  ? 154 GLU A OE1 1 
ATOM   1199 O OE2 . GLU A 1 154 ? -0.707  7.846   -13.582 1.00 9.96  ? 154 GLU A OE2 1 
ATOM   1200 N N   . ILE A 1 155 ? -3.820  7.909   -9.390  1.00 13.36 ? 155 ILE A N   1 
ATOM   1201 C CA  . ILE A 1 155 ? -4.779  6.807   -9.245  1.00 8.30  ? 155 ILE A CA  1 
ATOM   1202 C C   . ILE A 1 155 ? -4.954  6.210   -10.659 1.00 6.74  ? 155 ILE A C   1 
ATOM   1203 O O   . ILE A 1 155 ? -5.162  6.920   -11.644 1.00 6.94  ? 155 ILE A O   1 
ATOM   1204 C CB  . ILE A 1 155 ? -6.129  7.133   -8.564  1.00 7.99  ? 155 ILE A CB  1 
ATOM   1205 C CG1 . ILE A 1 155 ? -5.954  7.693   -7.165  1.00 6.31  ? 155 ILE A CG1 1 
ATOM   1206 C CG2 . ILE A 1 155 ? -6.948  5.848   -8.498  1.00 7.97  ? 155 ILE A CG2 1 
ATOM   1207 C CD1 . ILE A 1 155 ? -7.239  8.285   -6.539  1.00 1.85  ? 155 ILE A CD1 1 
ATOM   1208 N N   . LEU A 1 156 ? -4.827  4.908   -10.775 1.00 1.60  ? 156 LEU A N   1 
ATOM   1209 C CA  . LEU A 1 156 ? -4.966  4.290   -12.069 1.00 3.75  ? 156 LEU A CA  1 
ATOM   1210 C C   . LEU A 1 156 ? -6.031  3.213   -11.971 1.00 10.69 ? 156 LEU A C   1 
ATOM   1211 O O   . LEU A 1 156 ? -6.151  2.587   -10.920 1.00 9.95  ? 156 LEU A O   1 
ATOM   1212 C CB  . LEU A 1 156 ? -3.660  3.595   -12.454 1.00 10.88 ? 156 LEU A CB  1 
ATOM   1213 C CG  . LEU A 1 156 ? -2.509  4.560   -12.544 1.00 9.39  ? 156 LEU A CG  1 
ATOM   1214 C CD1 . LEU A 1 156 ? -1.637  4.407   -11.311 1.00 13.47 ? 156 LEU A CD1 1 
ATOM   1215 C CD2 . LEU A 1 156 ? -1.741  4.102   -13.735 1.00 12.43 ? 156 LEU A CD2 1 
ATOM   1216 N N   . GLU A 1 157 ? -6.787  2.992   -13.057 1.00 11.32 ? 157 GLU A N   1 
ATOM   1217 C CA  . GLU A 1 157 ? -7.809  1.930   -13.072 1.00 14.05 ? 157 GLU A CA  1 
ATOM   1218 C C   . GLU A 1 157 ? -7.524  0.907   -14.177 1.00 17.14 ? 157 GLU A C   1 
ATOM   1219 O O   . GLU A 1 157 ? -7.192  1.242   -15.323 1.00 18.98 ? 157 GLU A O   1 
ATOM   1220 C CB  . GLU A 1 157 ? -9.206  2.483   -13.270 1.00 8.86  ? 157 GLU A CB  1 
ATOM   1221 C CG  . GLU A 1 157 ? -9.552  3.442   -12.143 1.00 10.59 ? 157 GLU A CG  1 
ATOM   1222 C CD  . GLU A 1 157 ? -10.989 3.899   -12.375 1.00 24.43 ? 157 GLU A CD  1 
ATOM   1223 O OE1 . GLU A 1 157 ? -11.537 3.800   -13.496 1.00 25.56 ? 157 GLU A OE1 1 
ATOM   1224 O OE2 . GLU A 1 157 ? -11.529 4.508   -11.311 1.00 27.69 ? 157 GLU A OE2 1 
ATOM   1225 N N   . ARG A 1 158 ? -7.618  -0.364  -13.852 1.00 14.65 ? 158 ARG A N   1 
ATOM   1226 C CA  . ARG A 1 158 ? -7.344  -1.352  -14.854 1.00 11.74 ? 158 ARG A CA  1 
ATOM   1227 C C   . ARG A 1 158 ? -8.350  -1.184  -15.972 1.00 18.53 ? 158 ARG A C   1 
ATOM   1228 O O   . ARG A 1 158 ? -9.540  -0.973  -15.746 1.00 26.14 ? 158 ARG A O   1 
ATOM   1229 C CB  . ARG A 1 158 ? -7.304  -2.765  -14.252 1.00 14.90 ? 158 ARG A CB  1 
ATOM   1230 C CG  . ARG A 1 158 ? -6.565  -3.668  -15.215 1.00 24.23 ? 158 ARG A CG  1 
ATOM   1231 C CD  . ARG A 1 158 ? -6.646  -5.127  -14.843 1.00 26.24 ? 158 ARG A CD  1 
ATOM   1232 N NE  . ARG A 1 158 ? -6.067  -5.367  -13.551 1.00 22.74 ? 158 ARG A NE  1 
ATOM   1233 C CZ  . ARG A 1 158 ? -4.868  -5.867  -13.475 1.00 23.99 ? 158 ARG A CZ  1 
ATOM   1234 N NH1 . ARG A 1 158 ? -4.174  -6.166  -14.560 1.00 26.83 ? 158 ARG A NH1 1 
ATOM   1235 N NH2 . ARG A 1 158 ? -4.350  -6.070  -12.285 1.00 25.05 ? 158 ARG A NH2 1 
ATOM   1236 N N   . ARG A 1 159 ? -7.850  -1.226  -17.175 1.00 17.93 ? 159 ARG A N   1 
ATOM   1237 C CA  . ARG A 1 159 ? -8.780  -1.056  -18.249 1.00 30.39 ? 159 ARG A CA  1 
ATOM   1238 C C   . ARG A 1 159 ? -9.309  -2.350  -18.877 1.00 40.97 ? 159 ARG A C   1 
ATOM   1239 O O   . ARG A 1 159 ? -9.028  -3.448  -18.375 1.00 50.55 ? 159 ARG A O   1 
ATOM   1240 C CB  . ARG A 1 159 ? -8.152  -0.201  -19.283 1.00 36.65 ? 159 ARG A CB  1 
ATOM   1241 C CG  . ARG A 1 159 ? -6.740  -0.616  -19.579 1.00 46.29 ? 159 ARG A CG  1 
ATOM   1242 C CD  . ARG A 1 159 ? -6.267  0.148   -20.806 1.00 57.05 ? 159 ARG A CD  1 
ATOM   1243 N NE  . ARG A 1 159 ? -6.610  1.577   -20.773 1.00 62.36 ? 159 ARG A NE  1 
ATOM   1244 C CZ  . ARG A 1 159 ? -5.725  2.559   -20.879 1.00 65.00 ? 159 ARG A CZ  1 
ATOM   1245 N NH1 . ARG A 1 159 ? -4.430  2.313   -21.026 1.00 64.88 ? 159 ARG A NH1 1 
ATOM   1246 N NH2 . ARG A 1 159 ? -6.149  3.818   -20.842 1.00 63.12 ? 159 ARG A NH2 1 
ATOM   1247 O OXT . ARG A 1 159 ? -10.033 -2.324  -19.895 1.00 40.04 ? 159 ARG A OXT 1 
HETATM 1248 N N1  . MTX B 2 .   ? 2.344   5.167   1.747   1.00 6.13  ? 161 MTX A N1  1 
HETATM 1249 C C2  . MTX B 2 .   ? 1.680   4.804   0.680   1.00 14.99 ? 161 MTX A C2  1 
HETATM 1250 N NA2 . MTX B 2 .   ? 1.417   5.679   -0.204  1.00 6.47  ? 161 MTX A NA2 1 
HETATM 1251 N N3  . MTX B 2 .   ? 1.243   3.440   0.552   1.00 7.68  ? 161 MTX A N3  1 
HETATM 1252 C C4  . MTX B 2 .   ? 1.472   2.480   1.474   1.00 13.29 ? 161 MTX A C4  1 
HETATM 1253 N NA4 . MTX B 2 .   ? 1.060   1.270   1.307   1.00 9.40  ? 161 MTX A NA4 1 
HETATM 1254 C C4A . MTX B 2 .   ? 2.192   2.952   2.650   1.00 9.26  ? 161 MTX A C4A 1 
HETATM 1255 N N5  . MTX B 2 .   ? 2.448   2.082   3.587   1.00 13.05 ? 161 MTX A N5  1 
HETATM 1256 C C6  . MTX B 2 .   ? 3.183   2.553   4.617   1.00 15.99 ? 161 MTX A C6  1 
HETATM 1257 C C7  . MTX B 2 .   ? 3.611   3.886   4.623   1.00 21.31 ? 161 MTX A C7  1 
HETATM 1258 N N8  . MTX B 2 .   ? 3.356   4.770   3.714   1.00 11.44 ? 161 MTX A N8  1 
HETATM 1259 C C8A . MTX B 2 .   ? 2.611   4.244   2.725   1.00 15.02 ? 161 MTX A C8A 1 
HETATM 1260 C C9  . MTX B 2 .   ? 3.512   1.576   5.655   1.00 19.18 ? 161 MTX A C9  1 
HETATM 1261 N N10 . MTX B 2 .   ? 3.904   2.220   6.917   1.00 12.38 ? 161 MTX A N10 1 
HETATM 1262 C CM  . MTX B 2 .   ? 5.232   1.850   7.474   1.00 7.03  ? 161 MTX A CM  1 
HETATM 1263 C C11 . MTX B 2 .   ? 1.392   4.767   9.067   1.00 21.27 ? 161 MTX A C11 1 
HETATM 1264 C C12 . MTX B 2 .   ? 2.788   4.605   9.403   1.00 12.33 ? 161 MTX A C12 1 
HETATM 1265 C C13 . MTX B 2 .   ? 3.574   3.754   8.667   1.00 8.24  ? 161 MTX A C13 1 
HETATM 1266 C C14 . MTX B 2 .   ? 2.998   3.058   7.593   1.00 8.23  ? 161 MTX A C14 1 
HETATM 1267 C C15 . MTX B 2 .   ? 1.674   3.207   7.247   1.00 18.16 ? 161 MTX A C15 1 
HETATM 1268 C C16 . MTX B 2 .   ? 0.846   4.081   7.990   1.00 1.00  ? 161 MTX A C16 1 
HETATM 1269 C C   . MTX B 2 .   ? 0.519   5.644   9.771   1.00 18.74 ? 161 MTX A C   1 
HETATM 1270 O O   . MTX B 2 .   ? 0.757   6.090   10.909  1.00 32.90 ? 161 MTX A O   1 
HETATM 1271 N N   . MTX B 2 .   ? -0.447  6.200   9.098   1.00 16.38 ? 161 MTX A N   1 
HETATM 1272 C CA  . MTX B 2 .   ? -1.504  6.907   9.889   1.00 15.18 ? 161 MTX A CA  1 
HETATM 1273 C CT  . MTX B 2 .   ? -2.880  6.491   9.510   1.00 12.15 ? 161 MTX A CT  1 
HETATM 1274 O O1  . MTX B 2 .   ? -3.062  5.922   8.406   1.00 16.18 ? 161 MTX A O1  1 
HETATM 1275 O O2  . MTX B 2 .   ? -3.795  6.838   10.323  1.00 25.26 ? 161 MTX A O2  1 
HETATM 1276 C CB  . MTX B 2 .   ? -1.505  8.374   9.441   1.00 32.14 ? 161 MTX A CB  1 
HETATM 1277 C CG  . MTX B 2 .   ? -1.248  9.299   10.708  1.00 51.81 ? 161 MTX A CG  1 
HETATM 1278 C CD  . MTX B 2 .   ? -0.354  10.445  10.236  1.00 69.45 ? 161 MTX A CD  1 
HETATM 1279 O OE1 . MTX B 2 .   ? 0.804   10.331  10.755  1.00 68.90 ? 161 MTX A OE1 1 
HETATM 1280 O OE2 . MTX B 2 .   ? -0.768  11.246  9.358   1.00 62.27 ? 161 MTX A OE2 1 
HETATM 1281 O O   . HOH C 3 .   ? -0.072  6.127   -2.743  1.00 14.91 ? 200 HOH A O   1 
HETATM 1282 O O   . HOH C 3 .   ? -3.268  11.591  -14.820 1.00 21.30 ? 201 HOH A O   1 
HETATM 1283 O O   . HOH C 3 .   ? -18.941 -9.909  -2.235  1.00 11.42 ? 202 HOH A O   1 
HETATM 1284 O O   . HOH C 3 .   ? 4.323   -1.245  2.660   1.00 42.50 ? 203 HOH A O   1 
HETATM 1285 O O   . HOH C 3 .   ? -3.684  -12.402 18.281  1.00 33.06 ? 204 HOH A O   1 
HETATM 1286 O O   . HOH C 3 .   ? -1.110  14.848  1.522   1.00 22.55 ? 206 HOH A O   1 
HETATM 1287 O O   . HOH C 3 .   ? 15.397  4.418   -6.549  1.00 18.22 ? 207 HOH A O   1 
HETATM 1288 O O   . HOH C 3 .   ? -7.140  -13.137 14.483  1.00 21.38 ? 208 HOH A O   1 
HETATM 1289 O O   . HOH C 3 .   ? -14.992 -11.469 0.391   1.00 21.36 ? 209 HOH A O   1 
HETATM 1290 O O   . HOH C 3 .   ? -14.525 -0.666  1.202   1.00 20.32 ? 210 HOH A O   1 
HETATM 1291 O O   . HOH C 3 .   ? 5.386   -7.083  4.632   1.00 17.65 ? 211 HOH A O   1 
HETATM 1292 O O   . HOH C 3 .   ? 5.586   -10.117 4.949   1.00 58.32 ? 212 HOH A O   1 
HETATM 1293 O O   . HOH C 3 .   ? -3.311  -17.411 12.226  1.00 48.96 ? 213 HOH A O   1 
HETATM 1294 O O   . HOH C 3 .   ? 0.194   7.558   -15.829 1.00 32.75 ? 217 HOH A O   1 
HETATM 1295 O O   . HOH C 3 .   ? -5.604  16.873  -10.149 1.00 27.52 ? 218 HOH A O   1 
HETATM 1296 O O   . HOH C 3 .   ? -4.164  16.365  -12.995 1.00 22.41 ? 220 HOH A O   1 
HETATM 1297 O O   . HOH C 3 .   ? -10.298 -6.666  -8.147  1.00 20.39 ? 221 HOH A O   1 
HETATM 1298 O O   . HOH C 3 .   ? -15.452 -0.804  3.954   1.00 27.88 ? 222 HOH A O   1 
HETATM 1299 O O   . HOH C 3 .   ? -13.472 6.332   2.366   1.00 70.99 ? 228 HOH A O   1 
HETATM 1300 O O   . HOH C 3 .   ? 0.969   -12.378 -12.107 1.00 51.51 ? 230 HOH A O   1 
HETATM 1301 O O   . HOH C 3 .   ? 1.845   21.185  -9.941  1.00 38.18 ? 232 HOH A O   1 
HETATM 1302 O O   . HOH C 3 .   ? -6.101  17.901  -7.732  1.00 37.55 ? 234 HOH A O   1 
HETATM 1303 O O   . HOH C 3 .   ? -9.867  -13.246 20.711  1.00 69.74 ? 235 HOH A O   1 
HETATM 1304 O O   . HOH C 3 .   ? -14.528 -1.925  6.255   1.00 55.42 ? 236 HOH A O   1 
HETATM 1305 O O   . HOH C 3 .   ? -4.964  -6.103  -17.683 1.00 48.16 ? 237 HOH A O   1 
HETATM 1306 O O   . HOH C 3 .   ? -1.542  -4.539  -22.908 1.00 39.43 ? 239 HOH A O   1 
HETATM 1307 O O   . HOH C 3 .   ? 1.120   -15.844 19.488  1.00 35.21 ? 241 HOH A O   1 
HETATM 1308 O O   . HOH C 3 .   ? 7.648   -7.623  -11.319 1.00 41.18 ? 242 HOH A O   1 
HETATM 1309 O O   . HOH C 3 .   ? -3.233  -14.584 17.721  1.00 51.64 ? 244 HOH A O   1 
HETATM 1310 O O   . HOH C 3 .   ? -17.874 -12.919 6.134   1.00 41.01 ? 245 HOH A O   1 
HETATM 1311 O O   . HOH C 3 .   ? 0.937   3.891   -16.384 1.00 62.45 ? 246 HOH A O   1 
HETATM 1312 O O   . HOH C 3 .   ? 2.581   -4.566  18.302  1.00 86.71 ? 247 HOH A O   1 
HETATM 1313 O O   . HOH C 3 .   ? 2.332   -13.217 -8.465  1.00 53.07 ? 248 HOH A O   1 
HETATM 1314 O O   . HOH C 3 .   ? 15.915  11.746  -8.475  1.00 27.08 ? 249 HOH A O   1 
HETATM 1315 O O   . HOH C 3 .   ? -14.428 -11.064 -2.711  1.00 37.37 ? 250 HOH A O   1 
HETATM 1316 O O   . HOH C 3 .   ? -13.330 -7.041  -3.481  1.00 27.28 ? 251 HOH A O   1 
HETATM 1317 O O   . HOH C 3 .   ? -2.670  -17.519 -0.214  1.00 36.18 ? 252 HOH A O   1 
HETATM 1318 O O   . HOH C 3 .   ? -7.309  -9.722  24.026  1.00 39.78 ? 253 HOH A O   1 
HETATM 1319 O O   . HOH C 3 .   ? -19.303 -7.361  4.112   1.00 33.12 ? 254 HOH A O   1 
HETATM 1320 O O   . HOH C 3 .   ? -5.790  -4.296  -19.075 1.00 45.39 ? 255 HOH A O   1 
HETATM 1321 O O   . HOH C 3 .   ? 8.595   -3.013  -11.702 1.00 45.17 ? 256 HOH A O   1 
HETATM 1322 O O   . HOH C 3 .   ? 12.677  15.572  -5.198  1.00 32.76 ? 257 HOH A O   1 
HETATM 1323 O O   . HOH C 3 .   ? -1.524  -14.923 10.706  1.00 44.92 ? 258 HOH A O   1 
HETATM 1324 O O   . HOH C 3 .   ? 2.123   2.770   -23.203 1.00 68.44 ? 259 HOH A O   1 
HETATM 1325 O O   . HOH C 3 .   ? -4.595  1.530   19.290  1.00 65.47 ? 260 HOH A O   1 
HETATM 1326 O O   . HOH C 3 .   ? -11.399 -2.849  13.455  1.00 47.97 ? 261 HOH A O   1 
HETATM 1327 O O   . HOH C 3 .   ? 1.104   13.291  7.758   1.00 36.41 ? 262 HOH A O   1 
HETATM 1328 O O   . HOH C 3 .   ? -0.220  -4.780  -15.584 1.00 48.03 ? 264 HOH A O   1 
HETATM 1329 O O   . HOH C 3 .   ? 7.608   13.240  -7.586  1.00 35.32 ? 265 HOH A O   1 
HETATM 1330 O O   . HOH C 3 .   ? -20.558 -9.738  4.175   1.00 35.50 ? 266 HOH A O   1 
HETATM 1331 O O   . HOH C 3 .   ? 14.110  -2.064  -1.216  1.00 46.39 ? 267 HOH A O   1 
HETATM 1332 O O   . HOH C 3 .   ? 9.780   15.143  7.687   1.00 33.57 ? 268 HOH A O   1 
HETATM 1333 O O   . HOH C 3 .   ? -11.099 -15.406 7.206   1.00 25.99 ? 270 HOH A O   1 
HETATM 1334 O O   . HOH C 3 .   ? -9.151  -4.573  12.728  1.00 22.95 ? 271 HOH A O   1 
HETATM 1335 O O   . HOH C 3 .   ? 4.364   1.709   -0.094  1.00 23.65 ? 272 HOH A O   1 
HETATM 1336 O O   . HOH C 3 .   ? -11.447 -7.965  17.600  1.00 54.95 ? 273 HOH A O   1 
HETATM 1337 O O   . HOH C 3 .   ? -9.907  -6.890  12.896  1.00 25.47 ? 274 HOH A O   1 
HETATM 1338 O O   . HOH C 3 .   ? -16.475 -9.905  7.437   1.00 55.37 ? 275 HOH A O   1 
HETATM 1339 O O   . HOH C 3 .   ? -15.422 -7.429  -0.548  1.00 42.18 ? 276 HOH A O   1 
HETATM 1340 O O   . HOH C 3 .   ? -15.405 -5.919  6.121   1.00 30.57 ? 277 HOH A O   1 
HETATM 1341 O O   . HOH C 3 .   ? 10.486  15.977  -9.424  1.00 38.57 ? 278 HOH A O   1 
HETATM 1342 O O   . HOH C 3 .   ? 4.894   -8.265  2.242   1.00 34.60 ? 279 HOH A O   1 
HETATM 1343 O O   . HOH C 3 .   ? -13.006 -1.044  7.959   1.00 47.04 ? 280 HOH A O   1 
HETATM 1344 O O   . HOH C 3 .   ? -5.236  2.293   17.003  1.00 53.01 ? 282 HOH A O   1 
HETATM 1345 O O   . HOH C 3 .   ? 10.127  9.846   -9.658  1.00 71.83 ? 285 HOH A O   1 
HETATM 1346 O O   . HOH C 3 .   ? 7.340   24.418  3.660   1.00 58.59 ? 286 HOH A O   1 
HETATM 1347 O O   . HOH C 3 .   ? 2.108   -1.217  20.299  1.00 49.27 ? 287 HOH A O   1 
HETATM 1348 O O   . HOH C 3 .   ? -10.850 6.295   2.571   1.00 34.16 ? 288 HOH A O   1 
HETATM 1349 O O   . HOH C 3 .   ? 16.571  -0.202  -8.718  1.00 60.84 ? 289 HOH A O   1 
HETATM 1350 O O   . HOH C 3 .   ? -8.698  -0.058  14.047  1.00 44.89 ? 290 HOH A O   1 
HETATM 1351 O O   . HOH C 3 .   ? -7.183  -11.845 16.356  1.00 33.02 ? 291 HOH A O   1 
HETATM 1352 O O   . HOH C 3 .   ? -10.002 -10.358 18.296  1.00 62.53 ? 292 HOH A O   1 
HETATM 1353 O O   . HOH C 3 .   ? 2.784   18.053  4.638   1.00 42.32 ? 293 HOH A O   1 
HETATM 1354 O O   . HOH C 3 .   ? 0.293   18.171  0.249   1.00 53.33 ? 294 HOH A O   1 
HETATM 1355 O O   . HOH C 3 .   ? 4.803   -13.920 8.184   1.00 59.56 ? 295 HOH A O   1 
HETATM 1356 O O   . HOH C 3 .   ? 4.891   19.598  -0.589  1.00 42.28 ? 296 HOH A O   1 
HETATM 1357 O O   . HOH C 3 .   ? -5.188  12.429  6.211   1.00 48.72 ? 297 HOH A O   1 
HETATM 1358 O O   . HOH C 3 .   ? 2.360   -10.281 -9.262  1.00 41.76 ? 298 HOH A O   1 
HETATM 1359 O O   . HOH C 3 .   ? -11.025 6.395   -1.656  1.00 52.98 ? 299 HOH A O   1 
HETATM 1360 O O   . HOH C 3 .   ? 4.504   -8.101  -12.049 1.00 54.04 ? 300 HOH A O   1 
HETATM 1361 O O   . HOH C 3 .   ? -3.454  -15.950 15.600  1.00 60.75 ? 301 HOH A O   1 
HETATM 1362 O O   . HOH C 3 .   ? -10.217 -10.178 -8.082  1.00 51.17 ? 303 HOH A O   1 
HETATM 1363 O O   . HOH C 3 .   ? 4.747   -0.562  19.229  1.00 64.23 ? 304 HOH A O   1 
HETATM 1364 O O   . HOH C 3 .   ? 3.817   -11.712 6.208   1.00 59.67 ? 305 HOH A O   1 
# 
